data_5W30
# 
_entry.id   5W30 
# 
_audit_conform.dict_name       mmcif_pdbx.dic 
_audit_conform.dict_version    5.399 
_audit_conform.dict_location   http://mmcif.pdb.org/dictionaries/ascii/mmcif_pdbx.dic 
# 
loop_
_database_2.database_id 
_database_2.database_code 
_database_2.pdbx_database_accession 
_database_2.pdbx_DOI 
PDB   5W30         pdb_00005w30 10.2210/pdb5w30/pdb 
WWPDB D_1000228345 ?            ?                   
# 
loop_
_pdbx_audit_revision_history.ordinal 
_pdbx_audit_revision_history.data_content_type 
_pdbx_audit_revision_history.major_revision 
_pdbx_audit_revision_history.minor_revision 
_pdbx_audit_revision_history.revision_date 
1 'Structure model' 1 0 2018-01-03 
2 'Structure model' 1 1 2018-01-24 
3 'Structure model' 1 2 2023-10-04 
4 'Structure model' 1 3 2024-11-20 
# 
_pdbx_audit_revision_details.ordinal             1 
_pdbx_audit_revision_details.revision_ordinal    1 
_pdbx_audit_revision_details.data_content_type   'Structure model' 
_pdbx_audit_revision_details.provider            repository 
_pdbx_audit_revision_details.type                'Initial release' 
_pdbx_audit_revision_details.description         ? 
_pdbx_audit_revision_details.details             ? 
# 
loop_
_pdbx_audit_revision_group.ordinal 
_pdbx_audit_revision_group.revision_ordinal 
_pdbx_audit_revision_group.data_content_type 
_pdbx_audit_revision_group.group 
1 2 'Structure model' 'Database references'    
2 3 'Structure model' 'Data collection'        
3 3 'Structure model' 'Database references'    
4 3 'Structure model' 'Refinement description' 
5 4 'Structure model' 'Structure summary'      
# 
loop_
_pdbx_audit_revision_category.ordinal 
_pdbx_audit_revision_category.revision_ordinal 
_pdbx_audit_revision_category.data_content_type 
_pdbx_audit_revision_category.category 
1 2 'Structure model' citation                      
2 3 'Structure model' chem_comp_atom                
3 3 'Structure model' chem_comp_bond                
4 3 'Structure model' database_2                    
5 3 'Structure model' pdbx_initial_refinement_model 
6 4 'Structure model' pdbx_entry_details            
7 4 'Structure model' pdbx_modification_feature     
# 
loop_
_pdbx_audit_revision_item.ordinal 
_pdbx_audit_revision_item.revision_ordinal 
_pdbx_audit_revision_item.data_content_type 
_pdbx_audit_revision_item.item 
1 2 'Structure model' '_citation.journal_volume'            
2 2 'Structure model' '_citation.page_first'                
3 2 'Structure model' '_citation.page_last'                 
4 2 'Structure model' '_citation.year'                      
5 3 'Structure model' '_database_2.pdbx_DOI'                
6 3 'Structure model' '_database_2.pdbx_database_accession' 
# 
_pdbx_database_status.status_code                     REL 
_pdbx_database_status.status_code_sf                  REL 
_pdbx_database_status.status_code_mr                  ? 
_pdbx_database_status.entry_id                        5W30 
_pdbx_database_status.recvd_initial_deposition_date   2017-06-07 
_pdbx_database_status.SG_entry                        N 
_pdbx_database_status.deposit_site                    RCSB 
_pdbx_database_status.process_site                    RCSB 
_pdbx_database_status.status_code_cs                  ? 
_pdbx_database_status.methods_development_category    ? 
_pdbx_database_status.pdb_format_compatible           Y 
_pdbx_database_status.status_code_nmr_data            ? 
# 
loop_
_pdbx_database_related.db_name 
_pdbx_database_related.details 
_pdbx_database_related.db_id 
_pdbx_database_related.content_type 
PDB 'CJ without thiol' 5W17 unspecified 
PDB CJ-N48C            5W2X unspecified 
# 
loop_
_audit_author.name 
_audit_author.pdbx_ordinal 
_audit_author.identifier_ORCID 
'Huber, T.R.' 1 ? 
'Snow, C.D.'  2 ? 
# 
_citation.abstract                  ? 
_citation.abstract_id_CAS           ? 
_citation.book_id_ISBN              ? 
_citation.book_publisher            ? 
_citation.book_publisher_city       ? 
_citation.book_title                ? 
_citation.coordinate_linkage        ? 
_citation.country                   US 
_citation.database_id_Medline       ? 
_citation.details                   ? 
_citation.id                        primary 
_citation.journal_abbrev            'Bioconjug. Chem.' 
_citation.journal_id_ASTM           BCCHES 
_citation.journal_id_CSD            2063 
_citation.journal_id_ISSN           1520-4812 
_citation.journal_full              ? 
_citation.journal_issue             ? 
_citation.journal_volume            29 
_citation.language                  ? 
_citation.page_first                17 
_citation.page_last                 22 
_citation.title                     'Installing Guest Molecules at Specific Sites within Scaffold Protein Crystals.' 
_citation.year                      2018 
_citation.database_id_CSD           ? 
_citation.pdbx_database_id_DOI      10.1021/acs.bioconjchem.7b00668 
_citation.pdbx_database_id_PubMed   29232505 
_citation.unpublished_flag          ? 
# 
loop_
_citation_author.citation_id 
_citation_author.name 
_citation_author.ordinal 
_citation_author.identifier_ORCID 
primary 'Huber, T.R.'     1 ? 
primary 'McPherson, E.C.' 2 ? 
primary 'Keating, C.E.'   3 ? 
primary 'Snow, C.D.'      4 ? 
# 
loop_
_entity.id 
_entity.type 
_entity.src_method 
_entity.pdbx_description 
_entity.formula_weight 
_entity.pdbx_number_of_molecules 
_entity.pdbx_ec 
_entity.pdbx_mutation 
_entity.pdbx_fragment 
_entity.details 
1 polymer     man 'Putative periplasmic protein'                                            20188.832 1  ? N48C ? ? 
2 non-polymer syn 'UNKNOWN LIGAND'                                                          282.547   1  ? ?    ? ? 
3 non-polymer syn 'SULFATE ION'                                                             96.063    2  ? ?    ? ? 
4 non-polymer syn '3-(bromomethyl)-2,5,6-trimethyl-1H,7H-pyrazolo[1,2-a]pyrazole-1,7-dione' 271.111   1  ? ?    ? ? 
5 water       nat water                                                                     18.015    18 ? ?    ? ? 
# 
_entity_poly.entity_id                      1 
_entity_poly.type                           'polypeptide(L)' 
_entity_poly.nstd_linkage                   no 
_entity_poly.nstd_monomer                   no 
_entity_poly.pdbx_seq_one_letter_code       
;MKEYTLDKAHTDVGFKIKHLQISNVKGCFKDYSAVIDFDPASAEFKKLDVTIKIASVNTENQTRDNHLQQDDFFKAKKYP
DMTFTMKKYEKIDNEKGKMTGTLTIAGVSKDIVLDAEIGGVAKGKDGKEKIGFSLNGKIKRSDFKFATSTSTITLSDDIN
LNIEVEANEKEGGSHHHHHH
;
_entity_poly.pdbx_seq_one_letter_code_can   
;MKEYTLDKAHTDVGFKIKHLQISNVKGCFKDYSAVIDFDPASAEFKKLDVTIKIASVNTENQTRDNHLQQDDFFKAKKYP
DMTFTMKKYEKIDNEKGKMTGTLTIAGVSKDIVLDAEIGGVAKGKDGKEKIGFSLNGKIKRSDFKFATSTSTITLSDDIN
LNIEVEANEKEGGSHHHHHH
;
_entity_poly.pdbx_strand_id                 A 
_entity_poly.pdbx_target_identifier         ? 
# 
loop_
_pdbx_entity_nonpoly.entity_id 
_pdbx_entity_nonpoly.name 
_pdbx_entity_nonpoly.comp_id 
2 'UNKNOWN LIGAND'                                                          UNL 
3 'SULFATE ION'                                                             SO4 
4 '3-(bromomethyl)-2,5,6-trimethyl-1H,7H-pyrazolo[1,2-a]pyrazole-1,7-dione' 9UM 
5 water                                                                     HOH 
# 
loop_
_entity_poly_seq.entity_id 
_entity_poly_seq.num 
_entity_poly_seq.mon_id 
_entity_poly_seq.hetero 
1 1   MET n 
1 2   LYS n 
1 3   GLU n 
1 4   TYR n 
1 5   THR n 
1 6   LEU n 
1 7   ASP n 
1 8   LYS n 
1 9   ALA n 
1 10  HIS n 
1 11  THR n 
1 12  ASP n 
1 13  VAL n 
1 14  GLY n 
1 15  PHE n 
1 16  LYS n 
1 17  ILE n 
1 18  LYS n 
1 19  HIS n 
1 20  LEU n 
1 21  GLN n 
1 22  ILE n 
1 23  SER n 
1 24  ASN n 
1 25  VAL n 
1 26  LYS n 
1 27  GLY n 
1 28  CYS n 
1 29  PHE n 
1 30  LYS n 
1 31  ASP n 
1 32  TYR n 
1 33  SER n 
1 34  ALA n 
1 35  VAL n 
1 36  ILE n 
1 37  ASP n 
1 38  PHE n 
1 39  ASP n 
1 40  PRO n 
1 41  ALA n 
1 42  SER n 
1 43  ALA n 
1 44  GLU n 
1 45  PHE n 
1 46  LYS n 
1 47  LYS n 
1 48  LEU n 
1 49  ASP n 
1 50  VAL n 
1 51  THR n 
1 52  ILE n 
1 53  LYS n 
1 54  ILE n 
1 55  ALA n 
1 56  SER n 
1 57  VAL n 
1 58  ASN n 
1 59  THR n 
1 60  GLU n 
1 61  ASN n 
1 62  GLN n 
1 63  THR n 
1 64  ARG n 
1 65  ASP n 
1 66  ASN n 
1 67  HIS n 
1 68  LEU n 
1 69  GLN n 
1 70  GLN n 
1 71  ASP n 
1 72  ASP n 
1 73  PHE n 
1 74  PHE n 
1 75  LYS n 
1 76  ALA n 
1 77  LYS n 
1 78  LYS n 
1 79  TYR n 
1 80  PRO n 
1 81  ASP n 
1 82  MET n 
1 83  THR n 
1 84  PHE n 
1 85  THR n 
1 86  MET n 
1 87  LYS n 
1 88  LYS n 
1 89  TYR n 
1 90  GLU n 
1 91  LYS n 
1 92  ILE n 
1 93  ASP n 
1 94  ASN n 
1 95  GLU n 
1 96  LYS n 
1 97  GLY n 
1 98  LYS n 
1 99  MET n 
1 100 THR n 
1 101 GLY n 
1 102 THR n 
1 103 LEU n 
1 104 THR n 
1 105 ILE n 
1 106 ALA n 
1 107 GLY n 
1 108 VAL n 
1 109 SER n 
1 110 LYS n 
1 111 ASP n 
1 112 ILE n 
1 113 VAL n 
1 114 LEU n 
1 115 ASP n 
1 116 ALA n 
1 117 GLU n 
1 118 ILE n 
1 119 GLY n 
1 120 GLY n 
1 121 VAL n 
1 122 ALA n 
1 123 LYS n 
1 124 GLY n 
1 125 LYS n 
1 126 ASP n 
1 127 GLY n 
1 128 LYS n 
1 129 GLU n 
1 130 LYS n 
1 131 ILE n 
1 132 GLY n 
1 133 PHE n 
1 134 SER n 
1 135 LEU n 
1 136 ASN n 
1 137 GLY n 
1 138 LYS n 
1 139 ILE n 
1 140 LYS n 
1 141 ARG n 
1 142 SER n 
1 143 ASP n 
1 144 PHE n 
1 145 LYS n 
1 146 PHE n 
1 147 ALA n 
1 148 THR n 
1 149 SER n 
1 150 THR n 
1 151 SER n 
1 152 THR n 
1 153 ILE n 
1 154 THR n 
1 155 LEU n 
1 156 SER n 
1 157 ASP n 
1 158 ASP n 
1 159 ILE n 
1 160 ASN n 
1 161 LEU n 
1 162 ASN n 
1 163 ILE n 
1 164 GLU n 
1 165 VAL n 
1 166 GLU n 
1 167 ALA n 
1 168 ASN n 
1 169 GLU n 
1 170 LYS n 
1 171 GLU n 
1 172 GLY n 
1 173 GLY n 
1 174 SER n 
1 175 HIS n 
1 176 HIS n 
1 177 HIS n 
1 178 HIS n 
1 179 HIS n 
1 180 HIS n 
# 
_entity_src_gen.entity_id                          1 
_entity_src_gen.pdbx_src_id                        1 
_entity_src_gen.pdbx_alt_source_flag               sample 
_entity_src_gen.pdbx_seq_type                      'Biological sequence' 
_entity_src_gen.pdbx_beg_seq_num                   1 
_entity_src_gen.pdbx_end_seq_num                   180 
_entity_src_gen.gene_src_common_name               ? 
_entity_src_gen.gene_src_genus                     ? 
_entity_src_gen.pdbx_gene_src_gene                 Cj0420 
_entity_src_gen.gene_src_species                   ? 
_entity_src_gen.gene_src_strain                    'ATCC 700819 / NCTC 11168' 
_entity_src_gen.gene_src_tissue                    ? 
_entity_src_gen.gene_src_tissue_fraction           ? 
_entity_src_gen.gene_src_details                   ? 
_entity_src_gen.pdbx_gene_src_fragment             ? 
_entity_src_gen.pdbx_gene_src_scientific_name      
'Campylobacter jejuni subsp. jejuni serotype O:2 (strain ATCC 700819 / NCTC 11168)' 
_entity_src_gen.pdbx_gene_src_ncbi_taxonomy_id     192222 
_entity_src_gen.pdbx_gene_src_variant              ? 
_entity_src_gen.pdbx_gene_src_cell_line            ? 
_entity_src_gen.pdbx_gene_src_atcc                 ? 
_entity_src_gen.pdbx_gene_src_organ                ? 
_entity_src_gen.pdbx_gene_src_organelle            ? 
_entity_src_gen.pdbx_gene_src_cell                 ? 
_entity_src_gen.pdbx_gene_src_cellular_location    ? 
_entity_src_gen.host_org_common_name               ? 
_entity_src_gen.pdbx_host_org_scientific_name      'Escherichia coli' 
_entity_src_gen.pdbx_host_org_ncbi_taxonomy_id     562 
_entity_src_gen.host_org_genus                     ? 
_entity_src_gen.pdbx_host_org_gene                 ? 
_entity_src_gen.pdbx_host_org_organ                ? 
_entity_src_gen.host_org_species                   ? 
_entity_src_gen.pdbx_host_org_tissue               ? 
_entity_src_gen.pdbx_host_org_tissue_fraction      ? 
_entity_src_gen.pdbx_host_org_strain               'C41(DE3)' 
_entity_src_gen.pdbx_host_org_variant              ? 
_entity_src_gen.pdbx_host_org_cell_line            ? 
_entity_src_gen.pdbx_host_org_atcc                 ? 
_entity_src_gen.pdbx_host_org_culture_collection   ? 
_entity_src_gen.pdbx_host_org_cell                 ? 
_entity_src_gen.pdbx_host_org_organelle            ? 
_entity_src_gen.pdbx_host_org_cellular_location    ? 
_entity_src_gen.pdbx_host_org_vector_type          plasmid 
_entity_src_gen.pdbx_host_org_vector               ? 
_entity_src_gen.host_org_details                   ? 
_entity_src_gen.expression_system_id               ? 
_entity_src_gen.plasmid_name                       pSB3 
_entity_src_gen.plasmid_details                    ? 
_entity_src_gen.pdbx_description                   ? 
# 
loop_
_chem_comp.id 
_chem_comp.type 
_chem_comp.mon_nstd_flag 
_chem_comp.name 
_chem_comp.pdbx_synonyms 
_chem_comp.formula 
_chem_comp.formula_weight 
9UM non-polymer         . '3-(bromomethyl)-2,5,6-trimethyl-1H,7H-pyrazolo[1,2-a]pyrazole-1,7-dione' ? 'C10 H11 Br N2 O2' 271.111 
ALA 'L-peptide linking' y ALANINE                                                                   ? 'C3 H7 N O2'       89.093  
ARG 'L-peptide linking' y ARGININE                                                                  ? 'C6 H15 N4 O2 1'   175.209 
ASN 'L-peptide linking' y ASPARAGINE                                                                ? 'C4 H8 N2 O3'      132.118 
ASP 'L-peptide linking' y 'ASPARTIC ACID'                                                           ? 'C4 H7 N O4'       133.103 
CYS 'L-peptide linking' y CYSTEINE                                                                  ? 'C3 H7 N O2 S'     121.158 
GLN 'L-peptide linking' y GLUTAMINE                                                                 ? 'C5 H10 N2 O3'     146.144 
GLU 'L-peptide linking' y 'GLUTAMIC ACID'                                                           ? 'C5 H9 N O4'       147.129 
GLY 'peptide linking'   y GLYCINE                                                                   ? 'C2 H5 N O2'       75.067  
HIS 'L-peptide linking' y HISTIDINE                                                                 ? 'C6 H10 N3 O2 1'   156.162 
HOH non-polymer         . WATER                                                                     ? 'H2 O'             18.015  
ILE 'L-peptide linking' y ISOLEUCINE                                                                ? 'C6 H13 N O2'      131.173 
LEU 'L-peptide linking' y LEUCINE                                                                   ? 'C6 H13 N O2'      131.173 
LYS 'L-peptide linking' y LYSINE                                                                    ? 'C6 H15 N2 O2 1'   147.195 
MET 'L-peptide linking' y METHIONINE                                                                ? 'C5 H11 N O2 S'    149.211 
PHE 'L-peptide linking' y PHENYLALANINE                                                             ? 'C9 H11 N O2'      165.189 
PRO 'L-peptide linking' y PROLINE                                                                   ? 'C5 H9 N O2'       115.130 
SER 'L-peptide linking' y SERINE                                                                    ? 'C3 H7 N O3'       105.093 
SO4 non-polymer         . 'SULFATE ION'                                                             ? 'O4 S -2'          96.063  
THR 'L-peptide linking' y THREONINE                                                                 ? 'C4 H9 N O3'       119.119 
TYR 'L-peptide linking' y TYROSINE                                                                  ? 'C9 H11 N O3'      181.189 
UNL non-polymer         . 'UNKNOWN LIGAND'                                                          ? ?                  ?       
VAL 'L-peptide linking' y VALINE                                                                    ? 'C5 H11 N O2'      117.146 
# 
loop_
_pdbx_poly_seq_scheme.asym_id 
_pdbx_poly_seq_scheme.entity_id 
_pdbx_poly_seq_scheme.seq_id 
_pdbx_poly_seq_scheme.mon_id 
_pdbx_poly_seq_scheme.ndb_seq_num 
_pdbx_poly_seq_scheme.pdb_seq_num 
_pdbx_poly_seq_scheme.auth_seq_num 
_pdbx_poly_seq_scheme.pdb_mon_id 
_pdbx_poly_seq_scheme.auth_mon_id 
_pdbx_poly_seq_scheme.pdb_strand_id 
_pdbx_poly_seq_scheme.pdb_ins_code 
_pdbx_poly_seq_scheme.hetero 
A 1 1   MET 1   21  21  MET MET A . n 
A 1 2   LYS 2   22  22  LYS LYS A . n 
A 1 3   GLU 3   23  23  GLU GLU A . n 
A 1 4   TYR 4   24  24  TYR TYR A . n 
A 1 5   THR 5   25  25  THR THR A . n 
A 1 6   LEU 6   26  26  LEU LEU A . n 
A 1 7   ASP 7   27  27  ASP ASP A . n 
A 1 8   LYS 8   28  28  LYS LYS A . n 
A 1 9   ALA 9   29  29  ALA ALA A . n 
A 1 10  HIS 10  30  30  HIS HIS A . n 
A 1 11  THR 11  31  31  THR THR A . n 
A 1 12  ASP 12  32  32  ASP ASP A . n 
A 1 13  VAL 13  33  33  VAL VAL A . n 
A 1 14  GLY 14  34  34  GLY GLY A . n 
A 1 15  PHE 15  35  35  PHE PHE A . n 
A 1 16  LYS 16  36  36  LYS LYS A . n 
A 1 17  ILE 17  37  37  ILE ILE A . n 
A 1 18  LYS 18  38  38  LYS LYS A . n 
A 1 19  HIS 19  39  39  HIS HIS A . n 
A 1 20  LEU 20  40  40  LEU LEU A . n 
A 1 21  GLN 21  41  41  GLN GLN A . n 
A 1 22  ILE 22  42  42  ILE ILE A . n 
A 1 23  SER 23  43  43  SER SER A . n 
A 1 24  ASN 24  44  44  ASN ASN A . n 
A 1 25  VAL 25  45  45  VAL VAL A . n 
A 1 26  LYS 26  46  46  LYS LYS A . n 
A 1 27  GLY 27  47  47  GLY GLY A . n 
A 1 28  CYS 28  48  48  CYS CYS A . n 
A 1 29  PHE 29  49  49  PHE PHE A . n 
A 1 30  LYS 30  50  50  LYS LYS A . n 
A 1 31  ASP 31  51  51  ASP ASP A . n 
A 1 32  TYR 32  52  52  TYR TYR A . n 
A 1 33  SER 33  53  53  SER SER A . n 
A 1 34  ALA 34  54  54  ALA ALA A . n 
A 1 35  VAL 35  55  55  VAL VAL A . n 
A 1 36  ILE 36  56  56  ILE ILE A . n 
A 1 37  ASP 37  57  57  ASP ASP A . n 
A 1 38  PHE 38  58  58  PHE PHE A . n 
A 1 39  ASP 39  59  59  ASP ASP A . n 
A 1 40  PRO 40  60  60  PRO PRO A . n 
A 1 41  ALA 41  61  61  ALA ALA A . n 
A 1 42  SER 42  62  62  SER SER A . n 
A 1 43  ALA 43  63  63  ALA ALA A . n 
A 1 44  GLU 44  64  64  GLU GLU A . n 
A 1 45  PHE 45  65  65  PHE PHE A . n 
A 1 46  LYS 46  66  66  LYS LYS A . n 
A 1 47  LYS 47  67  67  LYS LYS A . n 
A 1 48  LEU 48  68  68  LEU LEU A . n 
A 1 49  ASP 49  69  69  ASP ASP A . n 
A 1 50  VAL 50  70  70  VAL VAL A . n 
A 1 51  THR 51  71  71  THR THR A . n 
A 1 52  ILE 52  72  72  ILE ILE A . n 
A 1 53  LYS 53  73  73  LYS LYS A . n 
A 1 54  ILE 54  74  74  ILE ILE A . n 
A 1 55  ALA 55  75  75  ALA ALA A . n 
A 1 56  SER 56  76  76  SER SER A . n 
A 1 57  VAL 57  77  77  VAL VAL A . n 
A 1 58  ASN 58  78  78  ASN ASN A . n 
A 1 59  THR 59  79  79  THR THR A . n 
A 1 60  GLU 60  80  80  GLU GLU A . n 
A 1 61  ASN 61  81  81  ASN ASN A . n 
A 1 62  GLN 62  82  82  GLN GLN A . n 
A 1 63  THR 63  83  83  THR THR A . n 
A 1 64  ARG 64  84  84  ARG ARG A . n 
A 1 65  ASP 65  85  85  ASP ASP A . n 
A 1 66  ASN 66  86  86  ASN ASN A . n 
A 1 67  HIS 67  87  87  HIS HIS A . n 
A 1 68  LEU 68  88  88  LEU LEU A . n 
A 1 69  GLN 69  89  89  GLN GLN A . n 
A 1 70  GLN 70  90  90  GLN GLN A . n 
A 1 71  ASP 71  91  91  ASP ASP A . n 
A 1 72  ASP 72  92  92  ASP ASP A . n 
A 1 73  PHE 73  93  93  PHE PHE A . n 
A 1 74  PHE 74  94  94  PHE PHE A . n 
A 1 75  LYS 75  95  95  LYS LYS A . n 
A 1 76  ALA 76  96  96  ALA ALA A . n 
A 1 77  LYS 77  97  97  LYS LYS A . n 
A 1 78  LYS 78  98  98  LYS LYS A . n 
A 1 79  TYR 79  99  99  TYR TYR A . n 
A 1 80  PRO 80  100 100 PRO PRO A . n 
A 1 81  ASP 81  101 101 ASP ASP A . n 
A 1 82  MET 82  102 102 MET MET A . n 
A 1 83  THR 83  103 103 THR THR A . n 
A 1 84  PHE 84  104 104 PHE PHE A . n 
A 1 85  THR 85  105 105 THR THR A . n 
A 1 86  MET 86  106 106 MET MET A . n 
A 1 87  LYS 87  107 107 LYS LYS A . n 
A 1 88  LYS 88  108 108 LYS LYS A . n 
A 1 89  TYR 89  109 109 TYR TYR A . n 
A 1 90  GLU 90  110 110 GLU GLU A . n 
A 1 91  LYS 91  111 111 LYS LYS A . n 
A 1 92  ILE 92  112 112 ILE ILE A . n 
A 1 93  ASP 93  113 113 ASP ASP A . n 
A 1 94  ASN 94  114 114 ASN ASN A . n 
A 1 95  GLU 95  115 115 GLU GLU A . n 
A 1 96  LYS 96  116 116 LYS LYS A . n 
A 1 97  GLY 97  117 117 GLY GLY A . n 
A 1 98  LYS 98  118 118 LYS LYS A . n 
A 1 99  MET 99  119 119 MET MET A . n 
A 1 100 THR 100 120 120 THR THR A . n 
A 1 101 GLY 101 121 121 GLY GLY A . n 
A 1 102 THR 102 122 122 THR THR A . n 
A 1 103 LEU 103 123 123 LEU LEU A . n 
A 1 104 THR 104 124 124 THR THR A . n 
A 1 105 ILE 105 125 125 ILE ILE A . n 
A 1 106 ALA 106 126 126 ALA ALA A . n 
A 1 107 GLY 107 127 127 GLY GLY A . n 
A 1 108 VAL 108 128 128 VAL VAL A . n 
A 1 109 SER 109 129 129 SER SER A . n 
A 1 110 LYS 110 130 130 LYS LYS A . n 
A 1 111 ASP 111 131 131 ASP ASP A . n 
A 1 112 ILE 112 132 132 ILE ILE A . n 
A 1 113 VAL 113 133 133 VAL VAL A . n 
A 1 114 LEU 114 134 134 LEU LEU A . n 
A 1 115 ASP 115 135 135 ASP ASP A . n 
A 1 116 ALA 116 136 136 ALA ALA A . n 
A 1 117 GLU 117 137 137 GLU GLU A . n 
A 1 118 ILE 118 138 138 ILE ILE A . n 
A 1 119 GLY 119 139 139 GLY GLY A . n 
A 1 120 GLY 120 140 140 GLY GLY A . n 
A 1 121 VAL 121 141 141 VAL VAL A . n 
A 1 122 ALA 122 142 142 ALA ALA A . n 
A 1 123 LYS 123 143 143 LYS LYS A . n 
A 1 124 GLY 124 144 144 GLY GLY A . n 
A 1 125 LYS 125 145 145 LYS LYS A . n 
A 1 126 ASP 126 146 146 ASP ASP A . n 
A 1 127 GLY 127 147 147 GLY GLY A . n 
A 1 128 LYS 128 148 148 LYS LYS A . n 
A 1 129 GLU 129 149 149 GLU GLU A . n 
A 1 130 LYS 130 150 150 LYS LYS A . n 
A 1 131 ILE 131 151 151 ILE ILE A . n 
A 1 132 GLY 132 152 152 GLY GLY A . n 
A 1 133 PHE 133 153 153 PHE PHE A . n 
A 1 134 SER 134 154 154 SER SER A . n 
A 1 135 LEU 135 155 155 LEU LEU A . n 
A 1 136 ASN 136 156 156 ASN ASN A . n 
A 1 137 GLY 137 157 157 GLY GLY A . n 
A 1 138 LYS 138 158 158 LYS LYS A . n 
A 1 139 ILE 139 159 159 ILE ILE A . n 
A 1 140 LYS 140 160 160 LYS LYS A . n 
A 1 141 ARG 141 161 161 ARG ARG A . n 
A 1 142 SER 142 162 162 SER SER A . n 
A 1 143 ASP 143 163 163 ASP ASP A . n 
A 1 144 PHE 144 164 164 PHE PHE A . n 
A 1 145 LYS 145 165 165 LYS LYS A . n 
A 1 146 PHE 146 166 166 PHE PHE A . n 
A 1 147 ALA 147 167 167 ALA ALA A . n 
A 1 148 THR 148 168 168 THR THR A . n 
A 1 149 SER 149 169 169 SER SER A . n 
A 1 150 THR 150 170 170 THR THR A . n 
A 1 151 SER 151 171 171 SER SER A . n 
A 1 152 THR 152 172 172 THR THR A . n 
A 1 153 ILE 153 173 173 ILE ILE A . n 
A 1 154 THR 154 174 174 THR THR A . n 
A 1 155 LEU 155 175 175 LEU LEU A . n 
A 1 156 SER 156 176 176 SER SER A . n 
A 1 157 ASP 157 177 177 ASP ASP A . n 
A 1 158 ASP 158 178 178 ASP ASP A . n 
A 1 159 ILE 159 179 179 ILE ILE A . n 
A 1 160 ASN 160 180 180 ASN ASN A . n 
A 1 161 LEU 161 181 181 LEU LEU A . n 
A 1 162 ASN 162 182 182 ASN ASN A . n 
A 1 163 ILE 163 183 183 ILE ILE A . n 
A 1 164 GLU 164 184 184 GLU GLU A . n 
A 1 165 VAL 165 185 185 VAL VAL A . n 
A 1 166 GLU 166 186 186 GLU GLU A . n 
A 1 167 ALA 167 187 187 ALA ALA A . n 
A 1 168 ASN 168 188 188 ASN ASN A . n 
A 1 169 GLU 169 189 189 GLU GLU A . n 
A 1 170 LYS 170 190 190 LYS LYS A . n 
A 1 171 GLU 171 191 191 GLU GLU A . n 
A 1 172 GLY 172 192 ?   ?   ?   A . n 
A 1 173 GLY 173 193 ?   ?   ?   A . n 
A 1 174 SER 174 194 ?   ?   ?   A . n 
A 1 175 HIS 175 195 ?   ?   ?   A . n 
A 1 176 HIS 176 196 ?   ?   ?   A . n 
A 1 177 HIS 177 197 ?   ?   ?   A . n 
A 1 178 HIS 178 198 ?   ?   ?   A . n 
A 1 179 HIS 179 199 ?   ?   ?   A . n 
A 1 180 HIS 180 200 ?   ?   ?   A . n 
# 
loop_
_pdbx_nonpoly_scheme.asym_id 
_pdbx_nonpoly_scheme.entity_id 
_pdbx_nonpoly_scheme.mon_id 
_pdbx_nonpoly_scheme.ndb_seq_num 
_pdbx_nonpoly_scheme.pdb_seq_num 
_pdbx_nonpoly_scheme.auth_seq_num 
_pdbx_nonpoly_scheme.pdb_mon_id 
_pdbx_nonpoly_scheme.auth_mon_id 
_pdbx_nonpoly_scheme.pdb_strand_id 
_pdbx_nonpoly_scheme.pdb_ins_code 
B 2 UNL 1  301 1  UNL LFA A . 
C 3 SO4 1  302 1  SO4 SO4 A . 
D 3 SO4 1  303 2  SO4 SO4 A . 
E 4 9UM 1  304 1  9UM MBB A . 
F 5 HOH 1  401 17 HOH HOH A . 
F 5 HOH 2  402 26 HOH HOH A . 
F 5 HOH 3  403 1  HOH HOH A . 
F 5 HOH 4  404 7  HOH HOH A . 
F 5 HOH 5  405 14 HOH HOH A . 
F 5 HOH 6  406 10 HOH HOH A . 
F 5 HOH 7  407 12 HOH HOH A . 
F 5 HOH 8  408 27 HOH HOH A . 
F 5 HOH 9  409 9  HOH HOH A . 
F 5 HOH 10 410 4  HOH HOH A . 
F 5 HOH 11 411 28 HOH HOH A . 
F 5 HOH 12 412 22 HOH HOH A . 
F 5 HOH 13 413 5  HOH HOH A . 
F 5 HOH 14 414 8  HOH HOH A . 
F 5 HOH 15 415 2  HOH HOH A . 
F 5 HOH 16 416 3  HOH HOH A . 
F 5 HOH 17 417 23 HOH HOH A . 
F 5 HOH 18 418 20 HOH HOH A . 
# 
loop_
_pdbx_unobs_or_zero_occ_atoms.id 
_pdbx_unobs_or_zero_occ_atoms.PDB_model_num 
_pdbx_unobs_or_zero_occ_atoms.polymer_flag 
_pdbx_unobs_or_zero_occ_atoms.occupancy_flag 
_pdbx_unobs_or_zero_occ_atoms.auth_asym_id 
_pdbx_unobs_or_zero_occ_atoms.auth_comp_id 
_pdbx_unobs_or_zero_occ_atoms.auth_seq_id 
_pdbx_unobs_or_zero_occ_atoms.PDB_ins_code 
_pdbx_unobs_or_zero_occ_atoms.auth_atom_id 
_pdbx_unobs_or_zero_occ_atoms.label_alt_id 
_pdbx_unobs_or_zero_occ_atoms.label_asym_id 
_pdbx_unobs_or_zero_occ_atoms.label_comp_id 
_pdbx_unobs_or_zero_occ_atoms.label_seq_id 
_pdbx_unobs_or_zero_occ_atoms.label_atom_id 
1  1 Y 1 A LYS 46  ? CG  ? A LYS 26  CG  
2  1 Y 1 A LYS 46  ? CD  ? A LYS 26  CD  
3  1 Y 1 A LYS 46  ? CE  ? A LYS 26  CE  
4  1 Y 1 A LYS 46  ? NZ  ? A LYS 26  NZ  
5  1 Y 1 A LYS 50  ? CG  ? A LYS 30  CG  
6  1 Y 1 A LYS 50  ? CD  ? A LYS 30  CD  
7  1 Y 1 A LYS 50  ? CE  ? A LYS 30  CE  
8  1 Y 1 A LYS 50  ? NZ  ? A LYS 30  NZ  
9  1 Y 1 A LYS 97  ? CG  ? A LYS 77  CG  
10 1 Y 1 A LYS 97  ? CD  ? A LYS 77  CD  
11 1 Y 1 A LYS 97  ? CE  ? A LYS 77  CE  
12 1 Y 1 A LYS 97  ? NZ  ? A LYS 77  NZ  
13 1 Y 1 A LYS 158 ? CG  ? A LYS 138 CG  
14 1 Y 1 A LYS 158 ? CD  ? A LYS 138 CD  
15 1 Y 1 A LYS 158 ? CE  ? A LYS 138 CE  
16 1 Y 1 A LYS 158 ? NZ  ? A LYS 138 NZ  
17 1 Y 1 A GLU 186 ? CG  ? A GLU 166 CG  
18 1 Y 1 A GLU 186 ? CD  ? A GLU 166 CD  
19 1 Y 1 A GLU 186 ? OE1 ? A GLU 166 OE1 
20 1 Y 1 A GLU 186 ? OE2 ? A GLU 166 OE2 
21 1 Y 1 A GLU 191 ? CG  ? A GLU 171 CG  
22 1 Y 1 A GLU 191 ? CD  ? A GLU 171 CD  
23 1 Y 1 A GLU 191 ? OE1 ? A GLU 171 OE1 
24 1 Y 1 A GLU 191 ? OE2 ? A GLU 171 OE2 
# 
loop_
_software.citation_id 
_software.classification 
_software.compiler_name 
_software.compiler_version 
_software.contact_author 
_software.contact_author_email 
_software.date 
_software.description 
_software.dependencies 
_software.hardware 
_software.language 
_software.location 
_software.mods 
_software.name 
_software.os 
_software.os_version 
_software.type 
_software.version 
_software.pdbx_ordinal 
? 'data scaling'    ? ? ? ? ? ? ? ? ? ? ? SCALA       ? ? ? 3.3.22   1 
? refinement        ? ? ? ? ? ? ? ? ? ? ? REFMAC      ? ? ? 5.8.0158 2 
? 'data extraction' ? ? ? ? ? ? ? ? ? ? ? PDB_EXTRACT ? ? ? 3.22     3 
? 'data reduction'  ? ? ? ? ? ? ? ? ? ? ? XDS         ? ? ? 20161101 4 
? phasing           ? ? ? ? ? ? ? ? ? ? ? REFMAC      ? ? ? 5.8.0158 5 
# 
_cell.angle_alpha                  90.000 
_cell.angle_alpha_esd              ? 
_cell.angle_beta                   90.000 
_cell.angle_beta_esd               ? 
_cell.angle_gamma                  120.000 
_cell.angle_gamma_esd              ? 
_cell.entry_id                     5W30 
_cell.details                      ? 
_cell.formula_units_Z              ? 
_cell.length_a                     180.250 
_cell.length_a_esd                 ? 
_cell.length_b                     180.250 
_cell.length_b_esd                 ? 
_cell.length_c                     50.968 
_cell.length_c_esd                 ? 
_cell.volume                       ? 
_cell.volume_esd                   ? 
_cell.Z_PDB                        12 
_cell.reciprocal_angle_alpha       ? 
_cell.reciprocal_angle_beta        ? 
_cell.reciprocal_angle_gamma       ? 
_cell.reciprocal_angle_alpha_esd   ? 
_cell.reciprocal_angle_beta_esd    ? 
_cell.reciprocal_angle_gamma_esd   ? 
_cell.reciprocal_length_a          ? 
_cell.reciprocal_length_b          ? 
_cell.reciprocal_length_c          ? 
_cell.reciprocal_length_a_esd      ? 
_cell.reciprocal_length_b_esd      ? 
_cell.reciprocal_length_c_esd      ? 
_cell.pdbx_unique_axis             ? 
# 
_symmetry.entry_id                         5W30 
_symmetry.cell_setting                     ? 
_symmetry.Int_Tables_number                177 
_symmetry.space_group_name_Hall            ? 
_symmetry.space_group_name_H-M             'P 6 2 2' 
_symmetry.pdbx_full_space_group_name_H-M   ? 
# 
_exptl.absorpt_coefficient_mu     ? 
_exptl.absorpt_correction_T_max   ? 
_exptl.absorpt_correction_T_min   ? 
_exptl.absorpt_correction_type    ? 
_exptl.absorpt_process_details    ? 
_exptl.entry_id                   5W30 
_exptl.crystals_number            1 
_exptl.details                    ? 
_exptl.method                     'X-RAY DIFFRACTION' 
_exptl.method_details             ? 
# 
_exptl_crystal.colour                      ? 
_exptl_crystal.density_diffrn              ? 
_exptl_crystal.density_Matthews            ? 
_exptl_crystal.density_method              ? 
_exptl_crystal.density_percent_sol         ? 
_exptl_crystal.description                 ? 
_exptl_crystal.F_000                       ? 
_exptl_crystal.id                          1 
_exptl_crystal.preparation                 ? 
_exptl_crystal.size_max                    ? 
_exptl_crystal.size_mid                    ? 
_exptl_crystal.size_min                    ? 
_exptl_crystal.size_rad                    ? 
_exptl_crystal.colour_lustre               ? 
_exptl_crystal.colour_modifier             ? 
_exptl_crystal.colour_primary              ? 
_exptl_crystal.density_meas                ? 
_exptl_crystal.density_meas_esd            ? 
_exptl_crystal.density_meas_gt             ? 
_exptl_crystal.density_meas_lt             ? 
_exptl_crystal.density_meas_temp           ? 
_exptl_crystal.density_meas_temp_esd       ? 
_exptl_crystal.density_meas_temp_gt        ? 
_exptl_crystal.density_meas_temp_lt        ? 
_exptl_crystal.pdbx_crystal_image_url      ? 
_exptl_crystal.pdbx_crystal_image_format   ? 
_exptl_crystal.pdbx_mosaicity              0.340 
_exptl_crystal.pdbx_mosaicity_esd          ? 
# 
_exptl_crystal_grow.apparatus       ? 
_exptl_crystal_grow.atmosphere      ? 
_exptl_crystal_grow.crystal_id      1 
_exptl_crystal_grow.details         ? 
_exptl_crystal_grow.method          'VAPOR DIFFUSION, SITTING DROP' 
_exptl_crystal_grow.method_ref      ? 
_exptl_crystal_grow.pH              6.0 
_exptl_crystal_grow.pressure        ? 
_exptl_crystal_grow.pressure_esd    ? 
_exptl_crystal_grow.seeding         ? 
_exptl_crystal_grow.seeding_ref     ? 
_exptl_crystal_grow.temp            293 
_exptl_crystal_grow.temp_details    ? 
_exptl_crystal_grow.temp_esd        ? 
_exptl_crystal_grow.time            ? 
_exptl_crystal_grow.pdbx_details    '3.2 M Ammonium Sulfate, 0.1 M Bis-Tris' 
_exptl_crystal_grow.pdbx_pH_range   ? 
# 
_diffrn.ambient_environment    ? 
_diffrn.ambient_temp           100 
_diffrn.ambient_temp_details   ? 
_diffrn.ambient_temp_esd       ? 
_diffrn.crystal_id             1 
_diffrn.crystal_support        ? 
_diffrn.crystal_treatment      ? 
_diffrn.details                ? 
_diffrn.id                     1 
_diffrn.ambient_pressure       ? 
_diffrn.ambient_pressure_esd   ? 
_diffrn.ambient_pressure_gt    ? 
_diffrn.ambient_pressure_lt    ? 
_diffrn.ambient_temp_gt        ? 
_diffrn.ambient_temp_lt        ? 
# 
_diffrn_detector.details                      ? 
_diffrn_detector.detector                     CMOS 
_diffrn_detector.diffrn_id                    1 
_diffrn_detector.type                         'RDI CMOS_8M' 
_diffrn_detector.area_resol_mean              ? 
_diffrn_detector.dtime                        ? 
_diffrn_detector.pdbx_frames_total            ? 
_diffrn_detector.pdbx_collection_time_total   ? 
_diffrn_detector.pdbx_collection_date         2017-04-04 
# 
_diffrn_radiation.collimation                      ? 
_diffrn_radiation.diffrn_id                        1 
_diffrn_radiation.filter_edge                      ? 
_diffrn_radiation.inhomogeneity                    ? 
_diffrn_radiation.monochromator                    'Si (111) double crystal' 
_diffrn_radiation.polarisn_norm                    ? 
_diffrn_radiation.polarisn_ratio                   ? 
_diffrn_radiation.probe                            ? 
_diffrn_radiation.type                             ? 
_diffrn_radiation.xray_symbol                      ? 
_diffrn_radiation.wavelength_id                    1 
_diffrn_radiation.pdbx_monochromatic_or_laue_m_l   M 
_diffrn_radiation.pdbx_wavelength_list             ? 
_diffrn_radiation.pdbx_wavelength                  ? 
_diffrn_radiation.pdbx_diffrn_protocol             'SINGLE WAVELENGTH' 
_diffrn_radiation.pdbx_analyzer                    ? 
_diffrn_radiation.pdbx_scattering_type             x-ray 
# 
_diffrn_radiation_wavelength.id           1 
_diffrn_radiation_wavelength.wavelength   1.0 
_diffrn_radiation_wavelength.wt           1.0 
# 
_diffrn_source.current                     ? 
_diffrn_source.details                     ? 
_diffrn_source.diffrn_id                   1 
_diffrn_source.power                       ? 
_diffrn_source.size                        ? 
_diffrn_source.source                      SYNCHROTRON 
_diffrn_source.target                      ? 
_diffrn_source.type                        'ALS BEAMLINE 4.2.2' 
_diffrn_source.voltage                     ? 
_diffrn_source.take-off_angle              ? 
_diffrn_source.pdbx_wavelength_list        1.0 
_diffrn_source.pdbx_wavelength             ? 
_diffrn_source.pdbx_synchrotron_beamline   4.2.2 
_diffrn_source.pdbx_synchrotron_site       ALS 
# 
_reflns.B_iso_Wilson_estimate            ? 
_reflns.entry_id                         5W30 
_reflns.data_reduction_details           ? 
_reflns.data_reduction_method            ? 
_reflns.d_resolution_high                2.750 
_reflns.d_resolution_low                 38.570 
_reflns.details                          ? 
_reflns.limit_h_max                      ? 
_reflns.limit_h_min                      ? 
_reflns.limit_k_max                      ? 
_reflns.limit_k_min                      ? 
_reflns.limit_l_max                      ? 
_reflns.limit_l_min                      ? 
_reflns.number_all                       13196 
_reflns.number_obs                       13196 
_reflns.observed_criterion               ? 
_reflns.observed_criterion_F_max         ? 
_reflns.observed_criterion_F_min         ? 
_reflns.observed_criterion_I_max         ? 
_reflns.observed_criterion_I_min         ? 
_reflns.observed_criterion_sigma_F       ? 
_reflns.observed_criterion_sigma_I       ? 
_reflns.percent_possible_obs             100.000 
_reflns.R_free_details                   ? 
_reflns.Rmerge_F_all                     ? 
_reflns.Rmerge_F_obs                     ? 
_reflns.Friedel_coverage                 ? 
_reflns.number_gt                        ? 
_reflns.threshold_expression             ? 
_reflns.pdbx_redundancy                  19.200 
_reflns.pdbx_Rmerge_I_obs                ? 
_reflns.pdbx_Rmerge_I_all                ? 
_reflns.pdbx_Rsym_value                  0.257 
_reflns.pdbx_netI_over_av_sigmaI         2.500 
_reflns.pdbx_netI_over_sigmaI            11.400 
_reflns.pdbx_res_netI_over_av_sigmaI_2   ? 
_reflns.pdbx_res_netI_over_sigmaI_2      ? 
_reflns.pdbx_chi_squared                 ? 
_reflns.pdbx_scaling_rejects             ? 
_reflns.pdbx_d_res_high_opt              ? 
_reflns.pdbx_d_res_low_opt               ? 
_reflns.pdbx_d_res_opt_method            ? 
_reflns.phase_calculation_details        ? 
_reflns.pdbx_Rrim_I_all                  0.264 
_reflns.pdbx_Rpim_I_all                  0.060 
_reflns.pdbx_d_opt                       ? 
_reflns.pdbx_number_measured_all         253774 
_reflns.pdbx_diffrn_id                   1 
_reflns.pdbx_ordinal                     1 
_reflns.pdbx_CC_half                     ? 
_reflns.pdbx_R_split                     ? 
# 
loop_
_reflns_shell.d_res_high 
_reflns_shell.d_res_low 
_reflns_shell.meanI_over_sigI_all 
_reflns_shell.meanI_over_sigI_obs 
_reflns_shell.number_measured_all 
_reflns_shell.number_measured_obs 
_reflns_shell.number_possible 
_reflns_shell.number_unique_all 
_reflns_shell.number_unique_obs 
_reflns_shell.percent_possible_all 
_reflns_shell.percent_possible_obs 
_reflns_shell.Rmerge_F_all 
_reflns_shell.Rmerge_F_obs 
_reflns_shell.Rmerge_I_all 
_reflns_shell.Rmerge_I_obs 
_reflns_shell.meanI_over_sigI_gt 
_reflns_shell.meanI_over_uI_all 
_reflns_shell.meanI_over_uI_gt 
_reflns_shell.number_measured_gt 
_reflns_shell.number_unique_gt 
_reflns_shell.percent_possible_gt 
_reflns_shell.Rmerge_F_gt 
_reflns_shell.Rmerge_I_gt 
_reflns_shell.pdbx_redundancy 
_reflns_shell.pdbx_Rsym_value 
_reflns_shell.pdbx_chi_squared 
_reflns_shell.pdbx_netI_over_sigmaI_all 
_reflns_shell.pdbx_netI_over_sigmaI_obs 
_reflns_shell.pdbx_Rrim_I_all 
_reflns_shell.pdbx_Rpim_I_all 
_reflns_shell.pdbx_rejects 
_reflns_shell.pdbx_ordinal 
_reflns_shell.pdbx_diffrn_id 
_reflns_shell.pdbx_CC_half 
_reflns_shell.pdbx_R_split 
2.750 2.900  ? 0.200  ? ? ? ? ? 100.000 ? ? ? ? 3.023 ? ? ? ? ? ? ? ? 17.900 3.023 ? ? ? 3.111 0.728 ? 1  1 ? ? 
2.900 3.070  ? 0.400  ? ? ? ? ? 100.000 ? ? ? ? 1.753 ? ? ? ? ? ? ? ? 19.300 1.753 ? ? ? 1.800 0.407 ? 2  1 ? ? 
3.070 3.290  ? 0.600  ? ? ? ? ? 100.000 ? ? ? ? 1.063 ? ? ? ? ? ? ? ? 19.000 1.063 ? ? ? 1.092 0.247 ? 3  1 ? ? 
3.290 3.550  ? 0.900  ? ? ? ? ? 100.000 ? ? ? ? 0.671 ? ? ? ? ? ? ? ? 19.500 0.671 ? ? ? 0.689 0.154 ? 4  1 ? ? 
3.550 3.890  ? 1.600  ? ? ? ? ? 100.000 ? ? ? ? 0.399 ? ? ? ? ? ? ? ? 19.900 0.399 ? ? ? 0.410 0.091 ? 5  1 ? ? 
3.890 4.350  ? 3.000  ? ? ? ? ? 100.000 ? ? ? ? 0.212 ? ? ? ? ? ? ? ? 19.800 0.212 ? ? ? 0.218 0.049 ? 6  1 ? ? 
4.350 5.020  ? 4.600  ? ? ? ? ? 100.000 ? ? ? ? 0.140 ? ? ? ? ? ? ? ? 19.500 0.140 ? ? ? 0.144 0.032 ? 7  1 ? ? 
5.020 6.150  ? 5.100  ? ? ? ? ? 100.000 ? ? ? ? 0.126 ? ? ? ? ? ? ? ? 19.800 0.126 ? ? ? 0.129 0.029 ? 8  1 ? ? 
6.150 8.700  ? 7.100  ? ? ? ? ? 100.000 ? ? ? ? 0.091 ? ? ? ? ? ? ? ? 19.700 0.091 ? ? ? 0.093 0.021 ? 9  1 ? ? 
8.700 38.570 ? 11.100 ? ? ? ? ? 98.900  ? ? ? ? 0.049 ? ? ? ? ? ? ? ? 17.500 0.049 ? ? ? 0.050 0.012 ? 10 1 ? ? 
# 
_refine.aniso_B[1][1]                            2.6000 
_refine.aniso_B[1][2]                            1.3000 
_refine.aniso_B[1][3]                            0.0000 
_refine.aniso_B[2][2]                            2.6000 
_refine.aniso_B[2][3]                            0.0000 
_refine.aniso_B[3][3]                            -8.4400 
_refine.B_iso_max                                195.630 
_refine.B_iso_mean                               79.3690 
_refine.B_iso_min                                45.070 
_refine.correlation_coeff_Fo_to_Fc               0.9500 
_refine.correlation_coeff_Fo_to_Fc_free          0.9410 
_refine.details                                  'U VALUES      : REFINED INDIVIDUALLY' 
_refine.diff_density_max                         ? 
_refine.diff_density_max_esd                     ? 
_refine.diff_density_min                         ? 
_refine.diff_density_min_esd                     ? 
_refine.diff_density_rms                         ? 
_refine.diff_density_rms_esd                     ? 
_refine.entry_id                                 5W30 
_refine.pdbx_refine_id                           'X-RAY DIFFRACTION' 
_refine.ls_abs_structure_details                 ? 
_refine.ls_abs_structure_Flack                   ? 
_refine.ls_abs_structure_Flack_esd               ? 
_refine.ls_abs_structure_Rogers                  ? 
_refine.ls_abs_structure_Rogers_esd              ? 
_refine.ls_d_res_high                            2.7500 
_refine.ls_d_res_low                             38.5700 
_refine.ls_extinction_coef                       ? 
_refine.ls_extinction_coef_esd                   ? 
_refine.ls_extinction_expression                 ? 
_refine.ls_extinction_method                     ? 
_refine.ls_goodness_of_fit_all                   ? 
_refine.ls_goodness_of_fit_all_esd               ? 
_refine.ls_goodness_of_fit_obs                   ? 
_refine.ls_goodness_of_fit_obs_esd               ? 
_refine.ls_hydrogen_treatment                    ? 
_refine.ls_matrix_type                           ? 
_refine.ls_number_constraints                    ? 
_refine.ls_number_parameters                     ? 
_refine.ls_number_reflns_all                     ? 
_refine.ls_number_reflns_obs                     12516 
_refine.ls_number_reflns_R_free                  669 
_refine.ls_number_reflns_R_work                  ? 
_refine.ls_number_restraints                     ? 
_refine.ls_percent_reflns_obs                    99.8200 
_refine.ls_percent_reflns_R_free                 5.1000 
_refine.ls_R_factor_all                          ? 
_refine.ls_R_factor_obs                          0.2132 
_refine.ls_R_factor_R_free                       0.2457 
_refine.ls_R_factor_R_free_error                 ? 
_refine.ls_R_factor_R_free_error_details         ? 
_refine.ls_R_factor_R_work                       0.2114 
_refine.ls_R_Fsqd_factor_obs                     ? 
_refine.ls_R_I_factor_obs                        ? 
_refine.ls_redundancy_reflns_all                 ? 
_refine.ls_redundancy_reflns_obs                 ? 
_refine.ls_restrained_S_all                      ? 
_refine.ls_restrained_S_obs                      ? 
_refine.ls_shift_over_esd_max                    ? 
_refine.ls_shift_over_esd_mean                   ? 
_refine.ls_structure_factor_coef                 ? 
_refine.ls_weighting_details                     ? 
_refine.ls_weighting_scheme                      ? 
_refine.ls_wR_factor_all                         ? 
_refine.ls_wR_factor_obs                         ? 
_refine.ls_wR_factor_R_free                      ? 
_refine.ls_wR_factor_R_work                      ? 
_refine.occupancy_max                            ? 
_refine.occupancy_min                            ? 
_refine.solvent_model_details                    ? 
_refine.solvent_model_param_bsol                 ? 
_refine.solvent_model_param_ksol                 ? 
_refine.ls_R_factor_gt                           ? 
_refine.ls_goodness_of_fit_gt                    ? 
_refine.ls_goodness_of_fit_ref                   ? 
_refine.ls_shift_over_su_max                     ? 
_refine.ls_shift_over_su_max_lt                  ? 
_refine.ls_shift_over_su_mean                    ? 
_refine.ls_shift_over_su_mean_lt                 ? 
_refine.pdbx_ls_sigma_I                          ? 
_refine.pdbx_ls_sigma_F                          0.000 
_refine.pdbx_ls_sigma_Fsqd                       ? 
_refine.pdbx_data_cutoff_high_absF               ? 
_refine.pdbx_data_cutoff_high_rms_absF           ? 
_refine.pdbx_data_cutoff_low_absF                ? 
_refine.pdbx_isotropic_thermal_model             ? 
_refine.pdbx_ls_cross_valid_method               THROUGHOUT 
_refine.pdbx_method_to_determine_struct          'MOLECULAR REPLACEMENT' 
_refine.pdbx_starting_model                      5W2X 
_refine.pdbx_stereochemistry_target_values       ? 
_refine.pdbx_R_Free_selection_details            RANDOM 
_refine.pdbx_stereochem_target_val_spec_case     ? 
_refine.pdbx_overall_ESU_R                       0.2630 
_refine.pdbx_overall_ESU_R_Free                  0.2280 
_refine.pdbx_solvent_vdw_probe_radii             1.2000 
_refine.pdbx_solvent_ion_probe_radii             0.8000 
_refine.pdbx_solvent_shrinkage_radii             0.8000 
_refine.pdbx_real_space_R                        ? 
_refine.pdbx_density_correlation                 ? 
_refine.pdbx_pd_number_of_powder_patterns        ? 
_refine.pdbx_pd_number_of_points                 ? 
_refine.pdbx_pd_meas_number_of_points            ? 
_refine.pdbx_pd_proc_ls_prof_R_factor            ? 
_refine.pdbx_pd_proc_ls_prof_wR_factor           ? 
_refine.pdbx_pd_Marquardt_correlation_coeff      ? 
_refine.pdbx_pd_Fsqrd_R_factor                   ? 
_refine.pdbx_pd_ls_matrix_band_width             ? 
_refine.pdbx_overall_phase_error                 ? 
_refine.pdbx_overall_SU_R_free_Cruickshank_DPI   ? 
_refine.pdbx_overall_SU_R_free_Blow_DPI          ? 
_refine.pdbx_overall_SU_R_Blow_DPI               ? 
_refine.pdbx_TLS_residual_ADP_flag               ? 
_refine.pdbx_diffrn_id                           1 
_refine.overall_SU_B                             13.9890 
_refine.overall_SU_ML                            0.2320 
_refine.overall_SU_R_Cruickshank_DPI             ? 
_refine.overall_SU_R_free                        ? 
_refine.overall_FOM_free_R_set                   ? 
_refine.overall_FOM_work_R_set                   ? 
_refine.pdbx_average_fsc_overall                 ? 
_refine.pdbx_average_fsc_work                    ? 
_refine.pdbx_average_fsc_free                    ? 
# 
_refine_hist.cycle_id                         final 
_refine_hist.pdbx_refine_id                   'X-RAY DIFFRACTION' 
_refine_hist.d_res_high                       2.7500 
_refine_hist.d_res_low                        38.5700 
_refine_hist.pdbx_number_atoms_ligand         41 
_refine_hist.number_atoms_solvent             18 
_refine_hist.number_atoms_total               1378 
_refine_hist.pdbx_number_residues_total       171 
_refine_hist.pdbx_B_iso_mean_ligand           114.87 
_refine_hist.pdbx_B_iso_mean_solvent          63.13 
_refine_hist.pdbx_number_atoms_protein        1319 
_refine_hist.pdbx_number_atoms_nucleic_acid   0 
# 
loop_
_refine_ls_restr.pdbx_refine_id 
_refine_ls_restr.criterion 
_refine_ls_restr.dev_ideal 
_refine_ls_restr.dev_ideal_target 
_refine_ls_restr.number 
_refine_ls_restr.rejects 
_refine_ls_restr.type 
_refine_ls_restr.weight 
_refine_ls_restr.pdbx_restraint_function 
'X-RAY DIFFRACTION' ? 0.014  0.019  1377 ? r_bond_refined_d       ? ? 
'X-RAY DIFFRACTION' ? 1.898  1.974  1846 ? r_angle_refined_deg    ? ? 
'X-RAY DIFFRACTION' ? 7.477  5.000  170  ? r_dihedral_angle_1_deg ? ? 
'X-RAY DIFFRACTION' ? 39.854 26.379 58   ? r_dihedral_angle_2_deg ? ? 
'X-RAY DIFFRACTION' ? 19.983 15.000 255  ? r_dihedral_angle_3_deg ? ? 
'X-RAY DIFFRACTION' ? 25.178 15.000 2    ? r_dihedral_angle_4_deg ? ? 
'X-RAY DIFFRACTION' ? 0.106  0.200  208  ? r_chiral_restr         ? ? 
'X-RAY DIFFRACTION' ? 0.006  0.020  994  ? r_gen_planes_refined   ? ? 
# 
_refine_ls_shell.pdbx_refine_id                   'X-RAY DIFFRACTION' 
_refine_ls_shell.d_res_high                       2.7500 
_refine_ls_shell.d_res_low                        2.8210 
_refine_ls_shell.number_reflns_all                956 
_refine_ls_shell.number_reflns_obs                ? 
_refine_ls_shell.number_reflns_R_free             48 
_refine_ls_shell.number_reflns_R_work             908 
_refine_ls_shell.percent_reflns_obs               100.0000 
_refine_ls_shell.percent_reflns_R_free            ? 
_refine_ls_shell.R_factor_all                     ? 
_refine_ls_shell.R_factor_obs                     ? 
_refine_ls_shell.R_factor_R_free                  0.4180 
_refine_ls_shell.R_factor_R_free_error            0.0000 
_refine_ls_shell.R_factor_R_work                  0.4200 
_refine_ls_shell.redundancy_reflns_all            ? 
_refine_ls_shell.redundancy_reflns_obs            ? 
_refine_ls_shell.wR_factor_all                    ? 
_refine_ls_shell.wR_factor_obs                    ? 
_refine_ls_shell.wR_factor_R_free                 ? 
_refine_ls_shell.wR_factor_R_work                 ? 
_refine_ls_shell.pdbx_total_number_of_bins_used   20 
_refine_ls_shell.pdbx_phase_error                 ? 
_refine_ls_shell.pdbx_fsc_work                    ? 
_refine_ls_shell.pdbx_fsc_free                    ? 
# 
_struct.entry_id                     5W30 
_struct.title                        'Crystal structure of mutant CJ YCEI protein (CJ-N48C) with monobromobimane guest structure' 
_struct.pdbx_model_details           ? 
_struct.pdbx_formula_weight          ? 
_struct.pdbx_formula_weight_method   ? 
_struct.pdbx_model_type_details      ? 
_struct.pdbx_CASP_flag               N 
# 
_struct_keywords.entry_id        5W30 
_struct_keywords.text            'nanotechnology nanoporous, UNKNOWN FUNCTION' 
_struct_keywords.pdbx_keywords   'UNKNOWN FUNCTION' 
# 
loop_
_struct_asym.id 
_struct_asym.pdbx_blank_PDB_chainid_flag 
_struct_asym.pdbx_modified 
_struct_asym.entity_id 
_struct_asym.details 
A N N 1 ? 
B N N 2 ? 
C N N 3 ? 
D N N 3 ? 
E N N 4 ? 
F N N 5 ? 
# 
_struct_ref.id                         1 
_struct_ref.db_name                    UNP 
_struct_ref.db_code                    Q0PB90_CAMJE 
_struct_ref.pdbx_db_accession          Q0PB90 
_struct_ref.pdbx_db_isoform            ? 
_struct_ref.entity_id                  1 
_struct_ref.pdbx_seq_one_letter_code   
;KEYTLDKAHTDVGFKIKHLQISNVKGNFKDYSAVIDFDPASAEFKKLDVTIKIASVNTENQTRDNHLQQDDFFKAKKYPD
MTFTMKKYEKIDNEKGKMTGTLTIAGVSKDIVLDAEIGGVAKGKDGKEKIGFSLNGKIKRSDFKFATSTSTITLSDDINL
NIEVEANEK
;
_struct_ref.pdbx_align_begin           22 
# 
_struct_ref_seq.align_id                      1 
_struct_ref_seq.ref_id                        1 
_struct_ref_seq.pdbx_PDB_id_code              5W30 
_struct_ref_seq.pdbx_strand_id                A 
_struct_ref_seq.seq_align_beg                 2 
_struct_ref_seq.pdbx_seq_align_beg_ins_code   ? 
_struct_ref_seq.seq_align_end                 170 
_struct_ref_seq.pdbx_seq_align_end_ins_code   ? 
_struct_ref_seq.pdbx_db_accession             Q0PB90 
_struct_ref_seq.db_align_beg                  22 
_struct_ref_seq.pdbx_db_align_beg_ins_code    ? 
_struct_ref_seq.db_align_end                  190 
_struct_ref_seq.pdbx_db_align_end_ins_code    ? 
_struct_ref_seq.pdbx_auth_seq_align_beg       22 
_struct_ref_seq.pdbx_auth_seq_align_end       190 
# 
loop_
_struct_ref_seq_dif.align_id 
_struct_ref_seq_dif.pdbx_pdb_id_code 
_struct_ref_seq_dif.mon_id 
_struct_ref_seq_dif.pdbx_pdb_strand_id 
_struct_ref_seq_dif.seq_num 
_struct_ref_seq_dif.pdbx_pdb_ins_code 
_struct_ref_seq_dif.pdbx_seq_db_name 
_struct_ref_seq_dif.pdbx_seq_db_accession_code 
_struct_ref_seq_dif.db_mon_id 
_struct_ref_seq_dif.pdbx_seq_db_seq_num 
_struct_ref_seq_dif.details 
_struct_ref_seq_dif.pdbx_auth_seq_num 
_struct_ref_seq_dif.pdbx_ordinal 
1 5W30 MET A 1   ? UNP Q0PB90 ?   ?  'expression tag'      21  1  
1 5W30 CYS A 28  ? UNP Q0PB90 ASN 48 'engineered mutation' 48  2  
1 5W30 GLU A 171 ? UNP Q0PB90 ?   ?  'expression tag'      191 3  
1 5W30 GLY A 172 ? UNP Q0PB90 ?   ?  'expression tag'      192 4  
1 5W30 GLY A 173 ? UNP Q0PB90 ?   ?  'expression tag'      193 5  
1 5W30 SER A 174 ? UNP Q0PB90 ?   ?  'expression tag'      194 6  
1 5W30 HIS A 175 ? UNP Q0PB90 ?   ?  'expression tag'      195 7  
1 5W30 HIS A 176 ? UNP Q0PB90 ?   ?  'expression tag'      196 8  
1 5W30 HIS A 177 ? UNP Q0PB90 ?   ?  'expression tag'      197 9  
1 5W30 HIS A 178 ? UNP Q0PB90 ?   ?  'expression tag'      198 10 
1 5W30 HIS A 179 ? UNP Q0PB90 ?   ?  'expression tag'      199 11 
1 5W30 HIS A 180 ? UNP Q0PB90 ?   ?  'expression tag'      200 12 
# 
_pdbx_struct_assembly.id                   1 
_pdbx_struct_assembly.details              author_and_software_defined_assembly 
_pdbx_struct_assembly.method_details       PISA 
_pdbx_struct_assembly.oligomeric_details   tetrameric 
_pdbx_struct_assembly.oligomeric_count     4 
# 
loop_
_pdbx_struct_assembly_prop.biol_id 
_pdbx_struct_assembly_prop.type 
_pdbx_struct_assembly_prop.value 
_pdbx_struct_assembly_prop.details 
1 'ABSA (A^2)' 21740 ? 
1 MORE         -200  ? 
1 'SSA (A^2)'  33100 ? 
# 
_pdbx_struct_assembly_gen.assembly_id       1 
_pdbx_struct_assembly_gen.oper_expression   1,2,3,4 
_pdbx_struct_assembly_gen.asym_id_list      A,B,C,D,E,F 
# 
_pdbx_struct_assembly_auth_evidence.id                     1 
_pdbx_struct_assembly_auth_evidence.assembly_id            1 
_pdbx_struct_assembly_auth_evidence.experimental_support   none 
_pdbx_struct_assembly_auth_evidence.details                . 
# 
loop_
_pdbx_struct_oper_list.id 
_pdbx_struct_oper_list.type 
_pdbx_struct_oper_list.name 
_pdbx_struct_oper_list.symmetry_operation 
_pdbx_struct_oper_list.matrix[1][1] 
_pdbx_struct_oper_list.matrix[1][2] 
_pdbx_struct_oper_list.matrix[1][3] 
_pdbx_struct_oper_list.vector[1] 
_pdbx_struct_oper_list.matrix[2][1] 
_pdbx_struct_oper_list.matrix[2][2] 
_pdbx_struct_oper_list.matrix[2][3] 
_pdbx_struct_oper_list.vector[2] 
_pdbx_struct_oper_list.matrix[3][1] 
_pdbx_struct_oper_list.matrix[3][2] 
_pdbx_struct_oper_list.matrix[3][3] 
_pdbx_struct_oper_list.vector[3] 
1 'identity operation'         1_555  x,y,z        1.0000000000  0.0000000000  0.0000000000  0.0000000000   0.0000000000  1.0000000000  0.0000000000  0.0000000000  0.0000000000  0.0000000000  1.0000000000  0.0000000000   
2 'crystal symmetry operation' 4_545  -x,-y-1,z    -0.5885061071 0.7499590273  -0.3020298318 -28.2822646589 0.7499590273  0.3668211177  -0.5504577413 2.7592354710  -0.3020298318 -0.5504577413 -0.7783150107 -31.6811938084 
3 'crystal symmetry operation' 9_556  -x,-x+y,-z+1 -0.9290963393 -0.1709762963 -0.3279437428 -24.0271087280 -0.1709762963 -0.5877096671 0.7907998820  27.2649542587 -0.3279437428 0.7907998820  0.5168060064  -19.4096426660 
4 'crystal symmetry operation' 12_546 x,x-y-1,-z+1 0.5176024463  -0.5789827311 0.6299735746  12.1677252475  -0.5789827311 -0.7791114506 -0.2403421407 5.4254374357  0.6299735746  -0.2403421407 -0.7384909957 -24.3256790999 
# 
loop_
_struct_conf.conf_type_id 
_struct_conf.id 
_struct_conf.pdbx_PDB_helix_id 
_struct_conf.beg_label_comp_id 
_struct_conf.beg_label_asym_id 
_struct_conf.beg_label_seq_id 
_struct_conf.pdbx_beg_PDB_ins_code 
_struct_conf.end_label_comp_id 
_struct_conf.end_label_asym_id 
_struct_conf.end_label_seq_id 
_struct_conf.pdbx_end_PDB_ins_code 
_struct_conf.beg_auth_comp_id 
_struct_conf.beg_auth_asym_id 
_struct_conf.beg_auth_seq_id 
_struct_conf.end_auth_comp_id 
_struct_conf.end_auth_asym_id 
_struct_conf.end_auth_seq_id 
_struct_conf.pdbx_PDB_helix_class 
_struct_conf.details 
_struct_conf.pdbx_PDB_helix_length 
HELX_P HELX_P1 AA1 ASP A 7   ? THR A 11  ? ASP A 27  THR A 31  5 ? 5  
HELX_P HELX_P2 AA2 ASN A 61  ? GLN A 70  ? ASN A 81  GLN A 90  1 ? 10 
HELX_P HELX_P3 AA3 SER A 142 ? LYS A 145 ? SER A 162 LYS A 165 5 ? 4  
# 
_struct_conf_type.id          HELX_P 
_struct_conf_type.criteria    ? 
_struct_conf_type.reference   ? 
# 
_struct_conn.id                            covale1 
_struct_conn.conn_type_id                  covale 
_struct_conn.pdbx_leaving_atom_flag        one 
_struct_conn.pdbx_PDB_id                   ? 
_struct_conn.ptnr1_label_asym_id           A 
_struct_conn.ptnr1_label_comp_id           CYS 
_struct_conn.ptnr1_label_seq_id            28 
_struct_conn.ptnr1_label_atom_id           SG 
_struct_conn.pdbx_ptnr1_label_alt_id       ? 
_struct_conn.pdbx_ptnr1_PDB_ins_code       ? 
_struct_conn.pdbx_ptnr1_standard_comp_id   ? 
_struct_conn.ptnr1_symmetry                1_555 
_struct_conn.ptnr2_label_asym_id           E 
_struct_conn.ptnr2_label_comp_id           9UM 
_struct_conn.ptnr2_label_seq_id            . 
_struct_conn.ptnr2_label_atom_id           C8 
_struct_conn.pdbx_ptnr2_label_alt_id       ? 
_struct_conn.pdbx_ptnr2_PDB_ins_code       ? 
_struct_conn.ptnr1_auth_asym_id            A 
_struct_conn.ptnr1_auth_comp_id            CYS 
_struct_conn.ptnr1_auth_seq_id             48 
_struct_conn.ptnr2_auth_asym_id            A 
_struct_conn.ptnr2_auth_comp_id            9UM 
_struct_conn.ptnr2_auth_seq_id             304 
_struct_conn.ptnr2_symmetry                1_555 
_struct_conn.pdbx_ptnr3_label_atom_id      ? 
_struct_conn.pdbx_ptnr3_label_seq_id       ? 
_struct_conn.pdbx_ptnr3_label_comp_id      ? 
_struct_conn.pdbx_ptnr3_label_asym_id      ? 
_struct_conn.pdbx_ptnr3_label_alt_id       ? 
_struct_conn.pdbx_ptnr3_PDB_ins_code       ? 
_struct_conn.details                       ? 
_struct_conn.pdbx_dist_value               1.552 
_struct_conn.pdbx_value_order              ? 
_struct_conn.pdbx_role                     ? 
# 
_struct_conn_type.id          covale 
_struct_conn_type.criteria    ? 
_struct_conn_type.reference   ? 
# 
_pdbx_modification_feature.ordinal                            1 
_pdbx_modification_feature.label_comp_id                      9UM 
_pdbx_modification_feature.label_asym_id                      E 
_pdbx_modification_feature.label_seq_id                       . 
_pdbx_modification_feature.label_alt_id                       ? 
_pdbx_modification_feature.modified_residue_label_comp_id     CYS 
_pdbx_modification_feature.modified_residue_label_asym_id     A 
_pdbx_modification_feature.modified_residue_label_seq_id      28 
_pdbx_modification_feature.modified_residue_label_alt_id      ? 
_pdbx_modification_feature.auth_comp_id                       9UM 
_pdbx_modification_feature.auth_asym_id                       A 
_pdbx_modification_feature.auth_seq_id                        304 
_pdbx_modification_feature.PDB_ins_code                       ? 
_pdbx_modification_feature.symmetry                           1_555 
_pdbx_modification_feature.modified_residue_auth_comp_id      CYS 
_pdbx_modification_feature.modified_residue_auth_asym_id      A 
_pdbx_modification_feature.modified_residue_auth_seq_id       48 
_pdbx_modification_feature.modified_residue_PDB_ins_code      ? 
_pdbx_modification_feature.modified_residue_symmetry          1_555 
_pdbx_modification_feature.comp_id_linking_atom               C8 
_pdbx_modification_feature.modified_residue_id_linking_atom   SG 
_pdbx_modification_feature.modified_residue_id                CYS 
_pdbx_modification_feature.ref_pcm_id                         1 
_pdbx_modification_feature.ref_comp_id                        9UM 
_pdbx_modification_feature.type                               None 
_pdbx_modification_feature.category                           'Covalent chemical modification' 
# 
loop_
_struct_sheet.id 
_struct_sheet.type 
_struct_sheet.number_strands 
_struct_sheet.details 
AA1 ? 2 ? 
AA2 ? 7 ? 
# 
loop_
_struct_sheet_order.sheet_id 
_struct_sheet_order.range_id_1 
_struct_sheet_order.range_id_2 
_struct_sheet_order.offset 
_struct_sheet_order.sense 
AA1 1 2 ? anti-parallel 
AA2 1 2 ? anti-parallel 
AA2 2 3 ? anti-parallel 
AA2 3 4 ? anti-parallel 
AA2 4 5 ? anti-parallel 
AA2 5 6 ? anti-parallel 
AA2 6 7 ? anti-parallel 
# 
loop_
_struct_sheet_range.sheet_id 
_struct_sheet_range.id 
_struct_sheet_range.beg_label_comp_id 
_struct_sheet_range.beg_label_asym_id 
_struct_sheet_range.beg_label_seq_id 
_struct_sheet_range.pdbx_beg_PDB_ins_code 
_struct_sheet_range.end_label_comp_id 
_struct_sheet_range.end_label_asym_id 
_struct_sheet_range.end_label_seq_id 
_struct_sheet_range.pdbx_end_PDB_ins_code 
_struct_sheet_range.beg_auth_comp_id 
_struct_sheet_range.beg_auth_asym_id 
_struct_sheet_range.beg_auth_seq_id 
_struct_sheet_range.end_auth_comp_id 
_struct_sheet_range.end_auth_asym_id 
_struct_sheet_range.end_auth_seq_id 
AA1 1 CYS A 28  ? PHE A 29  ? CYS A 48  PHE A 49  
AA1 2 VAL A 57  ? ASN A 58  ? VAL A 77  ASN A 78  
AA2 1 TYR A 32  ? PHE A 38  ? TYR A 52  PHE A 58  
AA2 2 PHE A 45  ? LYS A 53  ? PHE A 65  LYS A 73  
AA2 3 ASP A 81  ? LYS A 91  ? ASP A 101 LYS A 111 
AA2 4 LYS A 96  ? ILE A 105 ? LYS A 116 ILE A 125 
AA2 5 VAL A 108 ? LYS A 123 ? VAL A 128 LYS A 143 
AA2 6 GLU A 129 ? LYS A 140 ? GLU A 149 LYS A 160 
AA2 7 ASP A 158 ? ASN A 168 ? ASP A 178 ASN A 188 
# 
loop_
_pdbx_struct_sheet_hbond.sheet_id 
_pdbx_struct_sheet_hbond.range_id_1 
_pdbx_struct_sheet_hbond.range_id_2 
_pdbx_struct_sheet_hbond.range_1_label_atom_id 
_pdbx_struct_sheet_hbond.range_1_label_comp_id 
_pdbx_struct_sheet_hbond.range_1_label_asym_id 
_pdbx_struct_sheet_hbond.range_1_label_seq_id 
_pdbx_struct_sheet_hbond.range_1_PDB_ins_code 
_pdbx_struct_sheet_hbond.range_1_auth_atom_id 
_pdbx_struct_sheet_hbond.range_1_auth_comp_id 
_pdbx_struct_sheet_hbond.range_1_auth_asym_id 
_pdbx_struct_sheet_hbond.range_1_auth_seq_id 
_pdbx_struct_sheet_hbond.range_2_label_atom_id 
_pdbx_struct_sheet_hbond.range_2_label_comp_id 
_pdbx_struct_sheet_hbond.range_2_label_asym_id 
_pdbx_struct_sheet_hbond.range_2_label_seq_id 
_pdbx_struct_sheet_hbond.range_2_PDB_ins_code 
_pdbx_struct_sheet_hbond.range_2_auth_atom_id 
_pdbx_struct_sheet_hbond.range_2_auth_comp_id 
_pdbx_struct_sheet_hbond.range_2_auth_asym_id 
_pdbx_struct_sheet_hbond.range_2_auth_seq_id 
AA1 1 2 N CYS A 28  ? N CYS A 48  O ASN A 58  ? O ASN A 78  
AA2 1 2 N ASP A 37  ? N ASP A 57  O LYS A 46  ? O LYS A 66  
AA2 2 3 N ILE A 52  ? N ILE A 72  O MET A 82  ? O MET A 102 
AA2 3 4 N LYS A 87  ? N LYS A 107 O THR A 100 ? O THR A 120 
AA2 4 5 N LEU A 103 ? N LEU A 123 O LYS A 110 ? O LYS A 130 
AA2 5 6 N ASP A 115 ? N ASP A 135 O ASN A 136 ? O ASN A 156 
AA2 6 7 N GLY A 137 ? N GLY A 157 O LEU A 161 ? O LEU A 181 
# 
loop_
_struct_site.id 
_struct_site.pdbx_evidence_code 
_struct_site.pdbx_auth_asym_id 
_struct_site.pdbx_auth_comp_id 
_struct_site.pdbx_auth_seq_id 
_struct_site.pdbx_auth_ins_code 
_struct_site.pdbx_num_residues 
_struct_site.details 
AC1 Software A SO4 302 ? 2 'binding site for residue SO4 A 302' 
AC2 Software A SO4 303 ? 6 'binding site for residue SO4 A 303' 
AC3 Software A 9UM 304 ? 7 'binding site for residue 9UM A 304' 
# 
loop_
_struct_site_gen.id 
_struct_site_gen.site_id 
_struct_site_gen.pdbx_num_res 
_struct_site_gen.label_comp_id 
_struct_site_gen.label_asym_id 
_struct_site_gen.label_seq_id 
_struct_site_gen.pdbx_auth_ins_code 
_struct_site_gen.auth_comp_id 
_struct_site_gen.auth_asym_id 
_struct_site_gen.auth_seq_id 
_struct_site_gen.label_atom_id 
_struct_site_gen.label_alt_id 
_struct_site_gen.symmetry 
_struct_site_gen.details 
1  AC1 2 LYS A 110 ? LYS A 130 . ? 1_555 ? 
2  AC1 2 ASP A 111 ? ASP A 131 . ? 1_555 ? 
3  AC2 6 SER A 149 ? SER A 169 . ? 4_545 ? 
4  AC2 6 THR A 150 ? THR A 170 . ? 1_555 ? 
5  AC2 6 SER A 151 ? SER A 171 . ? 4_545 ? 
6  AC2 6 SER A 151 ? SER A 171 . ? 1_555 ? 
7  AC2 6 THR A 154 ? THR A 174 . ? 4_545 ? 
8  AC2 6 THR A 154 ? THR A 174 . ? 1_555 ? 
9  AC3 7 ASP A 12  ? ASP A 32  . ? 9_556 ? 
10 AC3 7 GLY A 14  ? GLY A 34  . ? 9_556 ? 
11 AC3 7 LYS A 26  ? LYS A 46  . ? 1_555 ? 
12 AC3 7 GLY A 27  ? GLY A 47  . ? 1_555 ? 
13 AC3 7 CYS A 28  ? CYS A 48  . ? 1_555 ? 
14 AC3 7 ASN A 58  ? ASN A 78  . ? 1_555 ? 
15 AC3 7 GLU A 60  ? GLU A 80  . ? 1_555 ? 
# 
_pdbx_entry_details.entry_id                   5W30 
_pdbx_entry_details.compound_details           ? 
_pdbx_entry_details.source_details             ? 
_pdbx_entry_details.nonpolymer_details         ? 
_pdbx_entry_details.sequence_details           ? 
_pdbx_entry_details.has_ligand_of_interest     ? 
_pdbx_entry_details.has_protein_modification   Y 
# 
loop_
_pdbx_validate_torsion.id 
_pdbx_validate_torsion.PDB_model_num 
_pdbx_validate_torsion.auth_comp_id 
_pdbx_validate_torsion.auth_asym_id 
_pdbx_validate_torsion.auth_seq_id 
_pdbx_validate_torsion.PDB_ins_code 
_pdbx_validate_torsion.label_alt_id 
_pdbx_validate_torsion.phi 
_pdbx_validate_torsion.psi 
1 1 PHE A 93  ? ? -127.66 -112.52 
2 1 ILE A 112 ? ? -100.26 -63.73  
3 1 ASP A 113 ? ? -141.55 -156.16 
4 1 ALA A 126 ? ? 38.23   52.75   
5 1 LYS A 165 ? ? 36.29   41.79   
# 
loop_
_pdbx_unobs_or_zero_occ_residues.id 
_pdbx_unobs_or_zero_occ_residues.PDB_model_num 
_pdbx_unobs_or_zero_occ_residues.polymer_flag 
_pdbx_unobs_or_zero_occ_residues.occupancy_flag 
_pdbx_unobs_or_zero_occ_residues.auth_asym_id 
_pdbx_unobs_or_zero_occ_residues.auth_comp_id 
_pdbx_unobs_or_zero_occ_residues.auth_seq_id 
_pdbx_unobs_or_zero_occ_residues.PDB_ins_code 
_pdbx_unobs_or_zero_occ_residues.label_asym_id 
_pdbx_unobs_or_zero_occ_residues.label_comp_id 
_pdbx_unobs_or_zero_occ_residues.label_seq_id 
1 1 Y 1 A GLY 192 ? A GLY 172 
2 1 Y 1 A GLY 193 ? A GLY 173 
3 1 Y 1 A SER 194 ? A SER 174 
4 1 Y 1 A HIS 195 ? A HIS 175 
5 1 Y 1 A HIS 196 ? A HIS 176 
6 1 Y 1 A HIS 197 ? A HIS 177 
7 1 Y 1 A HIS 198 ? A HIS 178 
8 1 Y 1 A HIS 199 ? A HIS 179 
9 1 Y 1 A HIS 200 ? A HIS 180 
# 
loop_
_chem_comp_atom.comp_id 
_chem_comp_atom.atom_id 
_chem_comp_atom.type_symbol 
_chem_comp_atom.pdbx_aromatic_flag 
_chem_comp_atom.pdbx_stereo_config 
_chem_comp_atom.pdbx_ordinal 
9UM C1   C  N N 1   
9UM C2   C  N N 2   
9UM C3   C  N N 3   
9UM C4   C  N N 4   
9UM C5   C  N N 5   
9UM C6   C  N N 6   
9UM C7   C  N N 7   
9UM C8   C  N N 8   
9UM C9   C  N N 9   
9UM C10  C  N N 10  
9UM N1   N  N N 11  
9UM N2   N  N N 12  
9UM O1   O  N N 13  
9UM O2   O  N N 14  
9UM BR1  BR N N 15  
9UM H1   H  N N 16  
9UM H2   H  N N 17  
9UM H3   H  N N 18  
9UM H4   H  N N 19  
9UM H5   H  N N 20  
9UM H6   H  N N 21  
9UM H7   H  N N 22  
9UM H8   H  N N 23  
9UM H9   H  N N 24  
9UM H10  H  N N 25  
9UM H11  H  N N 26  
ALA N    N  N N 27  
ALA CA   C  N S 28  
ALA C    C  N N 29  
ALA O    O  N N 30  
ALA CB   C  N N 31  
ALA OXT  O  N N 32  
ALA H    H  N N 33  
ALA H2   H  N N 34  
ALA HA   H  N N 35  
ALA HB1  H  N N 36  
ALA HB2  H  N N 37  
ALA HB3  H  N N 38  
ALA HXT  H  N N 39  
ARG N    N  N N 40  
ARG CA   C  N S 41  
ARG C    C  N N 42  
ARG O    O  N N 43  
ARG CB   C  N N 44  
ARG CG   C  N N 45  
ARG CD   C  N N 46  
ARG NE   N  N N 47  
ARG CZ   C  N N 48  
ARG NH1  N  N N 49  
ARG NH2  N  N N 50  
ARG OXT  O  N N 51  
ARG H    H  N N 52  
ARG H2   H  N N 53  
ARG HA   H  N N 54  
ARG HB2  H  N N 55  
ARG HB3  H  N N 56  
ARG HG2  H  N N 57  
ARG HG3  H  N N 58  
ARG HD2  H  N N 59  
ARG HD3  H  N N 60  
ARG HE   H  N N 61  
ARG HH11 H  N N 62  
ARG HH12 H  N N 63  
ARG HH21 H  N N 64  
ARG HH22 H  N N 65  
ARG HXT  H  N N 66  
ASN N    N  N N 67  
ASN CA   C  N S 68  
ASN C    C  N N 69  
ASN O    O  N N 70  
ASN CB   C  N N 71  
ASN CG   C  N N 72  
ASN OD1  O  N N 73  
ASN ND2  N  N N 74  
ASN OXT  O  N N 75  
ASN H    H  N N 76  
ASN H2   H  N N 77  
ASN HA   H  N N 78  
ASN HB2  H  N N 79  
ASN HB3  H  N N 80  
ASN HD21 H  N N 81  
ASN HD22 H  N N 82  
ASN HXT  H  N N 83  
ASP N    N  N N 84  
ASP CA   C  N S 85  
ASP C    C  N N 86  
ASP O    O  N N 87  
ASP CB   C  N N 88  
ASP CG   C  N N 89  
ASP OD1  O  N N 90  
ASP OD2  O  N N 91  
ASP OXT  O  N N 92  
ASP H    H  N N 93  
ASP H2   H  N N 94  
ASP HA   H  N N 95  
ASP HB2  H  N N 96  
ASP HB3  H  N N 97  
ASP HD2  H  N N 98  
ASP HXT  H  N N 99  
CYS N    N  N N 100 
CYS CA   C  N R 101 
CYS C    C  N N 102 
CYS O    O  N N 103 
CYS CB   C  N N 104 
CYS SG   S  N N 105 
CYS OXT  O  N N 106 
CYS H    H  N N 107 
CYS H2   H  N N 108 
CYS HA   H  N N 109 
CYS HB2  H  N N 110 
CYS HB3  H  N N 111 
CYS HG   H  N N 112 
CYS HXT  H  N N 113 
GLN N    N  N N 114 
GLN CA   C  N S 115 
GLN C    C  N N 116 
GLN O    O  N N 117 
GLN CB   C  N N 118 
GLN CG   C  N N 119 
GLN CD   C  N N 120 
GLN OE1  O  N N 121 
GLN NE2  N  N N 122 
GLN OXT  O  N N 123 
GLN H    H  N N 124 
GLN H2   H  N N 125 
GLN HA   H  N N 126 
GLN HB2  H  N N 127 
GLN HB3  H  N N 128 
GLN HG2  H  N N 129 
GLN HG3  H  N N 130 
GLN HE21 H  N N 131 
GLN HE22 H  N N 132 
GLN HXT  H  N N 133 
GLU N    N  N N 134 
GLU CA   C  N S 135 
GLU C    C  N N 136 
GLU O    O  N N 137 
GLU CB   C  N N 138 
GLU CG   C  N N 139 
GLU CD   C  N N 140 
GLU OE1  O  N N 141 
GLU OE2  O  N N 142 
GLU OXT  O  N N 143 
GLU H    H  N N 144 
GLU H2   H  N N 145 
GLU HA   H  N N 146 
GLU HB2  H  N N 147 
GLU HB3  H  N N 148 
GLU HG2  H  N N 149 
GLU HG3  H  N N 150 
GLU HE2  H  N N 151 
GLU HXT  H  N N 152 
GLY N    N  N N 153 
GLY CA   C  N N 154 
GLY C    C  N N 155 
GLY O    O  N N 156 
GLY OXT  O  N N 157 
GLY H    H  N N 158 
GLY H2   H  N N 159 
GLY HA2  H  N N 160 
GLY HA3  H  N N 161 
GLY HXT  H  N N 162 
HIS N    N  N N 163 
HIS CA   C  N S 164 
HIS C    C  N N 165 
HIS O    O  N N 166 
HIS CB   C  N N 167 
HIS CG   C  Y N 168 
HIS ND1  N  Y N 169 
HIS CD2  C  Y N 170 
HIS CE1  C  Y N 171 
HIS NE2  N  Y N 172 
HIS OXT  O  N N 173 
HIS H    H  N N 174 
HIS H2   H  N N 175 
HIS HA   H  N N 176 
HIS HB2  H  N N 177 
HIS HB3  H  N N 178 
HIS HD1  H  N N 179 
HIS HD2  H  N N 180 
HIS HE1  H  N N 181 
HIS HE2  H  N N 182 
HIS HXT  H  N N 183 
HOH O    O  N N 184 
HOH H1   H  N N 185 
HOH H2   H  N N 186 
ILE N    N  N N 187 
ILE CA   C  N S 188 
ILE C    C  N N 189 
ILE O    O  N N 190 
ILE CB   C  N S 191 
ILE CG1  C  N N 192 
ILE CG2  C  N N 193 
ILE CD1  C  N N 194 
ILE OXT  O  N N 195 
ILE H    H  N N 196 
ILE H2   H  N N 197 
ILE HA   H  N N 198 
ILE HB   H  N N 199 
ILE HG12 H  N N 200 
ILE HG13 H  N N 201 
ILE HG21 H  N N 202 
ILE HG22 H  N N 203 
ILE HG23 H  N N 204 
ILE HD11 H  N N 205 
ILE HD12 H  N N 206 
ILE HD13 H  N N 207 
ILE HXT  H  N N 208 
LEU N    N  N N 209 
LEU CA   C  N S 210 
LEU C    C  N N 211 
LEU O    O  N N 212 
LEU CB   C  N N 213 
LEU CG   C  N N 214 
LEU CD1  C  N N 215 
LEU CD2  C  N N 216 
LEU OXT  O  N N 217 
LEU H    H  N N 218 
LEU H2   H  N N 219 
LEU HA   H  N N 220 
LEU HB2  H  N N 221 
LEU HB3  H  N N 222 
LEU HG   H  N N 223 
LEU HD11 H  N N 224 
LEU HD12 H  N N 225 
LEU HD13 H  N N 226 
LEU HD21 H  N N 227 
LEU HD22 H  N N 228 
LEU HD23 H  N N 229 
LEU HXT  H  N N 230 
LYS N    N  N N 231 
LYS CA   C  N S 232 
LYS C    C  N N 233 
LYS O    O  N N 234 
LYS CB   C  N N 235 
LYS CG   C  N N 236 
LYS CD   C  N N 237 
LYS CE   C  N N 238 
LYS NZ   N  N N 239 
LYS OXT  O  N N 240 
LYS H    H  N N 241 
LYS H2   H  N N 242 
LYS HA   H  N N 243 
LYS HB2  H  N N 244 
LYS HB3  H  N N 245 
LYS HG2  H  N N 246 
LYS HG3  H  N N 247 
LYS HD2  H  N N 248 
LYS HD3  H  N N 249 
LYS HE2  H  N N 250 
LYS HE3  H  N N 251 
LYS HZ1  H  N N 252 
LYS HZ2  H  N N 253 
LYS HZ3  H  N N 254 
LYS HXT  H  N N 255 
MET N    N  N N 256 
MET CA   C  N S 257 
MET C    C  N N 258 
MET O    O  N N 259 
MET CB   C  N N 260 
MET CG   C  N N 261 
MET SD   S  N N 262 
MET CE   C  N N 263 
MET OXT  O  N N 264 
MET H    H  N N 265 
MET H2   H  N N 266 
MET HA   H  N N 267 
MET HB2  H  N N 268 
MET HB3  H  N N 269 
MET HG2  H  N N 270 
MET HG3  H  N N 271 
MET HE1  H  N N 272 
MET HE2  H  N N 273 
MET HE3  H  N N 274 
MET HXT  H  N N 275 
PHE N    N  N N 276 
PHE CA   C  N S 277 
PHE C    C  N N 278 
PHE O    O  N N 279 
PHE CB   C  N N 280 
PHE CG   C  Y N 281 
PHE CD1  C  Y N 282 
PHE CD2  C  Y N 283 
PHE CE1  C  Y N 284 
PHE CE2  C  Y N 285 
PHE CZ   C  Y N 286 
PHE OXT  O  N N 287 
PHE H    H  N N 288 
PHE H2   H  N N 289 
PHE HA   H  N N 290 
PHE HB2  H  N N 291 
PHE HB3  H  N N 292 
PHE HD1  H  N N 293 
PHE HD2  H  N N 294 
PHE HE1  H  N N 295 
PHE HE2  H  N N 296 
PHE HZ   H  N N 297 
PHE HXT  H  N N 298 
PRO N    N  N N 299 
PRO CA   C  N S 300 
PRO C    C  N N 301 
PRO O    O  N N 302 
PRO CB   C  N N 303 
PRO CG   C  N N 304 
PRO CD   C  N N 305 
PRO OXT  O  N N 306 
PRO H    H  N N 307 
PRO HA   H  N N 308 
PRO HB2  H  N N 309 
PRO HB3  H  N N 310 
PRO HG2  H  N N 311 
PRO HG3  H  N N 312 
PRO HD2  H  N N 313 
PRO HD3  H  N N 314 
PRO HXT  H  N N 315 
SER N    N  N N 316 
SER CA   C  N S 317 
SER C    C  N N 318 
SER O    O  N N 319 
SER CB   C  N N 320 
SER OG   O  N N 321 
SER OXT  O  N N 322 
SER H    H  N N 323 
SER H2   H  N N 324 
SER HA   H  N N 325 
SER HB2  H  N N 326 
SER HB3  H  N N 327 
SER HG   H  N N 328 
SER HXT  H  N N 329 
SO4 S    S  N N 330 
SO4 O1   O  N N 331 
SO4 O2   O  N N 332 
SO4 O3   O  N N 333 
SO4 O4   O  N N 334 
THR N    N  N N 335 
THR CA   C  N S 336 
THR C    C  N N 337 
THR O    O  N N 338 
THR CB   C  N R 339 
THR OG1  O  N N 340 
THR CG2  C  N N 341 
THR OXT  O  N N 342 
THR H    H  N N 343 
THR H2   H  N N 344 
THR HA   H  N N 345 
THR HB   H  N N 346 
THR HG1  H  N N 347 
THR HG21 H  N N 348 
THR HG22 H  N N 349 
THR HG23 H  N N 350 
THR HXT  H  N N 351 
TYR N    N  N N 352 
TYR CA   C  N S 353 
TYR C    C  N N 354 
TYR O    O  N N 355 
TYR CB   C  N N 356 
TYR CG   C  Y N 357 
TYR CD1  C  Y N 358 
TYR CD2  C  Y N 359 
TYR CE1  C  Y N 360 
TYR CE2  C  Y N 361 
TYR CZ   C  Y N 362 
TYR OH   O  N N 363 
TYR OXT  O  N N 364 
TYR H    H  N N 365 
TYR H2   H  N N 366 
TYR HA   H  N N 367 
TYR HB2  H  N N 368 
TYR HB3  H  N N 369 
TYR HD1  H  N N 370 
TYR HD2  H  N N 371 
TYR HE1  H  N N 372 
TYR HE2  H  N N 373 
TYR HH   H  N N 374 
TYR HXT  H  N N 375 
VAL N    N  N N 376 
VAL CA   C  N S 377 
VAL C    C  N N 378 
VAL O    O  N N 379 
VAL CB   C  N N 380 
VAL CG1  C  N N 381 
VAL CG2  C  N N 382 
VAL OXT  O  N N 383 
VAL H    H  N N 384 
VAL H2   H  N N 385 
VAL HA   H  N N 386 
VAL HB   H  N N 387 
VAL HG11 H  N N 388 
VAL HG12 H  N N 389 
VAL HG13 H  N N 390 
VAL HG21 H  N N 391 
VAL HG22 H  N N 392 
VAL HG23 H  N N 393 
VAL HXT  H  N N 394 
# 
loop_
_chem_comp_bond.comp_id 
_chem_comp_bond.atom_id_1 
_chem_comp_bond.atom_id_2 
_chem_comp_bond.value_order 
_chem_comp_bond.pdbx_aromatic_flag 
_chem_comp_bond.pdbx_stereo_config 
_chem_comp_bond.pdbx_ordinal 
9UM C8  C4   sing N N 1   
9UM C7  C5   sing N N 2   
9UM C4  C5   doub N N 3   
9UM C4  N1   sing N N 4   
9UM C5  C6   sing N N 5   
9UM N1  C3   sing N N 6   
9UM N1  N2   sing N N 7   
9UM C6  O2   doub N N 8   
9UM C6  N2   sing N N 9   
9UM C9  C3   sing N N 10  
9UM C3  C2   doub N N 11  
9UM N2  C1   sing N N 12  
9UM C2  C1   sing N N 13  
9UM C2  C10  sing N N 14  
9UM C1  O1   doub N N 15  
9UM C8  BR1  sing N N 16  
9UM C7  H1   sing N N 17  
9UM C7  H2   sing N N 18  
9UM C7  H3   sing N N 19  
9UM C8  H4   sing N N 20  
9UM C8  H5   sing N N 21  
9UM C9  H6   sing N N 22  
9UM C9  H7   sing N N 23  
9UM C9  H8   sing N N 24  
9UM C10 H9   sing N N 25  
9UM C10 H10  sing N N 26  
9UM C10 H11  sing N N 27  
ALA N   CA   sing N N 28  
ALA N   H    sing N N 29  
ALA N   H2   sing N N 30  
ALA CA  C    sing N N 31  
ALA CA  CB   sing N N 32  
ALA CA  HA   sing N N 33  
ALA C   O    doub N N 34  
ALA C   OXT  sing N N 35  
ALA CB  HB1  sing N N 36  
ALA CB  HB2  sing N N 37  
ALA CB  HB3  sing N N 38  
ALA OXT HXT  sing N N 39  
ARG N   CA   sing N N 40  
ARG N   H    sing N N 41  
ARG N   H2   sing N N 42  
ARG CA  C    sing N N 43  
ARG CA  CB   sing N N 44  
ARG CA  HA   sing N N 45  
ARG C   O    doub N N 46  
ARG C   OXT  sing N N 47  
ARG CB  CG   sing N N 48  
ARG CB  HB2  sing N N 49  
ARG CB  HB3  sing N N 50  
ARG CG  CD   sing N N 51  
ARG CG  HG2  sing N N 52  
ARG CG  HG3  sing N N 53  
ARG CD  NE   sing N N 54  
ARG CD  HD2  sing N N 55  
ARG CD  HD3  sing N N 56  
ARG NE  CZ   sing N N 57  
ARG NE  HE   sing N N 58  
ARG CZ  NH1  sing N N 59  
ARG CZ  NH2  doub N N 60  
ARG NH1 HH11 sing N N 61  
ARG NH1 HH12 sing N N 62  
ARG NH2 HH21 sing N N 63  
ARG NH2 HH22 sing N N 64  
ARG OXT HXT  sing N N 65  
ASN N   CA   sing N N 66  
ASN N   H    sing N N 67  
ASN N   H2   sing N N 68  
ASN CA  C    sing N N 69  
ASN CA  CB   sing N N 70  
ASN CA  HA   sing N N 71  
ASN C   O    doub N N 72  
ASN C   OXT  sing N N 73  
ASN CB  CG   sing N N 74  
ASN CB  HB2  sing N N 75  
ASN CB  HB3  sing N N 76  
ASN CG  OD1  doub N N 77  
ASN CG  ND2  sing N N 78  
ASN ND2 HD21 sing N N 79  
ASN ND2 HD22 sing N N 80  
ASN OXT HXT  sing N N 81  
ASP N   CA   sing N N 82  
ASP N   H    sing N N 83  
ASP N   H2   sing N N 84  
ASP CA  C    sing N N 85  
ASP CA  CB   sing N N 86  
ASP CA  HA   sing N N 87  
ASP C   O    doub N N 88  
ASP C   OXT  sing N N 89  
ASP CB  CG   sing N N 90  
ASP CB  HB2  sing N N 91  
ASP CB  HB3  sing N N 92  
ASP CG  OD1  doub N N 93  
ASP CG  OD2  sing N N 94  
ASP OD2 HD2  sing N N 95  
ASP OXT HXT  sing N N 96  
CYS N   CA   sing N N 97  
CYS N   H    sing N N 98  
CYS N   H2   sing N N 99  
CYS CA  C    sing N N 100 
CYS CA  CB   sing N N 101 
CYS CA  HA   sing N N 102 
CYS C   O    doub N N 103 
CYS C   OXT  sing N N 104 
CYS CB  SG   sing N N 105 
CYS CB  HB2  sing N N 106 
CYS CB  HB3  sing N N 107 
CYS SG  HG   sing N N 108 
CYS OXT HXT  sing N N 109 
GLN N   CA   sing N N 110 
GLN N   H    sing N N 111 
GLN N   H2   sing N N 112 
GLN CA  C    sing N N 113 
GLN CA  CB   sing N N 114 
GLN CA  HA   sing N N 115 
GLN C   O    doub N N 116 
GLN C   OXT  sing N N 117 
GLN CB  CG   sing N N 118 
GLN CB  HB2  sing N N 119 
GLN CB  HB3  sing N N 120 
GLN CG  CD   sing N N 121 
GLN CG  HG2  sing N N 122 
GLN CG  HG3  sing N N 123 
GLN CD  OE1  doub N N 124 
GLN CD  NE2  sing N N 125 
GLN NE2 HE21 sing N N 126 
GLN NE2 HE22 sing N N 127 
GLN OXT HXT  sing N N 128 
GLU N   CA   sing N N 129 
GLU N   H    sing N N 130 
GLU N   H2   sing N N 131 
GLU CA  C    sing N N 132 
GLU CA  CB   sing N N 133 
GLU CA  HA   sing N N 134 
GLU C   O    doub N N 135 
GLU C   OXT  sing N N 136 
GLU CB  CG   sing N N 137 
GLU CB  HB2  sing N N 138 
GLU CB  HB3  sing N N 139 
GLU CG  CD   sing N N 140 
GLU CG  HG2  sing N N 141 
GLU CG  HG3  sing N N 142 
GLU CD  OE1  doub N N 143 
GLU CD  OE2  sing N N 144 
GLU OE2 HE2  sing N N 145 
GLU OXT HXT  sing N N 146 
GLY N   CA   sing N N 147 
GLY N   H    sing N N 148 
GLY N   H2   sing N N 149 
GLY CA  C    sing N N 150 
GLY CA  HA2  sing N N 151 
GLY CA  HA3  sing N N 152 
GLY C   O    doub N N 153 
GLY C   OXT  sing N N 154 
GLY OXT HXT  sing N N 155 
HIS N   CA   sing N N 156 
HIS N   H    sing N N 157 
HIS N   H2   sing N N 158 
HIS CA  C    sing N N 159 
HIS CA  CB   sing N N 160 
HIS CA  HA   sing N N 161 
HIS C   O    doub N N 162 
HIS C   OXT  sing N N 163 
HIS CB  CG   sing N N 164 
HIS CB  HB2  sing N N 165 
HIS CB  HB3  sing N N 166 
HIS CG  ND1  sing Y N 167 
HIS CG  CD2  doub Y N 168 
HIS ND1 CE1  doub Y N 169 
HIS ND1 HD1  sing N N 170 
HIS CD2 NE2  sing Y N 171 
HIS CD2 HD2  sing N N 172 
HIS CE1 NE2  sing Y N 173 
HIS CE1 HE1  sing N N 174 
HIS NE2 HE2  sing N N 175 
HIS OXT HXT  sing N N 176 
HOH O   H1   sing N N 177 
HOH O   H2   sing N N 178 
ILE N   CA   sing N N 179 
ILE N   H    sing N N 180 
ILE N   H2   sing N N 181 
ILE CA  C    sing N N 182 
ILE CA  CB   sing N N 183 
ILE CA  HA   sing N N 184 
ILE C   O    doub N N 185 
ILE C   OXT  sing N N 186 
ILE CB  CG1  sing N N 187 
ILE CB  CG2  sing N N 188 
ILE CB  HB   sing N N 189 
ILE CG1 CD1  sing N N 190 
ILE CG1 HG12 sing N N 191 
ILE CG1 HG13 sing N N 192 
ILE CG2 HG21 sing N N 193 
ILE CG2 HG22 sing N N 194 
ILE CG2 HG23 sing N N 195 
ILE CD1 HD11 sing N N 196 
ILE CD1 HD12 sing N N 197 
ILE CD1 HD13 sing N N 198 
ILE OXT HXT  sing N N 199 
LEU N   CA   sing N N 200 
LEU N   H    sing N N 201 
LEU N   H2   sing N N 202 
LEU CA  C    sing N N 203 
LEU CA  CB   sing N N 204 
LEU CA  HA   sing N N 205 
LEU C   O    doub N N 206 
LEU C   OXT  sing N N 207 
LEU CB  CG   sing N N 208 
LEU CB  HB2  sing N N 209 
LEU CB  HB3  sing N N 210 
LEU CG  CD1  sing N N 211 
LEU CG  CD2  sing N N 212 
LEU CG  HG   sing N N 213 
LEU CD1 HD11 sing N N 214 
LEU CD1 HD12 sing N N 215 
LEU CD1 HD13 sing N N 216 
LEU CD2 HD21 sing N N 217 
LEU CD2 HD22 sing N N 218 
LEU CD2 HD23 sing N N 219 
LEU OXT HXT  sing N N 220 
LYS N   CA   sing N N 221 
LYS N   H    sing N N 222 
LYS N   H2   sing N N 223 
LYS CA  C    sing N N 224 
LYS CA  CB   sing N N 225 
LYS CA  HA   sing N N 226 
LYS C   O    doub N N 227 
LYS C   OXT  sing N N 228 
LYS CB  CG   sing N N 229 
LYS CB  HB2  sing N N 230 
LYS CB  HB3  sing N N 231 
LYS CG  CD   sing N N 232 
LYS CG  HG2  sing N N 233 
LYS CG  HG3  sing N N 234 
LYS CD  CE   sing N N 235 
LYS CD  HD2  sing N N 236 
LYS CD  HD3  sing N N 237 
LYS CE  NZ   sing N N 238 
LYS CE  HE2  sing N N 239 
LYS CE  HE3  sing N N 240 
LYS NZ  HZ1  sing N N 241 
LYS NZ  HZ2  sing N N 242 
LYS NZ  HZ3  sing N N 243 
LYS OXT HXT  sing N N 244 
MET N   CA   sing N N 245 
MET N   H    sing N N 246 
MET N   H2   sing N N 247 
MET CA  C    sing N N 248 
MET CA  CB   sing N N 249 
MET CA  HA   sing N N 250 
MET C   O    doub N N 251 
MET C   OXT  sing N N 252 
MET CB  CG   sing N N 253 
MET CB  HB2  sing N N 254 
MET CB  HB3  sing N N 255 
MET CG  SD   sing N N 256 
MET CG  HG2  sing N N 257 
MET CG  HG3  sing N N 258 
MET SD  CE   sing N N 259 
MET CE  HE1  sing N N 260 
MET CE  HE2  sing N N 261 
MET CE  HE3  sing N N 262 
MET OXT HXT  sing N N 263 
PHE N   CA   sing N N 264 
PHE N   H    sing N N 265 
PHE N   H2   sing N N 266 
PHE CA  C    sing N N 267 
PHE CA  CB   sing N N 268 
PHE CA  HA   sing N N 269 
PHE C   O    doub N N 270 
PHE C   OXT  sing N N 271 
PHE CB  CG   sing N N 272 
PHE CB  HB2  sing N N 273 
PHE CB  HB3  sing N N 274 
PHE CG  CD1  doub Y N 275 
PHE CG  CD2  sing Y N 276 
PHE CD1 CE1  sing Y N 277 
PHE CD1 HD1  sing N N 278 
PHE CD2 CE2  doub Y N 279 
PHE CD2 HD2  sing N N 280 
PHE CE1 CZ   doub Y N 281 
PHE CE1 HE1  sing N N 282 
PHE CE2 CZ   sing Y N 283 
PHE CE2 HE2  sing N N 284 
PHE CZ  HZ   sing N N 285 
PHE OXT HXT  sing N N 286 
PRO N   CA   sing N N 287 
PRO N   CD   sing N N 288 
PRO N   H    sing N N 289 
PRO CA  C    sing N N 290 
PRO CA  CB   sing N N 291 
PRO CA  HA   sing N N 292 
PRO C   O    doub N N 293 
PRO C   OXT  sing N N 294 
PRO CB  CG   sing N N 295 
PRO CB  HB2  sing N N 296 
PRO CB  HB3  sing N N 297 
PRO CG  CD   sing N N 298 
PRO CG  HG2  sing N N 299 
PRO CG  HG3  sing N N 300 
PRO CD  HD2  sing N N 301 
PRO CD  HD3  sing N N 302 
PRO OXT HXT  sing N N 303 
SER N   CA   sing N N 304 
SER N   H    sing N N 305 
SER N   H2   sing N N 306 
SER CA  C    sing N N 307 
SER CA  CB   sing N N 308 
SER CA  HA   sing N N 309 
SER C   O    doub N N 310 
SER C   OXT  sing N N 311 
SER CB  OG   sing N N 312 
SER CB  HB2  sing N N 313 
SER CB  HB3  sing N N 314 
SER OG  HG   sing N N 315 
SER OXT HXT  sing N N 316 
SO4 S   O1   doub N N 317 
SO4 S   O2   doub N N 318 
SO4 S   O3   sing N N 319 
SO4 S   O4   sing N N 320 
THR N   CA   sing N N 321 
THR N   H    sing N N 322 
THR N   H2   sing N N 323 
THR CA  C    sing N N 324 
THR CA  CB   sing N N 325 
THR CA  HA   sing N N 326 
THR C   O    doub N N 327 
THR C   OXT  sing N N 328 
THR CB  OG1  sing N N 329 
THR CB  CG2  sing N N 330 
THR CB  HB   sing N N 331 
THR OG1 HG1  sing N N 332 
THR CG2 HG21 sing N N 333 
THR CG2 HG22 sing N N 334 
THR CG2 HG23 sing N N 335 
THR OXT HXT  sing N N 336 
TYR N   CA   sing N N 337 
TYR N   H    sing N N 338 
TYR N   H2   sing N N 339 
TYR CA  C    sing N N 340 
TYR CA  CB   sing N N 341 
TYR CA  HA   sing N N 342 
TYR C   O    doub N N 343 
TYR C   OXT  sing N N 344 
TYR CB  CG   sing N N 345 
TYR CB  HB2  sing N N 346 
TYR CB  HB3  sing N N 347 
TYR CG  CD1  doub Y N 348 
TYR CG  CD2  sing Y N 349 
TYR CD1 CE1  sing Y N 350 
TYR CD1 HD1  sing N N 351 
TYR CD2 CE2  doub Y N 352 
TYR CD2 HD2  sing N N 353 
TYR CE1 CZ   doub Y N 354 
TYR CE1 HE1  sing N N 355 
TYR CE2 CZ   sing Y N 356 
TYR CE2 HE2  sing N N 357 
TYR CZ  OH   sing N N 358 
TYR OH  HH   sing N N 359 
TYR OXT HXT  sing N N 360 
VAL N   CA   sing N N 361 
VAL N   H    sing N N 362 
VAL N   H2   sing N N 363 
VAL CA  C    sing N N 364 
VAL CA  CB   sing N N 365 
VAL CA  HA   sing N N 366 
VAL C   O    doub N N 367 
VAL C   OXT  sing N N 368 
VAL CB  CG1  sing N N 369 
VAL CB  CG2  sing N N 370 
VAL CB  HB   sing N N 371 
VAL CG1 HG11 sing N N 372 
VAL CG1 HG12 sing N N 373 
VAL CG1 HG13 sing N N 374 
VAL CG2 HG21 sing N N 375 
VAL CG2 HG22 sing N N 376 
VAL CG2 HG23 sing N N 377 
VAL OXT HXT  sing N N 378 
# 
_pdbx_initial_refinement_model.id               1 
_pdbx_initial_refinement_model.entity_id_list   ? 
_pdbx_initial_refinement_model.type             'experimental model' 
_pdbx_initial_refinement_model.source_name      PDB 
_pdbx_initial_refinement_model.accession_code   5W2X 
_pdbx_initial_refinement_model.details          ? 
# 
_atom_sites.entry_id                    5W30 
_atom_sites.fract_transf_matrix[1][1]   -0.00558037 
_atom_sites.fract_transf_matrix[1][2]   0.00212893 
_atom_sites.fract_transf_matrix[1][3]   -0.00231659 
_atom_sites.fract_transf_matrix[2][1]   -0.00383468 
_atom_sites.fract_transf_matrix[2][2]   0.00358332 
_atom_sites.fract_transf_matrix[2][3]   0.00367314 
_atom_sites.fract_transf_matrix[3][1]   0.00889950 
_atom_sites.fract_transf_matrix[3][2]   0.01621959 
_atom_sites.fract_transf_matrix[3][3]   -0.00653209 
_atom_sites.fract_transf_vector[1]      -0.118535 
_atom_sites.fract_transf_vector[2]      -0.500977 
_atom_sites.fract_transf_vector[3]      0.322405 
# 
loop_
_atom_type.symbol 
C 
N 
O 
S 
# 
loop_
_atom_site.group_PDB 
_atom_site.id 
_atom_site.type_symbol 
_atom_site.label_atom_id 
_atom_site.label_alt_id 
_atom_site.label_comp_id 
_atom_site.label_asym_id 
_atom_site.label_entity_id 
_atom_site.label_seq_id 
_atom_site.pdbx_PDB_ins_code 
_atom_site.Cartn_x 
_atom_site.Cartn_y 
_atom_site.Cartn_z 
_atom_site.occupancy 
_atom_site.B_iso_or_equiv 
_atom_site.pdbx_formal_charge 
_atom_site.auth_seq_id 
_atom_site.auth_comp_id 
_atom_site.auth_asym_id 
_atom_site.auth_atom_id 
_atom_site.pdbx_PDB_model_num 
ATOM   1    N N   . MET A 1 1   ? -48.088 40.893  -29.435 1.00 103.53 ? 21  MET A N   1 
ATOM   2    C CA  . MET A 1 1   ? -46.667 41.038  -28.974 1.00 97.90  ? 21  MET A CA  1 
ATOM   3    C C   . MET A 1 1   ? -46.537 42.025  -27.781 1.00 81.95  ? 21  MET A C   1 
ATOM   4    O O   . MET A 1 1   ? -47.367 42.885  -27.586 1.00 78.17  ? 21  MET A O   1 
ATOM   5    C CB  . MET A 1 1   ? -45.764 41.352  -30.184 1.00 104.01 ? 21  MET A CB  1 
ATOM   6    C CG  . MET A 1 1   ? -44.266 41.413  -29.927 1.00 114.13 ? 21  MET A CG  1 
ATOM   7    S SD  . MET A 1 1   ? -43.715 43.081  -29.479 1.00 140.52 ? 21  MET A SD  1 
ATOM   8    C CE  . MET A 1 1   ? -43.917 43.980  -31.034 1.00 127.11 ? 21  MET A CE  1 
ATOM   9    N N   . LYS A 1 2   ? -45.511 41.844  -26.964 1.00 79.70  ? 22  LYS A N   1 
ATOM   10   C CA  . LYS A 1 2   ? -45.297 42.608  -25.742 1.00 80.80  ? 22  LYS A CA  1 
ATOM   11   C C   . LYS A 1 2   ? -43.818 42.521  -25.385 1.00 89.66  ? 22  LYS A C   1 
ATOM   12   O O   . LYS A 1 2   ? -43.121 41.625  -25.856 1.00 104.91 ? 22  LYS A O   1 
ATOM   13   C CB  . LYS A 1 2   ? -46.139 42.049  -24.606 1.00 74.15  ? 22  LYS A CB  1 
ATOM   14   C CG  . LYS A 1 2   ? -47.283 42.934  -24.209 1.00 82.45  ? 22  LYS A CG  1 
ATOM   15   C CD  . LYS A 1 2   ? -48.484 42.107  -23.779 1.00 96.51  ? 22  LYS A CD  1 
ATOM   16   C CE  . LYS A 1 2   ? -49.337 42.812  -22.719 1.00 105.68 ? 22  LYS A CE  1 
ATOM   17   N NZ  . LYS A 1 2   ? -49.829 44.175  -23.099 1.00 100.50 ? 22  LYS A NZ  1 
ATOM   18   N N   . GLU A 1 3   ? -43.348 43.442  -24.545 1.00 92.25  ? 23  GLU A N   1 
ATOM   19   C CA  . GLU A 1 3   ? -41.919 43.572  -24.248 1.00 84.37  ? 23  GLU A CA  1 
ATOM   20   C C   . GLU A 1 3   ? -41.635 43.356  -22.779 1.00 81.84  ? 23  GLU A C   1 
ATOM   21   O O   . GLU A 1 3   ? -42.400 43.800  -21.913 1.00 83.55  ? 23  GLU A O   1 
ATOM   22   C CB  . GLU A 1 3   ? -41.396 44.933  -24.687 1.00 90.13  ? 23  GLU A CB  1 
ATOM   23   C CG  . GLU A 1 3   ? -41.534 45.188  -26.181 1.00 102.68 ? 23  GLU A CG  1 
ATOM   24   C CD  . GLU A 1 3   ? -40.902 46.498  -26.609 1.00 109.07 ? 23  GLU A CD  1 
ATOM   25   O OE1 . GLU A 1 3   ? -41.606 47.321  -27.231 1.00 103.85 ? 23  GLU A OE1 1 
ATOM   26   O OE2 . GLU A 1 3   ? -39.701 46.698  -26.320 1.00 119.88 ? 23  GLU A OE2 1 
ATOM   27   N N   . TYR A 1 4   ? -40.539 42.653  -22.503 1.00 77.10  ? 24  TYR A N   1 
ATOM   28   C CA  . TYR A 1 4   ? -40.218 42.253  -21.134 1.00 76.38  ? 24  TYR A CA  1 
ATOM   29   C C   . TYR A 1 4   ? -38.788 42.617  -20.778 1.00 74.12  ? 24  TYR A C   1 
ATOM   30   O O   . TYR A 1 4   ? -37.952 42.819  -21.664 1.00 71.81  ? 24  TYR A O   1 
ATOM   31   C CB  . TYR A 1 4   ? -40.466 40.751  -20.938 1.00 72.49  ? 24  TYR A CB  1 
ATOM   32   C CG  . TYR A 1 4   ? -41.900 40.295  -21.208 1.00 72.68  ? 24  TYR A CG  1 
ATOM   33   C CD1 . TYR A 1 4   ? -42.447 40.283  -22.534 1.00 66.28  ? 24  TYR A CD1 1 
ATOM   34   C CD2 . TYR A 1 4   ? -42.709 39.829  -20.150 1.00 68.79  ? 24  TYR A CD2 1 
ATOM   35   C CE1 . TYR A 1 4   ? -43.757 39.860  -22.777 1.00 66.40  ? 24  TYR A CE1 1 
ATOM   36   C CE2 . TYR A 1 4   ? -44.020 39.391  -20.387 1.00 74.68  ? 24  TYR A CE2 1 
ATOM   37   C CZ  . TYR A 1 4   ? -44.548 39.409  -21.691 1.00 73.45  ? 24  TYR A CZ  1 
ATOM   38   O OH  . TYR A 1 4   ? -45.856 38.972  -21.886 1.00 73.27  ? 24  TYR A OH  1 
ATOM   39   N N   . THR A 1 5   ? -38.529 42.718  -19.481 1.00 70.20  ? 25  THR A N   1 
ATOM   40   C CA  . THR A 1 5   ? -37.211 43.020  -18.963 1.00 80.31  ? 25  THR A CA  1 
ATOM   41   C C   . THR A 1 5   ? -36.953 41.939  -17.967 1.00 80.56  ? 25  THR A C   1 
ATOM   42   O O   . THR A 1 5   ? -37.766 41.747  -17.054 1.00 85.87  ? 25  THR A O   1 
ATOM   43   C CB  . THR A 1 5   ? -37.180 44.373  -18.200 1.00 86.61  ? 25  THR A CB  1 
ATOM   44   O OG1 . THR A 1 5   ? -37.658 45.424  -19.050 1.00 98.84  ? 25  THR A OG1 1 
ATOM   45   C CG2 . THR A 1 5   ? -35.751 44.723  -17.697 1.00 85.12  ? 25  THR A CG2 1 
ATOM   46   N N   . LEU A 1 6   ? -35.820 41.255  -18.106 1.00 79.52  ? 26  LEU A N   1 
ATOM   47   C CA  . LEU A 1 6   ? -35.423 40.222  -17.124 1.00 83.72  ? 26  LEU A CA  1 
ATOM   48   C C   . LEU A 1 6   ? -35.431 40.783  -15.718 1.00 81.47  ? 26  LEU A C   1 
ATOM   49   O O   . LEU A 1 6   ? -35.039 41.923  -15.514 1.00 98.38  ? 26  LEU A O   1 
ATOM   50   C CB  . LEU A 1 6   ? -34.026 39.677  -17.405 1.00 78.04  ? 26  LEU A CB  1 
ATOM   51   C CG  . LEU A 1 6   ? -33.625 39.354  -18.834 1.00 80.39  ? 26  LEU A CG  1 
ATOM   52   C CD1 . LEU A 1 6   ? -33.056 40.570  -19.581 1.00 89.02  ? 26  LEU A CD1 1 
ATOM   53   C CD2 . LEU A 1 6   ? -32.589 38.283  -18.676 1.00 71.84  ? 26  LEU A CD2 1 
ATOM   54   N N   . ASP A 1 7   ? -35.926 40.012  -14.764 1.00 80.89  ? 27  ASP A N   1 
ATOM   55   C CA  . ASP A 1 7   ? -35.649 40.280  -13.364 1.00 83.97  ? 27  ASP A CA  1 
ATOM   56   C C   . ASP A 1 7   ? -34.405 39.439  -13.080 1.00 81.34  ? 27  ASP A C   1 
ATOM   57   O O   . ASP A 1 7   ? -34.505 38.225  -12.915 1.00 87.61  ? 27  ASP A O   1 
ATOM   58   C CB  . ASP A 1 7   ? -36.874 39.931  -12.480 1.00 89.49  ? 27  ASP A CB  1 
ATOM   59   C CG  . ASP A 1 7   ? -36.517 39.611  -11.000 1.00 99.03  ? 27  ASP A CG  1 
ATOM   60   O OD1 . ASP A 1 7   ? -35.476 40.078  -10.458 1.00 99.71  ? 27  ASP A OD1 1 
ATOM   61   O OD2 . ASP A 1 7   ? -37.314 38.878  -10.369 1.00 97.35  ? 27  ASP A OD2 1 
ATOM   62   N N   . LYS A 1 8   ? -33.240 40.093  -13.053 1.00 81.27  ? 28  LYS A N   1 
ATOM   63   C CA  . LYS A 1 8   ? -31.931 39.428  -12.885 1.00 78.09  ? 28  LYS A CA  1 
ATOM   64   C C   . LYS A 1 8   ? -31.771 38.635  -11.563 1.00 79.94  ? 28  LYS A C   1 
ATOM   65   O O   . LYS A 1 8   ? -30.962 37.685  -11.495 1.00 80.73  ? 28  LYS A O   1 
ATOM   66   C CB  . LYS A 1 8   ? -30.762 40.419  -13.060 1.00 78.56  ? 28  LYS A CB  1 
ATOM   67   C CG  . LYS A 1 8   ? -30.440 40.889  -14.486 1.00 83.54  ? 28  LYS A CG  1 
ATOM   68   C CD  . LYS A 1 8   ? -28.922 40.984  -14.692 1.00 94.14  ? 28  LYS A CD  1 
ATOM   69   C CE  . LYS A 1 8   ? -28.428 42.302  -15.282 1.00 95.38  ? 28  LYS A CE  1 
ATOM   70   N NZ  . LYS A 1 8   ? -28.857 42.528  -16.687 1.00 92.30  ? 28  LYS A NZ  1 
ATOM   71   N N   . ALA A 1 9   ? -32.544 39.010  -10.537 1.00 77.41  ? 29  ALA A N   1 
ATOM   72   C CA  . ALA A 1 9   ? -32.496 38.347  -9.231  1.00 80.35  ? 29  ALA A CA  1 
ATOM   73   C C   . ALA A 1 9   ? -33.078 36.917  -9.239  1.00 84.77  ? 29  ALA A C   1 
ATOM   74   O O   . ALA A 1 9   ? -32.673 36.082  -8.432  1.00 84.01  ? 29  ALA A O   1 
ATOM   75   C CB  . ALA A 1 9   ? -33.178 39.208  -8.185  1.00 79.09  ? 29  ALA A CB  1 
ATOM   76   N N   . HIS A 1 10  ? -34.020 36.651  -10.152 1.00 92.00  ? 30  HIS A N   1 
ATOM   77   C CA  . HIS A 1 10  ? -34.657 35.326  -10.319 1.00 96.36  ? 30  HIS A CA  1 
ATOM   78   C C   . HIS A 1 10  ? -34.465 34.747  -11.746 1.00 91.95  ? 30  HIS A C   1 
ATOM   79   O O   . HIS A 1 10  ? -35.261 33.933  -12.233 1.00 89.67  ? 30  HIS A O   1 
ATOM   80   C CB  . HIS A 1 10  ? -36.147 35.410  -9.956  1.00 106.15 ? 30  HIS A CB  1 
ATOM   81   C CG  . HIS A 1 10  ? -36.405 35.879  -8.559  1.00 113.48 ? 30  HIS A CG  1 
ATOM   82   N ND1 . HIS A 1 10  ? -36.777 37.176  -8.266  1.00 112.59 ? 30  HIS A ND1 1 
ATOM   83   C CD2 . HIS A 1 10  ? -36.338 35.228  -7.373  1.00 116.62 ? 30  HIS A CD2 1 
ATOM   84   C CE1 . HIS A 1 10  ? -36.935 37.303  -6.961  1.00 119.90 ? 30  HIS A CE1 1 
ATOM   85   N NE2 . HIS A 1 10  ? -36.675 36.135  -6.396  1.00 129.62 ? 30  HIS A NE2 1 
ATOM   86   N N   . THR A 1 11  ? -33.409 35.213  -12.408 1.00 88.39  ? 31  THR A N   1 
ATOM   87   C CA  . THR A 1 11  ? -32.953 34.733  -13.715 1.00 77.38  ? 31  THR A CA  1 
ATOM   88   C C   . THR A 1 11  ? -31.534 34.184  -13.531 1.00 79.24  ? 31  THR A C   1 
ATOM   89   O O   . THR A 1 11  ? -30.789 34.587  -12.616 1.00 86.62  ? 31  THR A O   1 
ATOM   90   C CB  . THR A 1 11  ? -33.047 35.843  -14.801 1.00 71.69  ? 31  THR A CB  1 
ATOM   91   O OG1 . THR A 1 11  ? -34.415 36.028  -15.171 1.00 75.13  ? 31  THR A OG1 1 
ATOM   92   C CG2 . THR A 1 11  ? -32.279 35.508  -16.059 1.00 67.19  ? 31  THR A CG2 1 
ATOM   93   N N   . ASP A 1 12  ? -31.178 33.255  -14.406 1.00 80.90  ? 32  ASP A N   1 
ATOM   94   C CA  . ASP A 1 12  ? -30.030 32.414  -14.207 1.00 82.99  ? 32  ASP A CA  1 
ATOM   95   C C   . ASP A 1 12  ? -29.459 31.891  -15.535 1.00 78.75  ? 32  ASP A C   1 
ATOM   96   O O   . ASP A 1 12  ? -30.057 31.010  -16.167 1.00 75.73  ? 32  ASP A O   1 
ATOM   97   C CB  . ASP A 1 12  ? -30.483 31.273  -13.322 1.00 87.53  ? 32  ASP A CB  1 
ATOM   98   C CG  . ASP A 1 12  ? -29.422 30.827  -12.429 1.00 108.37 ? 32  ASP A CG  1 
ATOM   99   O OD1 . ASP A 1 12  ? -28.625 29.965  -12.866 1.00 128.40 ? 32  ASP A OD1 1 
ATOM   100  O OD2 . ASP A 1 12  ? -29.378 31.359  -11.301 1.00 121.92 ? 32  ASP A OD2 1 
ATOM   101  N N   . VAL A 1 13  ? -28.319 32.436  -15.971 1.00 69.88  ? 33  VAL A N   1 
ATOM   102  C CA  . VAL A 1 13  ? -27.803 32.068  -17.289 1.00 64.62  ? 33  VAL A CA  1 
ATOM   103  C C   . VAL A 1 13  ? -26.732 31.037  -17.057 1.00 68.68  ? 33  VAL A C   1 
ATOM   104  O O   . VAL A 1 13  ? -25.599 31.394  -16.761 1.00 84.08  ? 33  VAL A O   1 
ATOM   105  C CB  . VAL A 1 13  ? -27.318 33.301  -18.080 1.00 59.99  ? 33  VAL A CB  1 
ATOM   106  C CG1 . VAL A 1 13  ? -26.794 32.924  -19.461 1.00 51.63  ? 33  VAL A CG1 1 
ATOM   107  C CG2 . VAL A 1 13  ? -28.462 34.292  -18.222 1.00 56.00  ? 33  VAL A CG2 1 
ATOM   108  N N   . GLY A 1 14  ? -27.104 29.761  -17.171 1.00 71.89  ? 34  GLY A N   1 
ATOM   109  C CA  . GLY A 1 14  ? -26.293 28.649  -16.640 1.00 73.41  ? 34  GLY A CA  1 
ATOM   110  C C   . GLY A 1 14  ? -25.828 27.562  -17.594 1.00 75.61  ? 34  GLY A C   1 
ATOM   111  O O   . GLY A 1 14  ? -26.362 27.412  -18.695 1.00 77.01  ? 34  GLY A O   1 
ATOM   112  N N   . PHE A 1 15  ? -24.826 26.793  -17.157 1.00 76.26  ? 35  PHE A N   1 
ATOM   113  C CA  . PHE A 1 15  ? -24.228 25.709  -17.963 1.00 71.32  ? 35  PHE A CA  1 
ATOM   114  C C   . PHE A 1 15  ? -23.689 24.595  -17.067 1.00 69.74  ? 35  PHE A C   1 
ATOM   115  O O   . PHE A 1 15  ? -23.447 24.838  -15.885 1.00 68.00  ? 35  PHE A O   1 
ATOM   116  C CB  . PHE A 1 15  ? -23.130 26.248  -18.889 1.00 76.95  ? 35  PHE A CB  1 
ATOM   117  C CG  . PHE A 1 15  ? -21.953 26.846  -18.159 1.00 82.33  ? 35  PHE A CG  1 
ATOM   118  C CD1 . PHE A 1 15  ? -21.998 28.155  -17.686 1.00 85.54  ? 35  PHE A CD1 1 
ATOM   119  C CD2 . PHE A 1 15  ? -20.799 26.102  -17.949 1.00 81.32  ? 35  PHE A CD2 1 
ATOM   120  C CE1 . PHE A 1 15  ? -20.926 28.707  -17.007 1.00 84.70  ? 35  PHE A CE1 1 
ATOM   121  C CE2 . PHE A 1 15  ? -19.728 26.647  -17.277 1.00 82.20  ? 35  PHE A CE2 1 
ATOM   122  C CZ  . PHE A 1 15  ? -19.790 27.949  -16.809 1.00 85.53  ? 35  PHE A CZ  1 
ATOM   123  N N   . LYS A 1 16  ? -23.546 23.388  -17.640 1.00 70.26  ? 36  LYS A N   1 
ATOM   124  C CA  . LYS A 1 16  ? -22.964 22.182  -17.004 1.00 68.08  ? 36  LYS A CA  1 
ATOM   125  C C   . LYS A 1 16  ? -22.062 21.525  -18.014 1.00 65.09  ? 36  LYS A C   1 
ATOM   126  O O   . LYS A 1 16  ? -22.448 21.352  -19.184 1.00 64.75  ? 36  LYS A O   1 
ATOM   127  C CB  . LYS A 1 16  ? -24.025 21.154  -16.589 1.00 75.26  ? 36  LYS A CB  1 
ATOM   128  C CG  . LYS A 1 16  ? -24.254 21.059  -15.090 1.00 94.52  ? 36  LYS A CG  1 
ATOM   129  C CD  . LYS A 1 16  ? -25.459 20.182  -14.731 1.00 117.07 ? 36  LYS A CD  1 
ATOM   130  C CE  . LYS A 1 16  ? -25.936 20.410  -13.286 1.00 129.34 ? 36  LYS A CE  1 
ATOM   131  N NZ  . LYS A 1 16  ? -27.108 19.570  -12.880 1.00 119.26 ? 36  LYS A NZ  1 
ATOM   132  N N   . ILE A 1 17  ? -20.860 21.169  -17.570 1.00 61.06  ? 37  ILE A N   1 
ATOM   133  C CA  . ILE A 1 17  ? -19.905 20.436  -18.417 1.00 61.02  ? 37  ILE A CA  1 
ATOM   134  C C   . ILE A 1 17  ? -19.134 19.399  -17.598 1.00 65.80  ? 37  ILE A C   1 
ATOM   135  O O   . ILE A 1 17  ? -18.713 19.661  -16.450 1.00 62.88  ? 37  ILE A O   1 
ATOM   136  C CB  . ILE A 1 17  ? -18.969 21.387  -19.206 1.00 59.42  ? 37  ILE A CB  1 
ATOM   137  C CG1 . ILE A 1 17  ? -18.111 20.610  -20.209 1.00 54.60  ? 37  ILE A CG1 1 
ATOM   138  C CG2 . ILE A 1 17  ? -18.181 22.306  -18.255 1.00 60.74  ? 37  ILE A CG2 1 
ATOM   139  C CD1 . ILE A 1 17  ? -17.353 21.487  -21.164 1.00 51.91  ? 37  ILE A CD1 1 
ATOM   140  N N   . LYS A 1 18  ? -18.975 18.221  -18.194 1.00 69.36  ? 38  LYS A N   1 
ATOM   141  C CA  . LYS A 1 18  ? -18.376 17.091  -17.510 1.00 71.49  ? 38  LYS A CA  1 
ATOM   142  C C   . LYS A 1 18  ? -16.870 17.106  -17.724 1.00 71.92  ? 38  LYS A C   1 
ATOM   143  O O   . LYS A 1 18  ? -16.420 17.167  -18.877 1.00 72.83  ? 38  LYS A O   1 
ATOM   144  C CB  . LYS A 1 18  ? -18.969 15.787  -18.061 1.00 77.87  ? 38  LYS A CB  1 
ATOM   145  C CG  . LYS A 1 18  ? -20.278 15.362  -17.427 1.00 82.49  ? 38  LYS A CG  1 
ATOM   146  C CD  . LYS A 1 18  ? -20.975 14.346  -18.314 1.00 93.18  ? 38  LYS A CD  1 
ATOM   147  C CE  . LYS A 1 18  ? -22.302 13.893  -17.716 1.00 98.45  ? 38  LYS A CE  1 
ATOM   148  N NZ  . LYS A 1 18  ? -22.711 12.592  -18.330 1.00 108.78 ? 38  LYS A NZ  1 
ATOM   149  N N   . HIS A 1 19  ? -16.092 17.054  -16.635 1.00 70.32  ? 39  HIS A N   1 
ATOM   150  C CA  . HIS A 1 19  ? -14.646 16.758  -16.745 1.00 76.06  ? 39  HIS A CA  1 
ATOM   151  C C   . HIS A 1 19  ? -14.120 15.619  -15.847 1.00 81.30  ? 39  HIS A C   1 
ATOM   152  O O   . HIS A 1 19  ? -14.750 15.267  -14.841 1.00 80.71  ? 39  HIS A O   1 
ATOM   153  C CB  . HIS A 1 19  ? -13.774 18.033  -16.652 1.00 76.34  ? 39  HIS A CB  1 
ATOM   154  C CG  . HIS A 1 19  ? -13.468 18.500  -15.253 1.00 82.97  ? 39  HIS A CG  1 
ATOM   155  N ND1 . HIS A 1 19  ? -14.365 18.398  -14.203 1.00 76.95  ? 39  HIS A ND1 1 
ATOM   156  C CD2 . HIS A 1 19  ? -12.368 19.118  -14.750 1.00 87.72  ? 39  HIS A CD2 1 
ATOM   157  C CE1 . HIS A 1 19  ? -13.824 18.910  -13.111 1.00 76.48  ? 39  HIS A CE1 1 
ATOM   158  N NE2 . HIS A 1 19  ? -12.614 19.358  -13.416 1.00 91.74  ? 39  HIS A NE2 1 
ATOM   159  N N   . LEU A 1 20  ? -12.973 15.055  -16.247 1.00 78.63  ? 40  LEU A N   1 
ATOM   160  C CA  . LEU A 1 20  ? -12.226 14.080  -15.461 1.00 71.20  ? 40  LEU A CA  1 
ATOM   161  C C   . LEU A 1 20  ? -11.198 14.733  -14.563 1.00 77.05  ? 40  LEU A C   1 
ATOM   162  O O   . LEU A 1 20  ? -10.640 15.765  -14.917 1.00 93.77  ? 40  LEU A O   1 
ATOM   163  C CB  . LEU A 1 20  ? -11.506 13.127  -16.388 1.00 64.44  ? 40  LEU A CB  1 
ATOM   164  C CG  . LEU A 1 20  ? -12.428 12.233  -17.213 1.00 69.05  ? 40  LEU A CG  1 
ATOM   165  C CD1 . LEU A 1 20  ? -11.590 11.357  -18.132 1.00 63.91  ? 40  LEU A CD1 1 
ATOM   166  C CD2 . LEU A 1 20  ? -13.352 11.386  -16.334 1.00 70.34  ? 40  LEU A CD2 1 
ATOM   167  N N   . GLN A 1 21  ? -10.965 14.130  -13.398 1.00 84.98  ? 41  GLN A N   1 
ATOM   168  C CA  . GLN A 1 21  ? -9.855  14.481  -12.497 1.00 83.35  ? 41  GLN A CA  1 
ATOM   169  C C   . GLN A 1 21  ? -9.150  13.224  -11.979 1.00 87.08  ? 41  GLN A C   1 
ATOM   170  O O   . GLN A 1 21  ? -9.797  12.260  -11.562 1.00 92.40  ? 41  GLN A O   1 
ATOM   171  C CB  . GLN A 1 21  ? -10.348 15.295  -11.319 1.00 80.82  ? 41  GLN A CB  1 
ATOM   172  C CG  . GLN A 1 21  ? -10.952 16.622  -11.701 1.00 92.58  ? 41  GLN A CG  1 
ATOM   173  C CD  . GLN A 1 21  ? -11.257 17.482  -10.494 1.00 107.26 ? 41  GLN A CD  1 
ATOM   174  O OE1 . GLN A 1 21  ? -12.279 17.299  -9.821  1.00 107.53 ? 41  GLN A OE1 1 
ATOM   175  N NE2 . GLN A 1 21  ? -10.374 18.442  -10.216 1.00 117.73 ? 41  GLN A NE2 1 
ATOM   176  N N   . ILE A 1 22  ? -7.823  13.241  -12.020 1.00 88.66  ? 42  ILE A N   1 
ATOM   177  C CA  . ILE A 1 22  ? -6.988  12.146  -11.511 1.00 80.40  ? 42  ILE A CA  1 
ATOM   178  C C   . ILE A 1 22  ? -6.651  12.443  -10.042 1.00 81.98  ? 42  ILE A C   1 
ATOM   179  O O   . ILE A 1 22  ? -6.436  13.598  -9.688  1.00 88.37  ? 42  ILE A O   1 
ATOM   180  C CB  . ILE A 1 22  ? -5.729  11.994  -12.390 1.00 76.82  ? 42  ILE A CB  1 
ATOM   181  C CG1 . ILE A 1 22  ? -5.042  10.642  -12.171 1.00 77.80  ? 42  ILE A CG1 1 
ATOM   182  C CG2 . ILE A 1 22  ? -4.788  13.184  -12.216 1.00 81.69  ? 42  ILE A CG2 1 
ATOM   183  C CD1 . ILE A 1 22  ? -4.137  10.184  -13.316 1.00 73.01  ? 42  ILE A CD1 1 
ATOM   184  N N   . SER A 1 23  ? -6.677  11.422  -9.184  1.00 88.60  ? 43  SER A N   1 
ATOM   185  C CA  . SER A 1 23  ? -6.288  11.563  -7.761  1.00 88.68  ? 43  SER A CA  1 
ATOM   186  C C   . SER A 1 23  ? -5.673  10.264  -7.206  1.00 95.37  ? 43  SER A C   1 
ATOM   187  O O   . SER A 1 23  ? -5.966  9.162   -7.701  1.00 92.72  ? 43  SER A O   1 
ATOM   188  C CB  . SER A 1 23  ? -7.448  12.066  -6.878  1.00 79.74  ? 43  SER A CB  1 
ATOM   189  O OG  . SER A 1 23  ? -8.369  11.033  -6.581  1.00 81.96  ? 43  SER A OG  1 
ATOM   190  N N   . ASN A 1 24  ? -4.798  10.420  -6.207  1.00 104.19 ? 44  ASN A N   1 
ATOM   191  C CA  . ASN A 1 24  ? -4.155  9.299   -5.510  1.00 98.64  ? 44  ASN A CA  1 
ATOM   192  C C   . ASN A 1 24  ? -5.058  8.826   -4.402  1.00 85.64  ? 44  ASN A C   1 
ATOM   193  O O   . ASN A 1 24  ? -5.457  9.640   -3.569  1.00 83.92  ? 44  ASN A O   1 
ATOM   194  C CB  . ASN A 1 24  ? -2.849  9.754   -4.845  1.00 110.67 ? 44  ASN A CB  1 
ATOM   195  C CG  . ASN A 1 24  ? -1.709  9.933   -5.823  1.00 126.32 ? 44  ASN A CG  1 
ATOM   196  O OD1 . ASN A 1 24  ? -1.515  9.127   -6.744  1.00 122.46 ? 44  ASN A OD1 1 
ATOM   197  N ND2 . ASN A 1 24  ? -0.922  10.990  -5.608  1.00 143.97 ? 44  ASN A ND2 1 
ATOM   198  N N   . VAL A 1 25  ? -5.378  7.531   -4.374  1.00 79.07  ? 45  VAL A N   1 
ATOM   199  C CA  . VAL A 1 25  ? -5.880  6.927   -3.129  1.00 81.20  ? 45  VAL A CA  1 
ATOM   200  C C   . VAL A 1 25  ? -4.684  6.480   -2.281  1.00 83.12  ? 45  VAL A C   1 
ATOM   201  O O   . VAL A 1 25  ? -3.849  5.666   -2.729  1.00 82.58  ? 45  VAL A O   1 
ATOM   202  C CB  . VAL A 1 25  ? -6.850  5.750   -3.332  1.00 79.62  ? 45  VAL A CB  1 
ATOM   203  C CG1 . VAL A 1 25  ? -7.573  5.447   -2.026  1.00 80.18  ? 45  VAL A CG1 1 
ATOM   204  C CG2 . VAL A 1 25  ? -7.877  6.079   -4.389  1.00 83.00  ? 45  VAL A CG2 1 
ATOM   205  N N   . LYS A 1 26  ? -4.596  7.056   -1.081  1.00 74.69  ? 46  LYS A N   1 
ATOM   206  C CA  . LYS A 1 26  ? -3.585  6.695   -0.092  1.00 77.18  ? 46  LYS A CA  1 
ATOM   207  C C   . LYS A 1 26  ? -4.284  5.880   1.003   1.00 82.04  ? 46  LYS A C   1 
ATOM   208  O O   . LYS A 1 26  ? -5.466  6.099   1.274   1.00 97.87  ? 46  LYS A O   1 
ATOM   209  C CB  . LYS A 1 26  ? -2.893  7.948   0.469   1.00 69.64  ? 46  LYS A CB  1 
ATOM   210  N N   . GLY A 1 27  ? -3.579  4.914   1.589   1.00 83.33  ? 47  GLY A N   1 
ATOM   211  C CA  . GLY A 1 27  ? -4.154  4.041   2.611   1.00 77.65  ? 47  GLY A CA  1 
ATOM   212  C C   . GLY A 1 27  ? -3.137  3.121   3.237   1.00 81.80  ? 47  GLY A C   1 
ATOM   213  O O   . GLY A 1 27  ? -2.080  2.864   2.644   1.00 87.93  ? 47  GLY A O   1 
ATOM   214  N N   . CYS A 1 28  ? -3.450  2.655   4.449   1.00 84.58  ? 48  CYS A N   1 
ATOM   215  C CA  . CYS A 1 28  ? -2.642  1.650   5.166   1.00 83.06  ? 48  CYS A CA  1 
ATOM   216  C C   . CYS A 1 28  ? -3.458  0.459   5.593   1.00 80.47  ? 48  CYS A C   1 
ATOM   217  O O   . CYS A 1 28  ? -4.642  0.350   5.279   1.00 87.43  ? 48  CYS A O   1 
ATOM   218  C CB  . CYS A 1 28  ? -1.983  2.230   6.416   1.00 82.40  ? 48  CYS A CB  1 
ATOM   219  S SG  . CYS A 1 28  ? -3.094  3.167   7.469   1.00 106.60 ? 48  CYS A SG  1 
ATOM   220  N N   . PHE A 1 29  ? -2.805  -0.443  6.310   1.00 77.63  ? 49  PHE A N   1 
ATOM   221  C CA  . PHE A 1 29  ? -3.515  -1.475  7.028   1.00 76.41  ? 49  PHE A CA  1 
ATOM   222  C C   . PHE A 1 29  ? -3.214  -1.282  8.496   1.00 81.92  ? 49  PHE A C   1 
ATOM   223  O O   . PHE A 1 29  ? -2.023  -1.200  8.877   1.00 79.84  ? 49  PHE A O   1 
ATOM   224  C CB  . PHE A 1 29  ? -3.112  -2.852  6.539   1.00 68.75  ? 49  PHE A CB  1 
ATOM   225  C CG  . PHE A 1 29  ? -3.488  -3.117  5.108   1.00 70.73  ? 49  PHE A CG  1 
ATOM   226  C CD1 . PHE A 1 29  ? -2.622  -2.771  4.062   1.00 71.53  ? 49  PHE A CD1 1 
ATOM   227  C CD2 . PHE A 1 29  ? -4.700  -3.725  4.790   1.00 67.47  ? 49  PHE A CD2 1 
ATOM   228  C CE1 . PHE A 1 29  ? -2.956  -3.032  2.731   1.00 68.17  ? 49  PHE A CE1 1 
ATOM   229  C CE2 . PHE A 1 29  ? -5.032  -3.980  3.460   1.00 69.84  ? 49  PHE A CE2 1 
ATOM   230  C CZ  . PHE A 1 29  ? -4.162  -3.629  2.431   1.00 67.35  ? 49  PHE A CZ  1 
ATOM   231  N N   . LYS A 1 30  ? -4.298  -1.154  9.284   1.00 84.63  ? 50  LYS A N   1 
ATOM   232  C CA  . LYS A 1 30  ? -4.242  -0.982  10.744  1.00 83.49  ? 50  LYS A CA  1 
ATOM   233  C C   . LYS A 1 30  ? -3.765  -2.274  11.479  1.00 88.48  ? 50  LYS A C   1 
ATOM   234  O O   . LYS A 1 30  ? -3.137  -2.178  12.539  1.00 83.95  ? 50  LYS A O   1 
ATOM   235  C CB  . LYS A 1 30  ? -5.568  -0.415  11.296  1.00 75.44  ? 50  LYS A CB  1 
ATOM   236  N N   . ASP A 1 31  ? -3.987  -3.462  10.897  1.00 88.84  ? 51  ASP A N   1 
ATOM   237  C CA  . ASP A 1 31  ? -3.585  -4.723  11.552  1.00 92.04  ? 51  ASP A CA  1 
ATOM   238  C C   . ASP A 1 31  ? -2.783  -5.781  10.750  1.00 84.41  ? 51  ASP A C   1 
ATOM   239  O O   . ASP A 1 31  ? -3.280  -6.376  9.780   1.00 87.03  ? 51  ASP A O   1 
ATOM   240  C CB  . ASP A 1 31  ? -4.798  -5.376  12.219  1.00 110.69 ? 51  ASP A CB  1 
ATOM   241  C CG  . ASP A 1 31  ? -4.398  -6.455  13.187  1.00 125.20 ? 51  ASP A CG  1 
ATOM   242  O OD1 . ASP A 1 31  ? -3.444  -6.230  13.988  1.00 129.64 ? 51  ASP A OD1 1 
ATOM   243  O OD2 . ASP A 1 31  ? -5.033  -7.529  13.125  1.00 131.19 ? 51  ASP A OD2 1 
ATOM   244  N N   . TYR A 1 32  ? -1.569  -6.050  11.229  1.00 74.19  ? 52  TYR A N   1 
ATOM   245  C CA  . TYR A 1 32  ? -0.553  -6.867  10.531  1.00 72.12  ? 52  TYR A CA  1 
ATOM   246  C C   . TYR A 1 32  ? 0.396   -7.472  11.559  1.00 73.04  ? 52  TYR A C   1 
ATOM   247  O O   . TYR A 1 32  ? 0.556   -6.928  12.652  1.00 76.20  ? 52  TYR A O   1 
ATOM   248  C CB  . TYR A 1 32  ? 0.286   -5.982  9.580   1.00 72.41  ? 52  TYR A CB  1 
ATOM   249  C CG  . TYR A 1 32  ? 0.785   -4.668  10.226  1.00 66.29  ? 52  TYR A CG  1 
ATOM   250  C CD1 . TYR A 1 32  ? -0.035  -3.532  10.242  1.00 66.60  ? 52  TYR A CD1 1 
ATOM   251  C CD2 . TYR A 1 32  ? 2.057   -4.570  10.835  1.00 60.12  ? 52  TYR A CD2 1 
ATOM   252  C CE1 . TYR A 1 32  ? 0.380   -2.343  10.838  1.00 74.38  ? 52  TYR A CE1 1 
ATOM   253  C CE2 . TYR A 1 32  ? 2.479   -3.378  11.440  1.00 62.13  ? 52  TYR A CE2 1 
ATOM   254  C CZ  . TYR A 1 32  ? 1.633   -2.263  11.433  1.00 70.96  ? 52  TYR A CZ  1 
ATOM   255  O OH  . TYR A 1 32  ? 1.971   -1.045  12.000  1.00 74.81  ? 52  TYR A OH  1 
ATOM   256  N N   . SER A 1 33  ? 1.047   -8.572  11.218  1.00 75.54  ? 53  SER A N   1 
ATOM   257  C CA  . SER A 1 33  ? 2.153   -9.060  12.049  1.00 86.17  ? 53  SER A CA  1 
ATOM   258  C C   . SER A 1 33  ? 3.405   -9.244  11.201  1.00 93.40  ? 53  SER A C   1 
ATOM   259  O O   . SER A 1 33  ? 3.313   -9.441  9.977   1.00 96.15  ? 53  SER A O   1 
ATOM   260  C CB  . SER A 1 33  ? 1.804   -10.382 12.734  1.00 84.29  ? 53  SER A CB  1 
ATOM   261  O OG  . SER A 1 33  ? 2.025   -11.477 11.860  1.00 89.23  ? 53  SER A OG  1 
ATOM   262  N N   . ALA A 1 34  ? 4.567   -9.194  11.849  1.00 86.34  ? 54  ALA A N   1 
ATOM   263  C CA  . ALA A 1 34  ? 5.807   -9.481  11.153  1.00 77.31  ? 54  ALA A CA  1 
ATOM   264  C C   . ALA A 1 34  ? 6.844   -10.108 12.031  1.00 72.48  ? 54  ALA A C   1 
ATOM   265  O O   . ALA A 1 34  ? 6.811   -9.957  13.248  1.00 78.76  ? 54  ALA A O   1 
ATOM   266  C CB  . ALA A 1 34  ? 6.370   -8.226  10.505  1.00 80.03  ? 54  ALA A CB  1 
ATOM   267  N N   . VAL A 1 35  ? 7.770   -10.783 11.358  1.00 72.09  ? 55  VAL A N   1 
ATOM   268  C CA  . VAL A 1 35  ? 8.982   -11.390 11.900  1.00 72.79  ? 55  VAL A CA  1 
ATOM   269  C C   . VAL A 1 35  ? 10.203  -10.735 11.222  1.00 74.44  ? 55  VAL A C   1 
ATOM   270  O O   . VAL A 1 35  ? 10.358  -10.773 9.993   1.00 75.20  ? 55  VAL A O   1 
ATOM   271  C CB  . VAL A 1 35  ? 8.967   -12.909 11.616  1.00 73.69  ? 55  VAL A CB  1 
ATOM   272  C CG1 . VAL A 1 35  ? 10.294  -13.589 11.946  1.00 69.26  ? 55  VAL A CG1 1 
ATOM   273  C CG2 . VAL A 1 35  ? 7.809   -13.558 12.351  1.00 75.36  ? 55  VAL A CG2 1 
ATOM   274  N N   . ILE A 1 36  ? 11.066  -10.137 12.034  1.00 73.52  ? 56  ILE A N   1 
ATOM   275  C CA  . ILE A 1 36  ? 12.207  -9.381  11.517  1.00 70.02  ? 56  ILE A CA  1 
ATOM   276  C C   . ILE A 1 36  ? 13.581  -9.829  12.079  1.00 69.43  ? 56  ILE A C   1 
ATOM   277  O O   . ILE A 1 36  ? 13.884  -9.623  13.265  1.00 66.58  ? 56  ILE A O   1 
ATOM   278  C CB  . ILE A 1 36  ? 11.993  -7.862  11.717  1.00 64.34  ? 56  ILE A CB  1 
ATOM   279  C CG1 . ILE A 1 36  ? 10.548  -7.458  11.374  1.00 58.24  ? 56  ILE A CG1 1 
ATOM   280  C CG2 . ILE A 1 36  ? 13.000  -7.094  10.871  1.00 70.61  ? 56  ILE A CG2 1 
ATOM   281  C CD1 . ILE A 1 36  ? 10.112  -6.089  11.887  1.00 59.16  ? 56  ILE A CD1 1 
ATOM   282  N N   . ASP A 1 37  ? 14.396  -10.423 11.203  1.00 68.30  ? 57  ASP A N   1 
ATOM   283  C CA  . ASP A 1 37  ? 15.779  -10.810 11.508  1.00 71.52  ? 57  ASP A CA  1 
ATOM   284  C C   . ASP A 1 37  ? 16.802  -9.994  10.753  1.00 78.45  ? 57  ASP A C   1 
ATOM   285  O O   . ASP A 1 37  ? 16.879  -10.059 9.510   1.00 81.96  ? 57  ASP A O   1 
ATOM   286  C CB  . ASP A 1 37  ? 16.036  -12.259 11.148  1.00 72.32  ? 57  ASP A CB  1 
ATOM   287  C CG  . ASP A 1 37  ? 15.382  -13.228 12.097  1.00 80.59  ? 57  ASP A CG  1 
ATOM   288  O OD1 . ASP A 1 37  ? 14.637  -12.787 13.028  1.00 72.08  ? 57  ASP A OD1 1 
ATOM   289  O OD2 . ASP A 1 37  ? 15.629  -14.451 11.881  1.00 77.59  ? 57  ASP A OD2 1 
ATOM   290  N N   . PHE A 1 38  ? 17.625  -9.279  11.518  1.00 78.12  ? 58  PHE A N   1 
ATOM   291  C CA  . PHE A 1 38  ? 18.540  -8.297  10.964  1.00 79.97  ? 58  PHE A CA  1 
ATOM   292  C C   . PHE A 1 38  ? 19.867  -8.247  11.708  1.00 76.96  ? 58  PHE A C   1 
ATOM   293  O O   . PHE A 1 38  ? 19.890  -8.156  12.928  1.00 84.99  ? 58  PHE A O   1 
ATOM   294  C CB  . PHE A 1 38  ? 17.864  -6.917  10.974  1.00 81.33  ? 58  PHE A CB  1 
ATOM   295  C CG  . PHE A 1 38  ? 18.672  -5.849  10.320  1.00 79.29  ? 58  PHE A CG  1 
ATOM   296  C CD1 . PHE A 1 38  ? 18.881  -5.862  8.940   1.00 75.75  ? 58  PHE A CD1 1 
ATOM   297  C CD2 . PHE A 1 38  ? 19.240  -4.828  11.087  1.00 79.83  ? 58  PHE A CD2 1 
ATOM   298  C CE1 . PHE A 1 38  ? 19.647  -4.868  8.339   1.00 83.31  ? 58  PHE A CE1 1 
ATOM   299  C CE2 . PHE A 1 38  ? 20.002  -3.830  10.494  1.00 77.38  ? 58  PHE A CE2 1 
ATOM   300  C CZ  . PHE A 1 38  ? 20.205  -3.849  9.117   1.00 79.96  ? 58  PHE A CZ  1 
ATOM   301  N N   . ASP A 1 39  ? 20.960  -8.273  10.950  1.00 72.49  ? 59  ASP A N   1 
ATOM   302  C CA  . ASP A 1 39  ? 22.324  -8.259  11.487  1.00 68.59  ? 59  ASP A CA  1 
ATOM   303  C C   . ASP A 1 39  ? 23.004  -6.898  11.354  1.00 67.70  ? 59  ASP A C   1 
ATOM   304  O O   . ASP A 1 39  ? 23.566  -6.597  10.297  1.00 62.11  ? 59  ASP A O   1 
ATOM   305  C CB  . ASP A 1 39  ? 23.185  -9.330  10.793  1.00 68.60  ? 59  ASP A CB  1 
ATOM   306  C CG  . ASP A 1 39  ? 24.605  -9.396  11.331  1.00 70.28  ? 59  ASP A CG  1 
ATOM   307  O OD1 . ASP A 1 39  ? 24.861  -9.087  12.526  1.00 73.02  ? 59  ASP A OD1 1 
ATOM   308  O OD2 . ASP A 1 39  ? 25.475  -9.778  10.538  1.00 76.38  ? 59  ASP A OD2 1 
ATOM   309  N N   . PRO A 1 40  ? 23.020  -6.104  12.442  1.00 67.70  ? 60  PRO A N   1 
ATOM   310  C CA  . PRO A 1 40  ? 23.638  -4.781  12.401  1.00 65.48  ? 60  PRO A CA  1 
ATOM   311  C C   . PRO A 1 40  ? 25.149  -4.775  12.118  1.00 61.34  ? 60  PRO A C   1 
ATOM   312  O O   . PRO A 1 40  ? 25.677  -3.781  11.641  1.00 60.94  ? 60  PRO A O   1 
ATOM   313  C CB  . PRO A 1 40  ? 23.338  -4.216  13.792  1.00 68.93  ? 60  PRO A CB  1 
ATOM   314  C CG  . PRO A 1 40  ? 22.196  -5.035  14.301  1.00 70.09  ? 60  PRO A CG  1 
ATOM   315  C CD  . PRO A 1 40  ? 22.521  -6.399  13.792  1.00 68.64  ? 60  PRO A CD  1 
ATOM   316  N N   . ALA A 1 41  ? 25.842  -5.876  12.367  1.00 64.49  ? 61  ALA A N   1 
ATOM   317  C CA  . ALA A 1 41  ? 27.265  -5.964  11.982  1.00 70.36  ? 61  ALA A CA  1 
ATOM   318  C C   . ALA A 1 41  ? 27.514  -5.847  10.466  1.00 71.73  ? 61  ALA A C   1 
ATOM   319  O O   . ALA A 1 41  ? 28.556  -5.350  10.031  1.00 72.19  ? 61  ALA A O   1 
ATOM   320  C CB  . ALA A 1 41  ? 27.905  -7.239  12.535  1.00 75.04  ? 61  ALA A CB  1 
ATOM   321  N N   . SER A 1 42  ? 26.558  -6.319  9.672   1.00 73.73  ? 62  SER A N   1 
ATOM   322  C CA  . SER A 1 42  ? 26.721  -6.360  8.225   1.00 69.63  ? 62  SER A CA  1 
ATOM   323  C C   . SER A 1 42  ? 25.600  -5.621  7.489   1.00 67.19  ? 62  SER A C   1 
ATOM   324  O O   . SER A 1 42  ? 25.634  -5.520  6.270   1.00 67.41  ? 62  SER A O   1 
ATOM   325  C CB  . SER A 1 42  ? 26.842  -7.807  7.743   1.00 62.04  ? 62  SER A CB  1 
ATOM   326  O OG  . SER A 1 42  ? 25.635  -8.484  8.002   1.00 62.93  ? 62  SER A OG  1 
ATOM   327  N N   . ALA A 1 43  ? 24.637  -5.080  8.235   1.00 68.92  ? 63  ALA A N   1 
ATOM   328  C CA  . ALA A 1 43  ? 23.423  -4.444  7.676   1.00 67.78  ? 63  ALA A CA  1 
ATOM   329  C C   . ALA A 1 43  ? 22.763  -5.271  6.549   1.00 66.76  ? 63  ALA A C   1 
ATOM   330  O O   . ALA A 1 43  ? 22.636  -4.803  5.402   1.00 75.13  ? 63  ALA A O   1 
ATOM   331  C CB  . ALA A 1 43  ? 23.711  -3.012  7.241   1.00 67.68  ? 63  ALA A CB  1 
ATOM   332  N N   . GLU A 1 44  ? 22.406  -6.515  6.902   1.00 60.00  ? 64  GLU A N   1 
ATOM   333  C CA  . GLU A 1 44  ? 21.694  -7.472  6.060   1.00 58.55  ? 64  GLU A CA  1 
ATOM   334  C C   . GLU A 1 44  ? 20.476  -8.017  6.768   1.00 63.05  ? 64  GLU A C   1 
ATOM   335  O O   . GLU A 1 44  ? 20.558  -8.371  7.939   1.00 63.89  ? 64  GLU A O   1 
ATOM   336  C CB  . GLU A 1 44  ? 22.600  -8.608  5.688   1.00 55.96  ? 64  GLU A CB  1 
ATOM   337  C CG  . GLU A 1 44  ? 23.780  -8.079  4.917   1.00 67.07  ? 64  GLU A CG  1 
ATOM   338  C CD  . GLU A 1 44  ? 24.645  -9.159  4.360   1.00 77.86  ? 64  GLU A CD  1 
ATOM   339  O OE1 . GLU A 1 44  ? 24.928  -10.118 5.100   1.00 93.79  ? 64  GLU A OE1 1 
ATOM   340  O OE2 . GLU A 1 44  ? 25.044  -9.035  3.187   1.00 85.19  ? 64  GLU A OE2 1 
ATOM   341  N N   . PHE A 1 45  ? 19.333  -8.038  6.069   1.00 66.59  ? 65  PHE A N   1 
ATOM   342  C CA  . PHE A 1 45  ? 18.134  -8.733  6.543   1.00 59.29  ? 65  PHE A CA  1 
ATOM   343  C C   . PHE A 1 45  ? 18.330  -10.221 6.293   1.00 63.15  ? 65  PHE A C   1 
ATOM   344  O O   . PHE A 1 45  ? 18.955  -10.631 5.275   1.00 55.10  ? 65  PHE A O   1 
ATOM   345  C CB  . PHE A 1 45  ? 16.909  -8.241  5.826   1.00 52.88  ? 65  PHE A CB  1 
ATOM   346  C CG  . PHE A 1 45  ? 16.471  -6.860  6.230   1.00 53.45  ? 65  PHE A CG  1 
ATOM   347  C CD1 . PHE A 1 45  ? 16.971  -5.736  5.588   1.00 56.85  ? 65  PHE A CD1 1 
ATOM   348  C CD2 . PHE A 1 45  ? 15.497  -6.676  7.216   1.00 51.67  ? 65  PHE A CD2 1 
ATOM   349  C CE1 . PHE A 1 45  ? 16.529  -4.450  5.957   1.00 60.10  ? 65  PHE A CE1 1 
ATOM   350  C CE2 . PHE A 1 45  ? 15.042  -5.402  7.582   1.00 53.20  ? 65  PHE A CE2 1 
ATOM   351  C CZ  . PHE A 1 45  ? 15.563  -4.279  6.957   1.00 54.39  ? 65  PHE A CZ  1 
ATOM   352  N N   . LYS A 1 46  ? 17.844  -11.022 7.249   1.00 71.97  ? 66  LYS A N   1 
ATOM   353  C CA  . LYS A 1 46  ? 18.048  -12.499 7.247   1.00 76.87  ? 66  LYS A CA  1 
ATOM   354  C C   . LYS A 1 46  ? 16.728  -13.231 6.983   1.00 69.95  ? 66  LYS A C   1 
ATOM   355  O O   . LYS A 1 46  ? 16.700  -14.248 6.271   1.00 61.04  ? 66  LYS A O   1 
ATOM   356  C CB  . LYS A 1 46  ? 18.693  -12.994 8.561   1.00 88.56  ? 66  LYS A CB  1 
ATOM   357  C CG  . LYS A 1 46  ? 20.084  -12.440 8.885   1.00 98.04  ? 66  LYS A CG  1 
ATOM   358  C CD  . LYS A 1 46  ? 21.177  -13.164 8.109   1.00 108.15 ? 66  LYS A CD  1 
ATOM   359  C CE  . LYS A 1 46  ? 22.543  -12.536 8.330   1.00 117.76 ? 66  LYS A CE  1 
ATOM   360  N NZ  . LYS A 1 46  ? 23.574  -13.144 7.439   1.00 120.85 ? 66  LYS A NZ  1 
ATOM   361  N N   . LYS A 1 47  ? 15.651  -12.668 7.542   1.00 62.77  ? 67  LYS A N   1 
ATOM   362  C CA  . LYS A 1 47  ? 14.305  -13.161 7.410   1.00 61.96  ? 67  LYS A CA  1 
ATOM   363  C C   . LYS A 1 47  ? 13.391  -11.956 7.598   1.00 67.69  ? 67  LYS A C   1 
ATOM   364  O O   . LYS A 1 47  ? 13.554  -11.161 8.544   1.00 65.80  ? 67  LYS A O   1 
ATOM   365  C CB  . LYS A 1 47  ? 14.053  -14.174 8.511   1.00 68.27  ? 67  LYS A CB  1 
ATOM   366  C CG  . LYS A 1 47  ? 12.840  -15.078 8.371   1.00 84.60  ? 67  LYS A CG  1 
ATOM   367  C CD  . LYS A 1 47  ? 12.517  -15.738 9.719   1.00 87.14  ? 67  LYS A CD  1 
ATOM   368  C CE  . LYS A 1 47  ? 11.439  -16.819 9.632   1.00 103.96 ? 67  LYS A CE  1 
ATOM   369  N NZ  . LYS A 1 47  ? 11.844  -18.032 8.849   1.00 108.47 ? 67  LYS A NZ  1 
ATOM   370  N N   . LEU A 1 48  ? 12.446  -11.804 6.673   1.00 73.77  ? 68  LEU A N   1 
ATOM   371  C CA  . LEU A 1 48  ? 11.355  -10.843 6.835   1.00 68.99  ? 68  LEU A CA  1 
ATOM   372  C C   . LEU A 1 48  ? 10.078  -11.434 6.257   1.00 69.92  ? 68  LEU A C   1 
ATOM   373  O O   . LEU A 1 48  ? 9.996   -11.710 5.053   1.00 71.54  ? 68  LEU A O   1 
ATOM   374  C CB  . LEU A 1 48  ? 11.691  -9.487  6.215   1.00 62.76  ? 68  LEU A CB  1 
ATOM   375  C CG  . LEU A 1 48  ? 10.558  -8.483  6.236   1.00 62.09  ? 68  LEU A CG  1 
ATOM   376  C CD1 . LEU A 1 48  ? 10.231  -8.147  7.660   1.00 71.63  ? 68  LEU A CD1 1 
ATOM   377  C CD2 . LEU A 1 48  ? 11.045  -7.239  5.562   1.00 68.56  ? 68  LEU A CD2 1 
ATOM   378  N N   . ASP A 1 49  ? 9.103   -11.631 7.148   1.00 70.06  ? 69  ASP A N   1 
ATOM   379  C CA  . ASP A 1 49  ? 7.822   -12.280 6.844   1.00 66.44  ? 69  ASP A CA  1 
ATOM   380  C C   . ASP A 1 49  ? 6.693   -11.467 7.422   1.00 63.64  ? 69  ASP A C   1 
ATOM   381  O O   . ASP A 1 49  ? 6.658   -11.239 8.624   1.00 62.87  ? 69  ASP A O   1 
ATOM   382  C CB  . ASP A 1 49  ? 7.774   -13.692 7.421   1.00 65.89  ? 69  ASP A CB  1 
ATOM   383  C CG  . ASP A 1 49  ? 8.725   -14.658 6.713   1.00 79.15  ? 69  ASP A CG  1 
ATOM   384  O OD1 . ASP A 1 49  ? 8.985   -14.513 5.499   1.00 91.98  ? 69  ASP A OD1 1 
ATOM   385  O OD2 . ASP A 1 49  ? 9.217   -15.595 7.376   1.00 81.49  ? 69  ASP A OD2 1 
ATOM   386  N N   . VAL A 1 50  ? 5.783   -11.011 6.562   1.00 65.11  ? 70  VAL A N   1 
ATOM   387  C CA  . VAL A 1 50  ? 4.671   -10.139 6.988   1.00 68.77  ? 70  VAL A CA  1 
ATOM   388  C C   . VAL A 1 50  ? 3.307   -10.778 6.637   1.00 70.87  ? 70  VAL A C   1 
ATOM   389  O O   . VAL A 1 50  ? 3.186   -11.417 5.586   1.00 67.82  ? 70  VAL A O   1 
ATOM   390  C CB  . VAL A 1 50  ? 4.794   -8.695  6.414   1.00 64.41  ? 70  VAL A CB  1 
ATOM   391  C CG1 . VAL A 1 50  ? 3.773   -7.776  7.042   1.00 57.94  ? 70  VAL A CG1 1 
ATOM   392  C CG2 . VAL A 1 50  ? 6.166   -8.105  6.680   1.00 66.72  ? 70  VAL A CG2 1 
ATOM   393  N N   . THR A 1 51  ? 2.319   -10.636 7.540   1.00 68.05  ? 71  THR A N   1 
ATOM   394  C CA  . THR A 1 51  ? 0.909   -10.995 7.286   1.00 65.83  ? 71  THR A CA  1 
ATOM   395  C C   . THR A 1 51  ? 0.030   -9.815  7.627   1.00 67.84  ? 71  THR A C   1 
ATOM   396  O O   . THR A 1 51  ? 0.160   -9.204  8.703   1.00 63.38  ? 71  THR A O   1 
ATOM   397  C CB  . THR A 1 51  ? 0.433   -12.204 8.108   1.00 64.92  ? 71  THR A CB  1 
ATOM   398  O OG1 . THR A 1 51  ? 1.309   -13.297 7.872   1.00 75.15  ? 71  THR A OG1 1 
ATOM   399  C CG2 . THR A 1 51  ? -0.934  -12.654 7.673   1.00 62.35  ? 71  THR A CG2 1 
ATOM   400  N N   . ILE A 1 52  ? -0.868  -9.510  6.696   1.00 66.93  ? 72  ILE A N   1 
ATOM   401  C CA  . ILE A 1 52  ? -1.689  -8.329  6.795   1.00 70.37  ? 72  ILE A CA  1 
ATOM   402  C C   . ILE A 1 52  ? -3.111  -8.783  6.730   1.00 68.91  ? 72  ILE A C   1 
ATOM   403  O O   . ILE A 1 52  ? -3.441  -9.535  5.815   1.00 62.28  ? 72  ILE A O   1 
ATOM   404  C CB  . ILE A 1 52  ? -1.429  -7.405  5.607   1.00 69.58  ? 72  ILE A CB  1 
ATOM   405  C CG1 . ILE A 1 52  ? -0.011  -6.872  5.679   1.00 72.26  ? 72  ILE A CG1 1 
ATOM   406  C CG2 . ILE A 1 52  ? -2.371  -6.232  5.665   1.00 63.64  ? 72  ILE A CG2 1 
ATOM   407  C CD1 . ILE A 1 52  ? 0.612   -6.725  4.323   1.00 77.01  ? 72  ILE A CD1 1 
ATOM   408  N N   . LYS A 1 53  ? -3.937  -8.305  7.674   1.00 71.43  ? 73  LYS A N   1 
ATOM   409  C CA  . LYS A 1 53  ? -5.395  -8.580  7.690   1.00 77.91  ? 73  LYS A CA  1 
ATOM   410  C C   . LYS A 1 53  ? -6.141  -7.600  6.783   1.00 76.33  ? 73  LYS A C   1 
ATOM   411  O O   . LYS A 1 53  ? -6.314  -6.409  7.122   1.00 65.44  ? 73  LYS A O   1 
ATOM   412  C CB  . LYS A 1 53  ? -5.985  -8.578  9.114   1.00 80.62  ? 73  LYS A CB  1 
ATOM   413  C CG  . LYS A 1 53  ? -5.318  -9.579  10.040  1.00 93.47  ? 73  LYS A CG  1 
ATOM   414  C CD  . LYS A 1 53  ? -6.251  -10.186 11.079  1.00 102.52 ? 73  LYS A CD  1 
ATOM   415  C CE  . LYS A 1 53  ? -5.730  -11.550 11.547  1.00 107.78 ? 73  LYS A CE  1 
ATOM   416  N NZ  . LYS A 1 53  ? -5.548  -12.512 10.407  1.00 99.27  ? 73  LYS A NZ  1 
ATOM   417  N N   . ILE A 1 54  ? -6.563  -8.123  5.625   1.00 71.99  ? 74  ILE A N   1 
ATOM   418  C CA  . ILE A 1 54  ? -7.239  -7.354  4.580   1.00 72.24  ? 74  ILE A CA  1 
ATOM   419  C C   . ILE A 1 54  ? -8.376  -6.526  5.196   1.00 79.73  ? 74  ILE A C   1 
ATOM   420  O O   . ILE A 1 54  ? -8.570  -5.345  4.874   1.00 77.95  ? 74  ILE A O   1 
ATOM   421  C CB  . ILE A 1 54  ? -7.724  -8.297  3.434   1.00 73.26  ? 74  ILE A CB  1 
ATOM   422  C CG1 . ILE A 1 54  ? -6.586  -8.652  2.476   1.00 72.91  ? 74  ILE A CG1 1 
ATOM   423  C CG2 . ILE A 1 54  ? -8.881  -7.712  2.638   1.00 75.32  ? 74  ILE A CG2 1 
ATOM   424  C CD1 . ILE A 1 54  ? -5.651  -7.501  2.139   1.00 76.23  ? 74  ILE A CD1 1 
ATOM   425  N N   . ALA A 1 55  ? -9.091  -7.154  6.125   1.00 83.98  ? 75  ALA A N   1 
ATOM   426  C CA  . ALA A 1 55  ? -10.152 -6.495  6.878   1.00 83.29  ? 75  ALA A CA  1 
ATOM   427  C C   . ALA A 1 55  ? -9.772  -5.129  7.504   1.00 83.10  ? 75  ALA A C   1 
ATOM   428  O O   . ALA A 1 55  ? -10.649 -4.299  7.706   1.00 85.43  ? 75  ALA A O   1 
ATOM   429  C CB  . ALA A 1 55  ? -10.700 -7.450  7.933   1.00 81.88  ? 75  ALA A CB  1 
ATOM   430  N N   . SER A 1 56  ? -8.485  -4.888  7.781   1.00 76.43  ? 76  SER A N   1 
ATOM   431  C CA  . SER A 1 56  ? -8.087  -3.735  8.602   1.00 75.54  ? 76  SER A CA  1 
ATOM   432  C C   . SER A 1 56  ? -7.670  -2.530  7.776   1.00 77.53  ? 76  SER A C   1 
ATOM   433  O O   . SER A 1 56  ? -7.141  -1.535  8.324   1.00 78.69  ? 76  SER A O   1 
ATOM   434  C CB  . SER A 1 56  ? -7.004  -4.107  9.630   1.00 79.00  ? 76  SER A CB  1 
ATOM   435  O OG  . SER A 1 56  ? -5.766  -4.420  9.019   1.00 72.35  ? 76  SER A OG  1 
ATOM   436  N N   . VAL A 1 57  ? -7.929  -2.631  6.467   1.00 69.45  ? 77  VAL A N   1 
ATOM   437  C CA  . VAL A 1 57  ? -7.681  -1.559  5.500   1.00 71.87  ? 77  VAL A CA  1 
ATOM   438  C C   . VAL A 1 57  ? -8.292  -0.209  5.921   1.00 75.43  ? 77  VAL A C   1 
ATOM   439  O O   . VAL A 1 57  ? -9.338  -0.154  6.556   1.00 80.43  ? 77  VAL A O   1 
ATOM   440  C CB  . VAL A 1 57  ? -8.113  -1.997  4.074   1.00 70.07  ? 77  VAL A CB  1 
ATOM   441  C CG1 . VAL A 1 57  ? -9.623  -2.103  3.949   1.00 67.49  ? 77  VAL A CG1 1 
ATOM   442  C CG2 . VAL A 1 57  ? -7.537  -1.087  2.995   1.00 72.54  ? 77  VAL A CG2 1 
ATOM   443  N N   . ASN A 1 58  ? -7.614  0.878   5.598   1.00 81.39  ? 78  ASN A N   1 
ATOM   444  C CA  . ASN A 1 58  ? -8.113  2.195   5.938   1.00 84.78  ? 78  ASN A CA  1 
ATOM   445  C C   . ASN A 1 58  ? -7.648  3.209   4.899   1.00 81.68  ? 78  ASN A C   1 
ATOM   446  O O   . ASN A 1 58  ? -6.457  3.508   4.774   1.00 81.55  ? 78  ASN A O   1 
ATOM   447  C CB  . ASN A 1 58  ? -7.702  2.580   7.373   1.00 84.37  ? 78  ASN A CB  1 
ATOM   448  C CG  . ASN A 1 58  ? -7.994  4.033   7.705   1.00 96.61  ? 78  ASN A CG  1 
ATOM   449  O OD1 . ASN A 1 58  ? -8.879  4.676   7.120   1.00 106.40 ? 78  ASN A OD1 1 
ATOM   450  N ND2 . ASN A 1 58  ? -7.238  4.568   8.655   1.00 107.35 ? 78  ASN A ND2 1 
ATOM   451  N N   . THR A 1 59  ? -8.606  3.726   4.151   1.00 79.05  ? 79  THR A N   1 
ATOM   452  C CA  . THR A 1 59  ? -8.328  4.780   3.194   1.00 85.32  ? 79  THR A CA  1 
ATOM   453  C C   . THR A 1 59  ? -9.168  6.014   3.532   1.00 93.61  ? 79  THR A C   1 
ATOM   454  O O   . THR A 1 59  ? -9.735  6.660   2.635   1.00 94.76  ? 79  THR A O   1 
ATOM   455  C CB  . THR A 1 59  ? -8.554  4.308   1.744   1.00 83.10  ? 79  THR A CB  1 
ATOM   456  O OG1 . THR A 1 59  ? -9.896  3.846   1.600   1.00 87.25  ? 79  THR A OG1 1 
ATOM   457  C CG2 . THR A 1 59  ? -7.639  3.174   1.392   1.00 84.91  ? 79  THR A CG2 1 
ATOM   458  N N   . GLU A 1 60  ? -9.245  6.311   4.840   1.00 101.64 ? 80  GLU A N   1 
ATOM   459  C CA  . GLU A 1 60  ? -9.920  7.495   5.412   1.00 114.34 ? 80  GLU A CA  1 
ATOM   460  C C   . GLU A 1 60  ? -11.386 7.688   4.983   1.00 124.47 ? 80  GLU A C   1 
ATOM   461  O O   . GLU A 1 60  ? -11.900 8.810   4.953   1.00 143.75 ? 80  GLU A O   1 
ATOM   462  C CB  . GLU A 1 60  ? -9.107  8.774   5.124   1.00 128.51 ? 80  GLU A CB  1 
ATOM   463  C CG  . GLU A 1 60  ? -7.787  8.903   5.881   1.00 140.37 ? 80  GLU A CG  1 
ATOM   464  C CD  . GLU A 1 60  ? -7.946  8.777   7.385   1.00 150.62 ? 80  GLU A CD  1 
ATOM   465  O OE1 . GLU A 1 60  ? -8.876  9.393   7.942   1.00 164.00 ? 80  GLU A OE1 1 
ATOM   466  O OE2 . GLU A 1 60  ? -7.143  8.057   8.019   1.00 163.13 ? 80  GLU A OE2 1 
ATOM   467  N N   . ASN A 1 61  ? -12.057 6.583   4.663   1.00 121.95 ? 81  ASN A N   1 
ATOM   468  C CA  . ASN A 1 61  ? -13.375 6.615   4.056   1.00 110.73 ? 81  ASN A CA  1 
ATOM   469  C C   . ASN A 1 61  ? -14.052 5.299   4.412   1.00 120.63 ? 81  ASN A C   1 
ATOM   470  O O   . ASN A 1 61  ? -13.509 4.228   4.130   1.00 130.88 ? 81  ASN A O   1 
ATOM   471  C CB  . ASN A 1 61  ? -13.209 6.811   2.536   1.00 101.97 ? 81  ASN A CB  1 
ATOM   472  C CG  . ASN A 1 61  ? -14.412 6.342   1.719   1.00 100.42 ? 81  ASN A CG  1 
ATOM   473  O OD1 . ASN A 1 61  ? -15.083 5.352   2.042   1.00 104.86 ? 81  ASN A OD1 1 
ATOM   474  N ND2 . ASN A 1 61  ? -14.656 7.033   0.612   1.00 90.18  ? 81  ASN A ND2 1 
ATOM   475  N N   . GLN A 1 62  ? -15.239 5.387   5.017   1.00 124.64 ? 82  GLN A N   1 
ATOM   476  C CA  . GLN A 1 62  ? -15.994 4.205   5.452   1.00 124.83 ? 82  GLN A CA  1 
ATOM   477  C C   . GLN A 1 62  ? -16.503 3.305   4.301   1.00 116.03 ? 82  GLN A C   1 
ATOM   478  O O   . GLN A 1 62  ? -16.235 2.107   4.293   1.00 109.94 ? 82  GLN A O   1 
ATOM   479  C CB  . GLN A 1 62  ? -17.121 4.597   6.434   1.00 147.09 ? 82  GLN A CB  1 
ATOM   480  C CG  . GLN A 1 62  ? -18.212 3.536   6.647   1.00 164.81 ? 82  GLN A CG  1 
ATOM   481  C CD  . GLN A 1 62  ? -18.589 3.307   8.110   1.00 167.28 ? 82  GLN A CD  1 
ATOM   482  O OE1 . GLN A 1 62  ? -17.724 3.218   8.987   1.00 172.48 ? 82  GLN A OE1 1 
ATOM   483  N NE2 . GLN A 1 62  ? -19.890 3.177   8.373   1.00 157.19 ? 82  GLN A NE2 1 
ATOM   484  N N   . THR A 1 63  ? -17.229 3.873   3.342   1.00 114.35 ? 83  THR A N   1 
ATOM   485  C CA  . THR A 1 63  ? -17.926 3.047   2.341   1.00 119.13 ? 83  THR A CA  1 
ATOM   486  C C   . THR A 1 63  ? -16.985 2.408   1.298   1.00 114.60 ? 83  THR A C   1 
ATOM   487  O O   . THR A 1 63  ? -17.328 1.367   0.717   1.00 119.40 ? 83  THR A O   1 
ATOM   488  C CB  . THR A 1 63  ? -19.158 3.755   1.678   1.00 121.61 ? 83  THR A CB  1 
ATOM   489  O OG1 . THR A 1 63  ? -18.745 4.940   0.989   1.00 137.40 ? 83  THR A OG1 1 
ATOM   490  C CG2 . THR A 1 63  ? -20.244 4.127   2.708   1.00 118.26 ? 83  THR A CG2 1 
ATOM   491  N N   . ARG A 1 64  ? -15.809 3.007   1.076   1.00 106.16 ? 84  ARG A N   1 
ATOM   492  C CA  . ARG A 1 64  ? -14.840 2.464   0.112   1.00 105.28 ? 84  ARG A CA  1 
ATOM   493  C C   . ARG A 1 64  ? -14.089 1.314   0.756   1.00 99.91  ? 84  ARG A C   1 
ATOM   494  O O   . ARG A 1 64  ? -13.820 0.302   0.111   1.00 94.00  ? 84  ARG A O   1 
ATOM   495  C CB  . ARG A 1 64  ? -13.849 3.520   -0.395  1.00 108.86 ? 84  ARG A CB  1 
ATOM   496  C CG  . ARG A 1 64  ? -13.337 3.285   -1.822  1.00 112.22 ? 84  ARG A CG  1 
ATOM   497  C CD  . ARG A 1 64  ? -11.851 3.605   -1.952  1.00 105.66 ? 84  ARG A CD  1 
ATOM   498  N NE  . ARG A 1 64  ? -11.530 5.041   -1.978  1.00 111.15 ? 84  ARG A NE  1 
ATOM   499  C CZ  . ARG A 1 64  ? -11.124 5.763   -0.923  1.00 104.52 ? 84  ARG A CZ  1 
ATOM   500  N NH1 . ARG A 1 64  ? -11.013 5.216   0.277   1.00 102.05 ? 84  ARG A NH1 1 
ATOM   501  N NH2 . ARG A 1 64  ? -10.847 7.052   -1.054  1.00 91.47  ? 84  ARG A NH2 1 
ATOM   502  N N   . ASP A 1 65  ? -13.767 1.469   2.036   1.00 93.36  ? 85  ASP A N   1 
ATOM   503  C CA  . ASP A 1 65  ? -13.132 0.401   2.792   1.00 96.51  ? 85  ASP A CA  1 
ATOM   504  C C   . ASP A 1 65  ? -13.960 -0.914  2.794   1.00 97.55  ? 85  ASP A C   1 
ATOM   505  O O   . ASP A 1 65  ? -13.450 -1.987  2.409   1.00 98.01  ? 85  ASP A O   1 
ATOM   506  C CB  . ASP A 1 65  ? -12.744 0.908   4.186   1.00 96.52  ? 85  ASP A CB  1 
ATOM   507  C CG  . ASP A 1 65  ? -11.606 1.946   4.140   1.00 99.12  ? 85  ASP A CG  1 
ATOM   508  O OD1 . ASP A 1 65  ? -10.938 2.076   3.090   1.00 99.67  ? 85  ASP A OD1 1 
ATOM   509  O OD2 . ASP A 1 65  ? -11.372 2.631   5.160   1.00 104.00 ? 85  ASP A OD2 1 
ATOM   510  N N   . ASN A 1 66  ? -15.238 -0.807  3.166   1.00 91.81  ? 86  ASN A N   1 
ATOM   511  C CA  . ASN A 1 66  ? -16.199 -1.905  2.994   1.00 91.84  ? 86  ASN A CA  1 
ATOM   512  C C   . ASN A 1 66  ? -16.146 -2.460  1.586   1.00 80.93  ? 86  ASN A C   1 
ATOM   513  O O   . ASN A 1 66  ? -15.951 -3.648  1.402   1.00 84.30  ? 86  ASN A O   1 
ATOM   514  C CB  . ASN A 1 66  ? -17.638 -1.470  3.307   1.00 101.73 ? 86  ASN A CB  1 
ATOM   515  C CG  . ASN A 1 66  ? -17.835 -1.061  4.760   1.00 112.48 ? 86  ASN A CG  1 
ATOM   516  O OD1 . ASN A 1 66  ? -17.069 -1.449  5.656   1.00 112.67 ? 86  ASN A OD1 1 
ATOM   517  N ND2 . ASN A 1 66  ? -18.876 -0.263  5.001   1.00 111.96 ? 86  ASN A ND2 1 
ATOM   518  N N   . HIS A 1 67  ? -16.278 -1.591  0.595   1.00 79.91  ? 87  HIS A N   1 
ATOM   519  C CA  . HIS A 1 67  ? -16.313 -2.024  -0.793  1.00 87.49  ? 87  HIS A CA  1 
ATOM   520  C C   . HIS A 1 67  ? -15.054 -2.842  -1.195  1.00 89.97  ? 87  HIS A C   1 
ATOM   521  O O   . HIS A 1 67  ? -15.139 -3.737  -2.057  1.00 81.11  ? 87  HIS A O   1 
ATOM   522  C CB  . HIS A 1 67  ? -16.613 -0.825  -1.723  1.00 93.40  ? 87  HIS A CB  1 
ATOM   523  C CG  . HIS A 1 67  ? -16.860 -1.206  -3.151  1.00 109.39 ? 87  HIS A CG  1 
ATOM   524  N ND1 . HIS A 1 67  ? -16.336 -0.489  -4.211  1.00 122.02 ? 87  HIS A ND1 1 
ATOM   525  C CD2 . HIS A 1 67  ? -17.551 -2.239  -3.696  1.00 113.90 ? 87  HIS A CD2 1 
ATOM   526  C CE1 . HIS A 1 67  ? -16.696 -1.064  -5.347  1.00 120.82 ? 87  HIS A CE1 1 
ATOM   527  N NE2 . HIS A 1 67  ? -17.428 -2.131  -5.061  1.00 119.10 ? 87  HIS A NE2 1 
ATOM   528  N N   . LEU A 1 68  ? -13.917 -2.570  -0.528  1.00 95.16  ? 88  LEU A N   1 
ATOM   529  C CA  . LEU A 1 68  ? -12.625 -3.224  -0.830  1.00 88.01  ? 88  LEU A CA  1 
ATOM   530  C C   . LEU A 1 68  ? -12.637 -4.716  -0.527  1.00 93.70  ? 88  LEU A C   1 
ATOM   531  O O   . LEU A 1 68  ? -11.993 -5.516  -1.230  1.00 87.51  ? 88  LEU A O   1 
ATOM   532  C CB  . LEU A 1 68  ? -11.473 -2.538  -0.093  1.00 78.08  ? 88  LEU A CB  1 
ATOM   533  C CG  . LEU A 1 68  ? -10.971 -1.244  -0.751  1.00 72.18  ? 88  LEU A CG  1 
ATOM   534  C CD1 . LEU A 1 68  ? -9.952  -0.542  0.126   1.00 73.94  ? 88  LEU A CD1 1 
ATOM   535  C CD2 . LEU A 1 68  ? -10.402 -1.465  -2.139  1.00 63.16  ? 88  LEU A CD2 1 
ATOM   536  N N   . GLN A 1 69  ? -13.404 -5.064  0.508   1.00 83.89  ? 89  GLN A N   1 
ATOM   537  C CA  . GLN A 1 69  ? -13.629 -6.443  0.943   1.00 71.90  ? 89  GLN A CA  1 
ATOM   538  C C   . GLN A 1 69  ? -14.465 -7.340  0.000   1.00 69.70  ? 89  GLN A C   1 
ATOM   539  O O   . GLN A 1 69  ? -14.318 -8.556  0.055   1.00 77.62  ? 89  GLN A O   1 
ATOM   540  C CB  . GLN A 1 69  ? -14.220 -6.432  2.334   1.00 62.71  ? 89  GLN A CB  1 
ATOM   541  C CG  . GLN A 1 69  ? -13.696 -5.289  3.182   1.00 67.93  ? 89  GLN A CG  1 
ATOM   542  C CD  . GLN A 1 69  ? -12.604 -5.738  4.099   1.00 80.68  ? 89  GLN A CD  1 
ATOM   543  O OE1 . GLN A 1 69  ? -12.713 -6.790  4.726   1.00 99.48  ? 89  GLN A OE1 1 
ATOM   544  N NE2 . GLN A 1 69  ? -11.544 -4.953  4.195   1.00 84.51  ? 89  GLN A NE2 1 
ATOM   545  N N   . GLN A 1 70  ? -15.314 -6.754  -0.852  1.00 71.99  ? 90  GLN A N   1 
ATOM   546  C CA  . GLN A 1 70  ? -16.209 -7.498  -1.798  1.00 80.06  ? 90  GLN A CA  1 
ATOM   547  C C   . GLN A 1 70  ? -15.484 -8.232  -2.968  1.00 72.01  ? 90  GLN A C   1 
ATOM   548  O O   . GLN A 1 70  ? -14.298 -8.076  -3.132  1.00 73.81  ? 90  GLN A O   1 
ATOM   549  C CB  . GLN A 1 70  ? -17.330 -6.574  -2.376  1.00 100.75 ? 90  GLN A CB  1 
ATOM   550  C CG  . GLN A 1 70  ? -17.947 -5.473  -1.490  1.00 110.07 ? 90  GLN A CG  1 
ATOM   551  C CD  . GLN A 1 70  ? -18.400 -5.938  -0.107  1.00 121.34 ? 90  GLN A CD  1 
ATOM   552  O OE1 . GLN A 1 70  ? -18.814 -7.087  0.083   1.00 132.70 ? 90  GLN A OE1 1 
ATOM   553  N NE2 . GLN A 1 70  ? -18.326 -5.034  0.871   1.00 124.12 ? 90  GLN A NE2 1 
ATOM   554  N N   . ASP A 1 71  ? -16.217 -8.988  -3.789  1.00 79.38  ? 91  ASP A N   1 
ATOM   555  C CA  . ASP A 1 71  ? -15.661 -9.832  -4.888  1.00 95.46  ? 91  ASP A CA  1 
ATOM   556  C C   . ASP A 1 71  ? -14.833 -9.123  -5.945  1.00 99.37  ? 91  ASP A C   1 
ATOM   557  O O   . ASP A 1 71  ? -13.924 -9.723  -6.534  1.00 112.33 ? 91  ASP A O   1 
ATOM   558  C CB  . ASP A 1 71  ? -16.766 -10.589 -5.648  1.00 105.40 ? 91  ASP A CB  1 
ATOM   559  C CG  . ASP A 1 71  ? -17.643 -11.436 -4.751  1.00 124.87 ? 91  ASP A CG  1 
ATOM   560  O OD1 . ASP A 1 71  ? -17.392 -11.545 -3.522  1.00 145.32 ? 91  ASP A OD1 1 
ATOM   561  O OD2 . ASP A 1 71  ? -18.610 -12.000 -5.300  1.00 140.53 ? 91  ASP A OD2 1 
ATOM   562  N N   . ASP A 1 72  ? -15.191 -7.873  -6.222  1.00 104.52 ? 92  ASP A N   1 
ATOM   563  C CA  . ASP A 1 72  ? -14.535 -7.073  -7.260  1.00 108.91 ? 92  ASP A CA  1 
ATOM   564  C C   . ASP A 1 72  ? -13.148 -6.559  -6.805  1.00 101.63 ? 92  ASP A C   1 
ATOM   565  O O   . ASP A 1 72  ? -12.379 -6.016  -7.616  1.00 92.88  ? 92  ASP A O   1 
ATOM   566  C CB  . ASP A 1 72  ? -15.469 -5.952  -7.789  1.00 117.21 ? 92  ASP A CB  1 
ATOM   567  C CG  . ASP A 1 72  ? -16.378 -5.309  -6.690  1.00 126.67 ? 92  ASP A CG  1 
ATOM   568  O OD1 . ASP A 1 72  ? -16.265 -5.605  -5.467  1.00 120.02 ? 92  ASP A OD1 1 
ATOM   569  O OD2 . ASP A 1 72  ? -17.226 -4.473  -7.078  1.00 122.67 ? 92  ASP A OD2 1 
ATOM   570  N N   . PHE A 1 73  ? -12.866 -6.764  -5.506  1.00 89.64  ? 93  PHE A N   1 
ATOM   571  C CA  . PHE A 1 73  ? -11.584 -6.478  -4.846  1.00 78.87  ? 93  PHE A CA  1 
ATOM   572  C C   . PHE A 1 73  ? -10.969 -7.645  -4.043  1.00 73.08  ? 93  PHE A C   1 
ATOM   573  O O   . PHE A 1 73  ? -10.565 -8.664  -4.648  1.00 62.27  ? 93  PHE A O   1 
ATOM   574  C CB  . PHE A 1 73  ? -11.690 -5.184  -4.036  1.00 80.38  ? 93  PHE A CB  1 
ATOM   575  C CG  . PHE A 1 73  ? -11.912 -3.997  -4.903  1.00 97.06  ? 93  PHE A CG  1 
ATOM   576  C CD1 . PHE A 1 73  ? -10.888 -3.524  -5.731  1.00 95.65  ? 93  PHE A CD1 1 
ATOM   577  C CD2 . PHE A 1 73  ? -13.168 -3.406  -4.986  1.00 100.74 ? 93  PHE A CD2 1 
ATOM   578  C CE1 . PHE A 1 73  ? -11.106 -2.456  -6.587  1.00 95.92  ? 93  PHE A CE1 1 
ATOM   579  C CE2 . PHE A 1 73  ? -13.392 -2.334  -5.845  1.00 88.73  ? 93  PHE A CE2 1 
ATOM   580  C CZ  . PHE A 1 73  ? -12.358 -1.860  -6.639  1.00 93.71  ? 93  PHE A CZ  1 
ATOM   581  N N   . PHE A 1 74  ? -10.909 -7.508  -2.714  1.00 65.41  ? 94  PHE A N   1 
ATOM   582  C CA  . PHE A 1 74  ? -10.121 -8.425  -1.884  1.00 71.61  ? 94  PHE A CA  1 
ATOM   583  C C   . PHE A 1 74  ? -10.686 -9.834  -1.613  1.00 76.98  ? 94  PHE A C   1 
ATOM   584  O O   . PHE A 1 74  ? -9.904  -10.772 -1.396  1.00 90.24  ? 94  PHE A O   1 
ATOM   585  C CB  . PHE A 1 74  ? -9.702  -7.762  -0.575  1.00 73.78  ? 94  PHE A CB  1 
ATOM   586  C CG  . PHE A 1 74  ? -8.497  -6.861  -0.694  1.00 83.50  ? 94  PHE A CG  1 
ATOM   587  C CD1 . PHE A 1 74  ? -7.240  -7.371  -1.102  1.00 80.90  ? 94  PHE A CD1 1 
ATOM   588  C CD2 . PHE A 1 74  ? -8.589  -5.501  -0.350  1.00 80.33  ? 94  PHE A CD2 1 
ATOM   589  C CE1 . PHE A 1 74  ? -6.116  -6.539  -1.191  1.00 78.77  ? 94  PHE A CE1 1 
ATOM   590  C CE2 . PHE A 1 74  ? -7.463  -4.670  -0.440  1.00 82.57  ? 94  PHE A CE2 1 
ATOM   591  C CZ  . PHE A 1 74  ? -6.227  -5.187  -0.857  1.00 78.94  ? 94  PHE A CZ  1 
ATOM   592  N N   . LYS A 1 75  ? -12.023 -9.963  -1.625  1.00 72.98  ? 95  LYS A N   1 
ATOM   593  C CA  . LYS A 1 75  ? -12.799 -11.206 -1.329  1.00 68.72  ? 95  LYS A CA  1 
ATOM   594  C C   . LYS A 1 75  ? -12.475 -11.710 0.066   1.00 66.54  ? 95  LYS A C   1 
ATOM   595  O O   . LYS A 1 75  ? -12.365 -12.916 0.272   1.00 70.14  ? 95  LYS A O   1 
ATOM   596  C CB  . LYS A 1 75  ? -12.646 -12.314 -2.402  1.00 72.00  ? 95  LYS A CB  1 
ATOM   597  C CG  . LYS A 1 75  ? -12.519 -11.803 -3.846  1.00 83.89  ? 95  LYS A CG  1 
ATOM   598  C CD  . LYS A 1 75  ? -11.752 -12.733 -4.782  1.00 94.68  ? 95  LYS A CD  1 
ATOM   599  C CE  . LYS A 1 75  ? -11.801 -12.233 -6.224  1.00 102.19 ? 95  LYS A CE  1 
ATOM   600  N NZ  . LYS A 1 75  ? -11.962 -13.324 -7.238  1.00 110.69 ? 95  LYS A NZ  1 
ATOM   601  N N   . ALA A 1 76  ? -12.354 -10.763 1.008   1.00 63.01  ? 96  ALA A N   1 
ATOM   602  C CA  . ALA A 1 76  ? -11.883 -10.975 2.402   1.00 69.51  ? 96  ALA A CA  1 
ATOM   603  C C   . ALA A 1 76  ? -12.540 -12.099 3.214   1.00 75.15  ? 96  ALA A C   1 
ATOM   604  O O   . ALA A 1 76  ? -11.963 -12.558 4.210   1.00 74.78  ? 96  ALA A O   1 
ATOM   605  C CB  . ALA A 1 76  ? -11.967 -9.672  3.189   1.00 68.72  ? 96  ALA A CB  1 
ATOM   606  N N   . LYS A 1 77  ? -13.759 -12.487 2.819   1.00 79.39  ? 97  LYS A N   1 
ATOM   607  C CA  . LYS A 1 77  ? -14.440 -13.629 3.414   1.00 74.72  ? 97  LYS A CA  1 
ATOM   608  C C   . LYS A 1 77  ? -13.562 -14.857 3.120   1.00 72.81  ? 97  LYS A C   1 
ATOM   609  O O   . LYS A 1 77  ? -13.022 -15.441 4.069   1.00 75.02  ? 97  LYS A O   1 
ATOM   610  C CB  . LYS A 1 77  ? -15.891 -13.760 2.907   1.00 74.86  ? 97  LYS A CB  1 
ATOM   611  N N   . LYS A 1 78  ? -13.357 -15.173 1.826   1.00 63.62  ? 98  LYS A N   1 
ATOM   612  C CA  . LYS A 1 78  ? -12.493 -16.297 1.346   1.00 59.02  ? 98  LYS A CA  1 
ATOM   613  C C   . LYS A 1 78  ? -10.975 -16.140 1.610   1.00 67.96  ? 98  LYS A C   1 
ATOM   614  O O   . LYS A 1 78  ? -10.308 -17.127 1.952   1.00 84.99  ? 98  LYS A O   1 
ATOM   615  C CB  . LYS A 1 78  ? -12.741 -16.545 -0.146  1.00 52.02  ? 98  LYS A CB  1 
ATOM   616  C CG  . LYS A 1 78  ? -12.318 -17.892 -0.718  1.00 51.49  ? 98  LYS A CG  1 
ATOM   617  C CD  . LYS A 1 78  ? -12.831 -18.092 -2.153  1.00 51.65  ? 98  LYS A CD  1 
ATOM   618  C CE  . LYS A 1 78  ? -12.701 -19.542 -2.615  1.00 58.89  ? 98  LYS A CE  1 
ATOM   619  N NZ  . LYS A 1 78  ? -13.008 -19.831 -4.056  1.00 62.09  ? 98  LYS A NZ  1 
ATOM   620  N N   . TYR A 1 79  ? -10.438 -14.921 1.452   1.00 66.68  ? 99  TYR A N   1 
ATOM   621  C CA  . TYR A 1 79  ? -8.996  -14.659 1.575   1.00 61.04  ? 99  TYR A CA  1 
ATOM   622  C C   . TYR A 1 79  ? -8.748  -13.506 2.561   1.00 65.64  ? 99  TYR A C   1 
ATOM   623  O O   . TYR A 1 79  ? -8.500  -12.362 2.157   1.00 71.49  ? 99  TYR A O   1 
ATOM   624  C CB  . TYR A 1 79  ? -8.360  -14.360 0.217   1.00 53.18  ? 99  TYR A CB  1 
ATOM   625  C CG  . TYR A 1 79  ? -8.714  -15.297 -0.913  1.00 55.17  ? 99  TYR A CG  1 
ATOM   626  C CD1 . TYR A 1 79  ? -9.833  -15.070 -1.702  1.00 56.87  ? 99  TYR A CD1 1 
ATOM   627  C CD2 . TYR A 1 79  ? -7.900  -16.402 -1.236  1.00 61.48  ? 99  TYR A CD2 1 
ATOM   628  C CE1 . TYR A 1 79  ? -10.143 -15.918 -2.775  1.00 65.41  ? 99  TYR A CE1 1 
ATOM   629  C CE2 . TYR A 1 79  ? -8.201  -17.275 -2.309  1.00 58.66  ? 99  TYR A CE2 1 
ATOM   630  C CZ  . TYR A 1 79  ? -9.332  -17.035 -3.074  1.00 64.43  ? 99  TYR A CZ  1 
ATOM   631  O OH  . TYR A 1 79  ? -9.684  -17.868 -4.133  1.00 66.71  ? 99  TYR A OH  1 
ATOM   632  N N   . PRO A 1 80  ? -8.805  -13.802 3.867   1.00 71.27  ? 100 PRO A N   1 
ATOM   633  C CA  . PRO A 1 80  ? -8.756  -12.788 4.961   1.00 70.94  ? 100 PRO A CA  1 
ATOM   634  C C   . PRO A 1 80  ? -7.443  -12.005 5.113   1.00 69.72  ? 100 PRO A C   1 
ATOM   635  O O   . PRO A 1 80  ? -7.407  -10.925 5.759   1.00 69.67  ? 100 PRO A O   1 
ATOM   636  C CB  . PRO A 1 80  ? -8.971  -13.629 6.223   1.00 62.40  ? 100 PRO A CB  1 
ATOM   637  C CG  . PRO A 1 80  ? -8.456  -14.979 5.842   1.00 65.55  ? 100 PRO A CG  1 
ATOM   638  C CD  . PRO A 1 80  ? -8.855  -15.177 4.402   1.00 64.89  ? 100 PRO A CD  1 
ATOM   639  N N   . ASP A 1 81  ? -6.371  -12.564 4.567   1.00 66.62  ? 101 ASP A N   1 
ATOM   640  C CA  . ASP A 1 81  ? -5.084  -11.922 4.729   1.00 73.19  ? 101 ASP A CA  1 
ATOM   641  C C   . ASP A 1 81  ? -4.154  -11.936 3.505   1.00 70.75  ? 101 ASP A C   1 
ATOM   642  O O   . ASP A 1 81  ? -4.231  -12.841 2.681   1.00 63.92  ? 101 ASP A O   1 
ATOM   643  C CB  . ASP A 1 81  ? -4.399  -12.344 6.051   1.00 82.43  ? 101 ASP A CB  1 
ATOM   644  C CG  . ASP A 1 81  ? -4.572  -13.817 6.406   1.00 78.61  ? 101 ASP A CG  1 
ATOM   645  O OD1 . ASP A 1 81  ? -4.632  -14.687 5.511   1.00 86.52  ? 101 ASP A OD1 1 
ATOM   646  O OD2 . ASP A 1 81  ? -4.608  -14.093 7.620   1.00 73.71  ? 101 ASP A OD2 1 
ATOM   647  N N   . MET A 1 82  ? -3.344  -10.884 3.352   1.00 71.39  ? 102 MET A N   1 
ATOM   648  C CA  . MET A 1 82  ? -2.267  -10.904 2.368   1.00 69.43  ? 102 MET A CA  1 
ATOM   649  C C   . MET A 1 82  ? -0.931  -11.026 3.098   1.00 66.21  ? 102 MET A C   1 
ATOM   650  O O   . MET A 1 82  ? -0.764  -10.511 4.231   1.00 63.32  ? 102 MET A O   1 
ATOM   651  C CB  . MET A 1 82  ? -2.331  -9.738  1.364   1.00 67.24  ? 102 MET A CB  1 
ATOM   652  C CG  . MET A 1 82  ? -1.781  -8.399  1.849   1.00 76.20  ? 102 MET A CG  1 
ATOM   653  S SD  . MET A 1 82  ? -1.751  -7.059  0.615   1.00 77.02  ? 102 MET A SD  1 
ATOM   654  C CE  . MET A 1 82  ? -1.195  -7.952  -0.811  1.00 70.21  ? 102 MET A CE  1 
ATOM   655  N N   . THR A 1 83  ? -0.016  -11.742 2.436   1.00 62.04  ? 103 THR A N   1 
ATOM   656  C CA  . THR A 1 83  ? 1.290   -12.130 2.982   1.00 61.68  ? 103 THR A CA  1 
ATOM   657  C C   . THR A 1 83  ? 2.514   -11.810 2.099   1.00 64.81  ? 103 THR A C   1 
ATOM   658  O O   . THR A 1 83  ? 2.483   -11.923 0.856   1.00 64.10  ? 103 THR A O   1 
ATOM   659  C CB  . THR A 1 83  ? 1.362   -13.641 3.319   1.00 58.70  ? 103 THR A CB  1 
ATOM   660  O OG1 . THR A 1 83  ? 1.063   -14.423 2.151   1.00 54.58  ? 103 THR A OG1 1 
ATOM   661  C CG2 . THR A 1 83  ? 0.414   -13.983 4.445   1.00 56.15  ? 103 THR A CG2 1 
ATOM   662  N N   . PHE A 1 84  ? 3.589   -11.427 2.786   1.00 67.92  ? 104 PHE A N   1 
ATOM   663  C CA  . PHE A 1 84  ? 4.891   -11.224 2.194   1.00 63.84  ? 104 PHE A CA  1 
ATOM   664  C C   . PHE A 1 84  ? 5.969   -12.082 2.850   1.00 62.72  ? 104 PHE A C   1 
ATOM   665  O O   . PHE A 1 84  ? 6.123   -12.056 4.067   1.00 69.29  ? 104 PHE A O   1 
ATOM   666  C CB  . PHE A 1 84  ? 5.337   -9.769  2.298   1.00 63.26  ? 104 PHE A CB  1 
ATOM   667  C CG  . PHE A 1 84  ? 6.646   -9.559  1.654   1.00 61.78  ? 104 PHE A CG  1 
ATOM   668  C CD1 . PHE A 1 84  ? 6.762   -9.695  0.255   1.00 61.56  ? 104 PHE A CD1 1 
ATOM   669  C CD2 . PHE A 1 84  ? 7.782   -9.364  2.419   1.00 59.82  ? 104 PHE A CD2 1 
ATOM   670  C CE1 . PHE A 1 84  ? 7.983   -9.571  -0.378  1.00 57.93  ? 104 PHE A CE1 1 
ATOM   671  C CE2 . PHE A 1 84  ? 9.019   -9.241  1.795   1.00 59.94  ? 104 PHE A CE2 1 
ATOM   672  C CZ  . PHE A 1 84  ? 9.116   -9.343  0.397   1.00 63.97  ? 104 PHE A CZ  1 
ATOM   673  N N   . THR A 1 85  ? 6.752   -12.766 2.021   1.00 58.75  ? 105 THR A N   1 
ATOM   674  C CA  . THR A 1 85  ? 7.836   -13.659 2.440   1.00 58.20  ? 105 THR A CA  1 
ATOM   675  C C   . THR A 1 85  ? 9.187   -13.358 1.768   1.00 59.70  ? 105 THR A C   1 
ATOM   676  O O   . THR A 1 85  ? 9.345   -13.665 0.574   1.00 63.59  ? 105 THR A O   1 
ATOM   677  C CB  . THR A 1 85  ? 7.414   -15.109 2.132   1.00 57.83  ? 105 THR A CB  1 
ATOM   678  O OG1 . THR A 1 85  ? 6.612   -15.552 3.208   1.00 72.77  ? 105 THR A OG1 1 
ATOM   679  C CG2 . THR A 1 85  ? 8.574   -16.060 2.050   1.00 60.64  ? 105 THR A CG2 1 
ATOM   680  N N   . MET A 1 86  ? 10.164  -12.810 2.506   1.00 55.14  ? 106 MET A N   1 
ATOM   681  C CA  . MET A 1 86  ? 11.489  -12.559 1.911   1.00 59.08  ? 106 MET A CA  1 
ATOM   682  C C   . MET A 1 86  ? 12.211  -13.815 1.446   1.00 59.36  ? 106 MET A C   1 
ATOM   683  O O   . MET A 1 86  ? 12.291  -14.776 2.182   1.00 67.12  ? 106 MET A O   1 
ATOM   684  C CB  . MET A 1 86  ? 12.401  -11.816 2.859   1.00 61.63  ? 106 MET A CB  1 
ATOM   685  C CG  . MET A 1 86  ? 13.657  -11.336 2.144   1.00 62.30  ? 106 MET A CG  1 
ATOM   686  S SD  . MET A 1 86  ? 14.751  -10.601 3.345   1.00 65.42  ? 106 MET A SD  1 
ATOM   687  C CE  . MET A 1 86  ? 15.746  -12.026 3.700   1.00 56.26  ? 106 MET A CE  1 
ATOM   688  N N   . LYS A 1 87  ? 12.755  -13.792 0.236   1.00 63.88  ? 107 LYS A N   1 
ATOM   689  C CA  . LYS A 1 87  ? 13.503  -14.936 -0.294  1.00 63.88  ? 107 LYS A CA  1 
ATOM   690  C C   . LYS A 1 87  ? 14.995  -14.670 -0.463  1.00 66.03  ? 107 LYS A C   1 
ATOM   691  O O   . LYS A 1 87  ? 15.775  -15.612 -0.556  1.00 80.09  ? 107 LYS A O   1 
ATOM   692  C CB  . LYS A 1 87  ? 12.898  -15.436 -1.605  1.00 63.12  ? 107 LYS A CB  1 
ATOM   693  C CG  . LYS A 1 87  ? 11.696  -16.346 -1.392  1.00 79.44  ? 107 LYS A CG  1 
ATOM   694  C CD  . LYS A 1 87  ? 11.014  -16.703 -2.711  1.00 92.20  ? 107 LYS A CD  1 
ATOM   695  C CE  . LYS A 1 87  ? 11.546  -17.992 -3.324  1.00 96.37  ? 107 LYS A CE  1 
ATOM   696  N NZ  . LYS A 1 87  ? 11.073  -18.076 -4.723  1.00 88.46  ? 107 LYS A NZ  1 
ATOM   697  N N   . LYS A 1 88  ? 15.400  -13.401 -0.457  1.00 66.16  ? 108 LYS A N   1 
ATOM   698  C CA  . LYS A 1 88  ? 16.752  -12.988 -0.871  1.00 61.56  ? 108 LYS A CA  1 
ATOM   699  C C   . LYS A 1 88  ? 16.883  -11.527 -0.445  1.00 62.89  ? 108 LYS A C   1 
ATOM   700  O O   . LYS A 1 88  ? 15.966  -10.732 -0.700  1.00 70.98  ? 108 LYS A O   1 
ATOM   701  C CB  . LYS A 1 88  ? 16.821  -13.094 -2.388  1.00 62.77  ? 108 LYS A CB  1 
ATOM   702  C CG  . LYS A 1 88  ? 18.153  -13.278 -3.061  1.00 66.73  ? 108 LYS A CG  1 
ATOM   703  C CD  . LYS A 1 88  ? 17.912  -13.006 -4.550  1.00 78.33  ? 108 LYS A CD  1 
ATOM   704  C CE  . LYS A 1 88  ? 19.026  -13.545 -5.443  1.00 91.15  ? 108 LYS A CE  1 
ATOM   705  N NZ  . LYS A 1 88  ? 18.817  -14.927 -5.975  1.00 107.53 ? 108 LYS A NZ  1 
ATOM   706  N N   . TYR A 1 89  ? 17.976  -11.172 0.233   1.00 60.60  ? 109 TYR A N   1 
ATOM   707  C CA  . TYR A 1 89  ? 18.336  -9.750  0.382   1.00 59.45  ? 109 TYR A CA  1 
ATOM   708  C C   . TYR A 1 89  ? 19.678  -9.537  -0.257  1.00 62.31  ? 109 TYR A C   1 
ATOM   709  O O   . TYR A 1 89  ? 20.653  -10.173 0.124   1.00 78.30  ? 109 TYR A O   1 
ATOM   710  C CB  . TYR A 1 89  ? 18.345  -9.303  1.826   1.00 54.54  ? 109 TYR A CB  1 
ATOM   711  C CG  . TYR A 1 89  ? 18.683  -7.849  2.022   1.00 61.36  ? 109 TYR A CG  1 
ATOM   712  C CD1 . TYR A 1 89  ? 17.697  -6.849  1.951   1.00 65.73  ? 109 TYR A CD1 1 
ATOM   713  C CD2 . TYR A 1 89  ? 19.987  -7.456  2.327   1.00 66.15  ? 109 TYR A CD2 1 
ATOM   714  C CE1 . TYR A 1 89  ? 18.013  -5.493  2.163   1.00 65.30  ? 109 TYR A CE1 1 
ATOM   715  C CE2 . TYR A 1 89  ? 20.315  -6.104  2.529   1.00 68.50  ? 109 TYR A CE2 1 
ATOM   716  C CZ  . TYR A 1 89  ? 19.332  -5.122  2.452   1.00 64.56  ? 109 TYR A CZ  1 
ATOM   717  O OH  . TYR A 1 89  ? 19.701  -3.805  2.661   1.00 59.84  ? 109 TYR A OH  1 
ATOM   718  N N   . GLU A 1 90  ? 19.719  -8.690  -1.274  1.00 61.36  ? 110 GLU A N   1 
ATOM   719  C CA  . GLU A 1 90  ? 20.967  -8.418  -1.980  1.00 60.60  ? 110 GLU A CA  1 
ATOM   720  C C   . GLU A 1 90  ? 21.450  -7.032  -1.526  1.00 64.32  ? 110 GLU A C   1 
ATOM   721  O O   . GLU A 1 90  ? 20.777  -6.035  -1.834  1.00 65.80  ? 110 GLU A O   1 
ATOM   722  C CB  . GLU A 1 90  ? 20.771  -8.500  -3.505  1.00 58.04  ? 110 GLU A CB  1 
ATOM   723  C CG  . GLU A 1 90  ? 20.404  -9.879  -4.072  1.00 57.23  ? 110 GLU A CG  1 
ATOM   724  C CD  . GLU A 1 90  ? 19.964  -9.844  -5.551  1.00 67.88  ? 110 GLU A CD  1 
ATOM   725  O OE1 . GLU A 1 90  ? 20.567  -10.571 -6.369  1.00 72.06  ? 110 GLU A OE1 1 
ATOM   726  O OE2 . GLU A 1 90  ? 19.017  -9.100  -5.934  1.00 73.84  ? 110 GLU A OE2 1 
ATOM   727  N N   . LYS A 1 91  ? 22.568  -6.973  -0.767  1.00 64.72  ? 111 LYS A N   1 
ATOM   728  C CA  . LYS A 1 91  ? 23.069  -5.698  -0.174  1.00 64.30  ? 111 LYS A CA  1 
ATOM   729  C C   . LYS A 1 91  ? 23.639  -4.725  -1.226  1.00 65.20  ? 111 LYS A C   1 
ATOM   730  O O   . LYS A 1 91  ? 24.346  -5.167  -2.138  1.00 62.05  ? 111 LYS A O   1 
ATOM   731  C CB  . LYS A 1 91  ? 24.135  -5.941  0.902   1.00 65.48  ? 111 LYS A CB  1 
ATOM   732  C CG  . LYS A 1 91  ? 24.195  -4.807  1.935   1.00 75.10  ? 111 LYS A CG  1 
ATOM   733  C CD  . LYS A 1 91  ? 25.606  -4.286  2.247   1.00 78.04  ? 111 LYS A CD  1 
ATOM   734  C CE  . LYS A 1 91  ? 26.380  -5.048  3.349   1.00 79.64  ? 111 LYS A CE  1 
ATOM   735  N NZ  . LYS A 1 91  ? 27.300  -4.210  4.212   1.00 61.46  ? 111 LYS A NZ  1 
ATOM   736  N N   . ILE A 1 92  ? 23.326  -3.425  -1.121  1.00 60.82  ? 112 ILE A N   1 
ATOM   737  C CA  . ILE A 1 92  ? 23.976  -2.448  -2.005  1.00 59.57  ? 112 ILE A CA  1 
ATOM   738  C C   . ILE A 1 92  ? 25.084  -1.776  -1.227  1.00 62.20  ? 112 ILE A C   1 
ATOM   739  O O   . ILE A 1 92  ? 26.239  -1.928  -1.572  1.00 62.87  ? 112 ILE A O   1 
ATOM   740  C CB  . ILE A 1 92  ? 23.002  -1.482  -2.720  1.00 61.01  ? 112 ILE A CB  1 
ATOM   741  C CG1 . ILE A 1 92  ? 22.325  -2.246  -3.852  1.00 58.36  ? 112 ILE A CG1 1 
ATOM   742  C CG2 . ILE A 1 92  ? 23.715  -0.262  -3.335  1.00 52.02  ? 112 ILE A CG2 1 
ATOM   743  C CD1 . ILE A 1 92  ? 20.978  -1.679  -4.225  1.00 60.68  ? 112 ILE A CD1 1 
ATOM   744  N N   . ASP A 1 93  ? 24.736  -1.052  -0.176  1.00 60.89  ? 113 ASP A N   1 
ATOM   745  C CA  . ASP A 1 93  ? 25.709  -0.655  0.807   1.00 61.61  ? 113 ASP A CA  1 
ATOM   746  C C   . ASP A 1 93  ? 24.992  -0.766  2.154   1.00 67.34  ? 113 ASP A C   1 
ATOM   747  O O   . ASP A 1 93  ? 24.010  -1.518  2.272   1.00 84.98  ? 113 ASP A O   1 
ATOM   748  C CB  . ASP A 1 93  ? 26.262  0.732   0.466   1.00 58.70  ? 113 ASP A CB  1 
ATOM   749  C CG  . ASP A 1 93  ? 25.185  1.813   0.418   1.00 66.16  ? 113 ASP A CG  1 
ATOM   750  O OD1 . ASP A 1 93  ? 24.184  1.723   1.185   1.00 63.18  ? 113 ASP A OD1 1 
ATOM   751  O OD2 . ASP A 1 93  ? 25.360  2.786   -0.363  1.00 69.21  ? 113 ASP A OD2 1 
ATOM   752  N N   . ASN A 1 94  ? 25.451  -0.029  3.162   1.00 72.79  ? 114 ASN A N   1 
ATOM   753  C CA  . ASN A 1 94  ? 24.871  -0.109  4.509   1.00 72.35  ? 114 ASN A CA  1 
ATOM   754  C C   . ASN A 1 94  ? 23.547  0.606   4.614   1.00 69.98  ? 114 ASN A C   1 
ATOM   755  O O   . ASN A 1 94  ? 22.858  0.438   5.599   1.00 79.45  ? 114 ASN A O   1 
ATOM   756  C CB  . ASN A 1 94  ? 25.804  0.469   5.580   1.00 75.12  ? 114 ASN A CB  1 
ATOM   757  C CG  . ASN A 1 94  ? 27.096  -0.315  5.762   1.00 81.96  ? 114 ASN A CG  1 
ATOM   758  O OD1 . ASN A 1 94  ? 27.343  -1.382  5.161   1.00 85.41  ? 114 ASN A OD1 1 
ATOM   759  N ND2 . ASN A 1 94  ? 27.951  0.232   6.616   1.00 109.50 ? 114 ASN A ND2 1 
ATOM   760  N N   . GLU A 1 95  ? 23.189  1.412   3.626   1.00 68.87  ? 115 GLU A N   1 
ATOM   761  C CA  . GLU A 1 95  ? 21.960  2.193   3.725   1.00 74.38  ? 115 GLU A CA  1 
ATOM   762  C C   . GLU A 1 95  ? 20.877  1.691   2.794   1.00 74.52  ? 115 GLU A C   1 
ATOM   763  O O   . GLU A 1 95  ? 19.708  2.075   2.935   1.00 73.17  ? 115 GLU A O   1 
ATOM   764  C CB  . GLU A 1 95  ? 22.238  3.653   3.415   1.00 77.41  ? 115 GLU A CB  1 
ATOM   765  C CG  . GLU A 1 95  ? 23.006  4.364   4.510   1.00 92.00  ? 115 GLU A CG  1 
ATOM   766  C CD  . GLU A 1 95  ? 23.084  5.863   4.290   1.00 101.77 ? 115 GLU A CD  1 
ATOM   767  O OE1 . GLU A 1 95  ? 23.068  6.287   3.110   1.00 108.34 ? 115 GLU A OE1 1 
ATOM   768  O OE2 . GLU A 1 95  ? 23.164  6.613   5.296   1.00 104.58 ? 115 GLU A OE2 1 
ATOM   769  N N   . LYS A 1 96  ? 21.288  0.842   1.850   1.00 68.30  ? 116 LYS A N   1 
ATOM   770  C CA  . LYS A 1 96  ? 20.508  0.506   0.665   1.00 63.75  ? 116 LYS A CA  1 
ATOM   771  C C   . LYS A 1 96  ? 20.673  -0.984  0.330   1.00 64.50  ? 116 LYS A C   1 
ATOM   772  O O   . LYS A 1 96  ? 21.761  -1.584  0.495   1.00 61.73  ? 116 LYS A O   1 
ATOM   773  C CB  . LYS A 1 96  ? 20.894  1.413   -0.549  1.00 63.73  ? 116 LYS A CB  1 
ATOM   774  C CG  . LYS A 1 96  ? 20.468  2.889   -0.432  1.00 77.31  ? 116 LYS A CG  1 
ATOM   775  C CD  . LYS A 1 96  ? 20.505  3.741   -1.716  1.00 92.79  ? 116 LYS A CD  1 
ATOM   776  C CE  . LYS A 1 96  ? 21.757  4.612   -1.902  1.00 99.09  ? 116 LYS A CE  1 
ATOM   777  N NZ  . LYS A 1 96  ? 22.769  3.990   -2.809  1.00 91.81  ? 116 LYS A NZ  1 
ATOM   778  N N   . GLY A 1 97  ? 19.580  -1.587  -0.127  1.00 58.72  ? 117 GLY A N   1 
ATOM   779  C CA  . GLY A 1 97  ? 19.644  -2.951  -0.645  1.00 56.08  ? 117 GLY A CA  1 
ATOM   780  C C   . GLY A 1 97  ? 18.386  -3.318  -1.369  1.00 53.66  ? 117 GLY A C   1 
ATOM   781  O O   . GLY A 1 97  ? 17.357  -2.659  -1.195  1.00 60.33  ? 117 GLY A O   1 
ATOM   782  N N   . LYS A 1 98  ? 18.475  -4.377  -2.166  1.00 50.32  ? 118 LYS A N   1 
ATOM   783  C CA  . LYS A 1 98  ? 17.390  -4.863  -3.009  1.00 51.20  ? 118 LYS A CA  1 
ATOM   784  C C   . LYS A 1 98  ? 16.772  -6.145  -2.382  1.00 50.17  ? 118 LYS A C   1 
ATOM   785  O O   . LYS A 1 98  ? 17.417  -7.194  -2.378  1.00 48.64  ? 118 LYS A O   1 
ATOM   786  C CB  . LYS A 1 98  ? 17.990  -5.124  -4.402  1.00 53.17  ? 118 LYS A CB  1 
ATOM   787  C CG  . LYS A 1 98  ? 17.033  -5.401  -5.545  1.00 63.51  ? 118 LYS A CG  1 
ATOM   788  C CD  . LYS A 1 98  ? 17.751  -6.010  -6.756  1.00 74.70  ? 118 LYS A CD  1 
ATOM   789  C CE  . LYS A 1 98  ? 16.958  -5.970  -8.070  1.00 73.53  ? 118 LYS A CE  1 
ATOM   790  N NZ  . LYS A 1 98  ? 17.224  -7.213  -8.853  1.00 68.53  ? 118 LYS A NZ  1 
ATOM   791  N N   . MET A 1 99  ? 15.542  -6.053  -1.843  1.00 51.74  ? 119 MET A N   1 
ATOM   792  C CA  . MET A 1 99  ? 14.799  -7.226  -1.283  1.00 51.72  ? 119 MET A CA  1 
ATOM   793  C C   . MET A 1 99  ? 13.896  -7.958  -2.289  1.00 52.22  ? 119 MET A C   1 
ATOM   794  O O   . MET A 1 99  ? 13.027  -7.343  -2.858  1.00 59.94  ? 119 MET A O   1 
ATOM   795  C CB  . MET A 1 99  ? 13.945  -6.799  -0.099  1.00 47.75  ? 119 MET A CB  1 
ATOM   796  C CG  . MET A 1 99  ? 13.551  -7.956  0.802   1.00 51.00  ? 119 MET A CG  1 
ATOM   797  S SD  . MET A 1 99  ? 12.790  -7.427  2.362   1.00 60.24  ? 119 MET A SD  1 
ATOM   798  C CE  . MET A 1 99  ? 14.226  -7.019  3.349   1.00 63.97  ? 119 MET A CE  1 
ATOM   799  N N   . THR A 1 100 ? 14.102  -9.254  -2.502  1.00 49.76  ? 120 THR A N   1 
ATOM   800  C CA  . THR A 1 100 ? 13.180  -10.086 -3.297  1.00 51.76  ? 120 THR A CA  1 
ATOM   801  C C   . THR A 1 100 ? 12.347  -11.020 -2.395  1.00 58.23  ? 120 THR A C   1 
ATOM   802  O O   . THR A 1 100 ? 12.874  -11.666 -1.489  1.00 62.12  ? 120 THR A O   1 
ATOM   803  C CB  . THR A 1 100 ? 13.924  -10.942 -4.334  1.00 51.42  ? 120 THR A CB  1 
ATOM   804  O OG1 . THR A 1 100 ? 14.690  -10.101 -5.204  1.00 55.37  ? 120 THR A OG1 1 
ATOM   805  C CG2 . THR A 1 100 ? 12.952  -11.728 -5.182  1.00 50.43  ? 120 THR A CG2 1 
ATOM   806  N N   . GLY A 1 101 ? 11.044  -11.088 -2.654  1.00 61.69  ? 121 GLY A N   1 
ATOM   807  C CA  . GLY A 1 101 ? 10.117  -11.903 -1.868  1.00 58.05  ? 121 GLY A CA  1 
ATOM   808  C C   . GLY A 1 101 ? 8.817   -12.290 -2.548  1.00 60.47  ? 121 GLY A C   1 
ATOM   809  O O   . GLY A 1 101 ? 8.541   -11.893 -3.674  1.00 67.42  ? 121 GLY A O   1 
ATOM   810  N N   . THR A 1 102 ? 8.009   -13.091 -1.867  1.00 60.79  ? 122 THR A N   1 
ATOM   811  C CA  . THR A 1 102 ? 6.767   -13.590 -2.446  1.00 57.12  ? 122 THR A CA  1 
ATOM   812  C C   . THR A 1 102 ? 5.616   -12.866 -1.809  1.00 60.34  ? 122 THR A C   1 
ATOM   813  O O   . THR A 1 102 ? 5.421   -12.940 -0.574  1.00 60.24  ? 122 THR A O   1 
ATOM   814  C CB  . THR A 1 102 ? 6.608   -15.100 -2.233  1.00 57.67  ? 122 THR A CB  1 
ATOM   815  O OG1 . THR A 1 102 ? 7.679   -15.777 -2.890  1.00 60.81  ? 122 THR A OG1 1 
ATOM   816  C CG2 . THR A 1 102 ? 5.326   -15.593 -2.838  1.00 54.86  ? 122 THR A CG2 1 
ATOM   817  N N   . LEU A 1 103 ? 4.872   -12.151 -2.657  1.00 59.54  ? 123 LEU A N   1 
ATOM   818  C CA  . LEU A 1 103 ? 3.633   -11.515 -2.242  1.00 53.96  ? 123 LEU A CA  1 
ATOM   819  C C   . LEU A 1 103 ? 2.452   -12.388 -2.676  1.00 53.70  ? 123 LEU A C   1 
ATOM   820  O O   . LEU A 1 103 ? 2.445   -12.995 -3.779  1.00 47.66  ? 123 LEU A O   1 
ATOM   821  C CB  . LEU A 1 103 ? 3.540   -10.102 -2.796  1.00 53.43  ? 123 LEU A CB  1 
ATOM   822  C CG  . LEU A 1 103 ? 2.430   -9.229  -2.210  1.00 55.17  ? 123 LEU A CG  1 
ATOM   823  C CD1 . LEU A 1 103 ? 2.595   -8.995  -0.719  1.00 56.02  ? 123 LEU A CD1 1 
ATOM   824  C CD2 . LEU A 1 103 ? 2.389   -7.895  -2.934  1.00 52.76  ? 123 LEU A CD2 1 
ATOM   825  N N   . THR A 1 104 ? 1.489   -12.503 -1.767  1.00 53.97  ? 124 THR A N   1 
ATOM   826  C CA  . THR A 1 104 ? 0.265   -13.244 -2.052  1.00 57.08  ? 124 THR A CA  1 
ATOM   827  C C   . THR A 1 104 ? -0.887  -12.361 -1.734  1.00 61.14  ? 124 THR A C   1 
ATOM   828  O O   . THR A 1 104 ? -0.991  -11.867 -0.594  1.00 62.93  ? 124 THR A O   1 
ATOM   829  C CB  . THR A 1 104 ? 0.151   -14.524 -1.230  1.00 52.71  ? 124 THR A CB  1 
ATOM   830  O OG1 . THR A 1 104 ? 1.327   -15.289 -1.458  1.00 52.02  ? 124 THR A OG1 1 
ATOM   831  C CG2 . THR A 1 104 ? -1.011  -15.351 -1.704  1.00 49.88  ? 124 THR A CG2 1 
ATOM   832  N N   . ILE A 1 105 ? -1.721  -12.139 -2.758  1.00 62.54  ? 125 ILE A N   1 
ATOM   833  C CA  . ILE A 1 105 ? -2.964  -11.352 -2.628  1.00 65.68  ? 125 ILE A CA  1 
ATOM   834  C C   . ILE A 1 105 ? -4.084  -12.225 -3.136  1.00 65.01  ? 125 ILE A C   1 
ATOM   835  O O   . ILE A 1 105 ? -3.988  -12.743 -4.266  1.00 58.89  ? 125 ILE A O   1 
ATOM   836  C CB  . ILE A 1 105 ? -2.987  -10.046 -3.454  1.00 66.95  ? 125 ILE A CB  1 
ATOM   837  C CG1 . ILE A 1 105 ? -1.615  -9.365  -3.499  1.00 64.12  ? 125 ILE A CG1 1 
ATOM   838  C CG2 . ILE A 1 105 ? -4.048  -9.117  -2.882  1.00 79.15  ? 125 ILE A CG2 1 
ATOM   839  C CD1 . ILE A 1 105 ? -1.548  -8.099  -4.323  1.00 66.32  ? 125 ILE A CD1 1 
ATOM   840  N N   . ALA A 1 106 ? -5.127  -12.400 -2.308  1.00 64.90  ? 126 ALA A N   1 
ATOM   841  C CA  . ALA A 1 106 ? -6.232  -13.345 -2.623  1.00 65.06  ? 126 ALA A CA  1 
ATOM   842  C C   . ALA A 1 106 ? -5.746  -14.651 -3.302  1.00 64.13  ? 126 ALA A C   1 
ATOM   843  O O   . ALA A 1 106 ? -6.199  -15.012 -4.395  1.00 71.13  ? 126 ALA A O   1 
ATOM   844  C CB  . ALA A 1 106 ? -7.319  -12.662 -3.467  1.00 65.67  ? 126 ALA A CB  1 
ATOM   845  N N   . GLY A 1 107 ? -4.776  -15.314 -2.676  1.00 56.51  ? 127 GLY A N   1 
ATOM   846  C CA  . GLY A 1 107 ? -4.313  -16.615 -3.122  1.00 54.68  ? 127 GLY A CA  1 
ATOM   847  C C   . GLY A 1 107 ? -3.510  -16.666 -4.401  1.00 59.72  ? 127 GLY A C   1 
ATOM   848  O O   . GLY A 1 107 ? -3.115  -17.752 -4.883  1.00 65.22  ? 127 GLY A O   1 
ATOM   849  N N   . VAL A 1 108 ? -3.244  -15.508 -4.976  1.00 62.92  ? 128 VAL A N   1 
ATOM   850  C CA  . VAL A 1 108 ? -2.348  -15.502 -6.123  1.00 64.00  ? 128 VAL A CA  1 
ATOM   851  C C   . VAL A 1 108 ? -0.973  -14.954 -5.687  1.00 64.12  ? 128 VAL A C   1 
ATOM   852  O O   . VAL A 1 108 ? -0.880  -13.953 -4.915  1.00 55.19  ? 128 VAL A O   1 
ATOM   853  C CB  . VAL A 1 108 ? -3.030  -14.868 -7.356  1.00 64.98  ? 128 VAL A CB  1 
ATOM   854  C CG1 . VAL A 1 108 ? -3.471  -13.452 -7.067  1.00 77.64  ? 128 VAL A CG1 1 
ATOM   855  C CG2 . VAL A 1 108 ? -2.155  -14.939 -8.584  1.00 62.67  ? 128 VAL A CG2 1 
ATOM   856  N N   . SER A 1 109 ? 0.076   -15.679 -6.091  1.00 61.94  ? 129 SER A N   1 
ATOM   857  C CA  . SER A 1 109 ? 1.430   -15.370 -5.610  1.00 61.67  ? 129 SER A CA  1 
ATOM   858  C C   . SER A 1 109 ? 2.362   -14.966 -6.701  1.00 63.10  ? 129 SER A C   1 
ATOM   859  O O   . SER A 1 109 ? 2.380   -15.585 -7.760  1.00 62.57  ? 129 SER A O   1 
ATOM   860  C CB  . SER A 1 109 ? 2.034   -16.544 -4.860  1.00 61.54  ? 129 SER A CB  1 
ATOM   861  O OG  . SER A 1 109 ? 1.507   -16.578 -3.549  1.00 65.25  ? 129 SER A OG  1 
ATOM   862  N N   . LYS A 1 110 ? 3.136   -13.919 -6.433  1.00 64.82  ? 130 LYS A N   1 
ATOM   863  C CA  . LYS A 1 110 ? 4.165   -13.451 -7.350  1.00 63.17  ? 130 LYS A CA  1 
ATOM   864  C C   . LYS A 1 110 ? 5.360   -12.956 -6.535  1.00 64.23  ? 130 LYS A C   1 
ATOM   865  O O   . LYS A 1 110 ? 5.226   -12.508 -5.366  1.00 59.31  ? 130 LYS A O   1 
ATOM   866  C CB  . LYS A 1 110 ? 3.577   -12.374 -8.263  1.00 72.00  ? 130 LYS A CB  1 
ATOM   867  C CG  . LYS A 1 110 ? 4.566   -11.525 -9.040  1.00 82.84  ? 130 LYS A CG  1 
ATOM   868  C CD  . LYS A 1 110 ? 4.461   -11.730 -10.539 1.00 88.13  ? 130 LYS A CD  1 
ATOM   869  C CE  . LYS A 1 110 ? 5.596   -11.005 -11.242 1.00 81.18  ? 130 LYS A CE  1 
ATOM   870  N NZ  . LYS A 1 110 ? 5.763   -11.555 -12.617 1.00 90.06  ? 130 LYS A NZ  1 
ATOM   871  N N   . ASP A 1 111 ? 6.536   -13.088 -7.145  1.00 66.52  ? 131 ASP A N   1 
ATOM   872  C CA  . ASP A 1 111 ? 7.781   -12.575 -6.573  1.00 60.79  ? 131 ASP A CA  1 
ATOM   873  C C   . ASP A 1 111 ? 8.001   -11.132 -6.952  1.00 60.51  ? 131 ASP A C   1 
ATOM   874  O O   . ASP A 1 111 ? 7.935   -10.774 -8.130  1.00 67.07  ? 131 ASP A O   1 
ATOM   875  C CB  . ASP A 1 111 ? 8.961   -13.425 -7.014  1.00 63.83  ? 131 ASP A CB  1 
ATOM   876  C CG  . ASP A 1 111 ? 9.096   -14.704 -6.198  1.00 73.01  ? 131 ASP A CG  1 
ATOM   877  O OD1 . ASP A 1 111 ? 8.394   -14.861 -5.166  1.00 77.71  ? 131 ASP A OD1 1 
ATOM   878  O OD2 . ASP A 1 111 ? 9.918   -15.555 -6.593  1.00 69.91  ? 131 ASP A OD2 1 
ATOM   879  N N   . ILE A 1 112 ? 8.241   -10.305 -5.939  1.00 58.21  ? 132 ILE A N   1 
ATOM   880  C CA  . ILE A 1 112 ? 8.427   -8.857  -6.105  1.00 55.23  ? 132 ILE A CA  1 
ATOM   881  C C   . ILE A 1 112 ? 9.801   -8.311  -5.614  1.00 57.70  ? 132 ILE A C   1 
ATOM   882  O O   . ILE A 1 112 ? 10.510  -8.974  -4.858  1.00 59.98  ? 132 ILE A O   1 
ATOM   883  C CB  . ILE A 1 112 ? 7.227   -8.111  -5.498  1.00 50.81  ? 132 ILE A CB  1 
ATOM   884  C CG1 . ILE A 1 112 ? 7.189   -8.240  -3.979  1.00 46.46  ? 132 ILE A CG1 1 
ATOM   885  C CG2 . ILE A 1 112 ? 5.949   -8.678  -6.095  1.00 49.74  ? 132 ILE A CG2 1 
ATOM   886  C CD1 . ILE A 1 112 ? 6.355   -7.172  -3.310  1.00 45.07  ? 132 ILE A CD1 1 
ATOM   887  N N   . VAL A 1 113 ? 10.218  -7.139  -6.086  1.00 62.36  ? 133 VAL A N   1 
ATOM   888  C CA  . VAL A 1 113 ? 11.424  -6.502  -5.514  1.00 59.18  ? 133 VAL A CA  1 
ATOM   889  C C   . VAL A 1 113 ? 11.048  -5.238  -4.771  1.00 57.14  ? 133 VAL A C   1 
ATOM   890  O O   . VAL A 1 113 ? 10.326  -4.399  -5.289  1.00 64.56  ? 133 VAL A O   1 
ATOM   891  C CB  . VAL A 1 113 ? 12.599  -6.248  -6.510  1.00 57.09  ? 133 VAL A CB  1 
ATOM   892  C CG1 . VAL A 1 113 ? 13.087  -7.548  -7.153  1.00 49.77  ? 133 VAL A CG1 1 
ATOM   893  C CG2 . VAL A 1 113 ? 12.251  -5.181  -7.557  1.00 68.96  ? 133 VAL A CG2 1 
ATOM   894  N N   . LEU A 1 114 ? 11.521  -5.123  -3.541  1.00 58.11  ? 134 LEU A N   1 
ATOM   895  C CA  . LEU A 1 114 ? 11.345  -3.905  -2.772  1.00 58.08  ? 134 LEU A CA  1 
ATOM   896  C C   . LEU A 1 114 ? 12.691  -3.234  -2.552  1.00 60.05  ? 134 LEU A C   1 
ATOM   897  O O   . LEU A 1 114 ? 13.750  -3.898  -2.527  1.00 56.53  ? 134 LEU A O   1 
ATOM   898  C CB  . LEU A 1 114 ? 10.643  -4.183  -1.447  1.00 58.93  ? 134 LEU A CB  1 
ATOM   899  C CG  . LEU A 1 114 ? 9.270   -4.856  -1.545  1.00 59.64  ? 134 LEU A CG  1 
ATOM   900  C CD1 . LEU A 1 114 ? 8.780   -5.290  -0.169  1.00 57.32  ? 134 LEU A CD1 1 
ATOM   901  C CD2 . LEU A 1 114 ? 8.269   -3.913  -2.182  1.00 55.93  ? 134 LEU A CD2 1 
ATOM   902  N N   . ASP A 1 115 ? 12.646  -1.914  -2.428  1.00 57.48  ? 135 ASP A N   1 
ATOM   903  C CA  . ASP A 1 115 ? 13.853  -1.162  -2.238  1.00 59.28  ? 135 ASP A CA  1 
ATOM   904  C C   . ASP A 1 115 ? 13.950  -0.828  -0.801  1.00 61.43  ? 135 ASP A C   1 
ATOM   905  O O   . ASP A 1 115 ? 13.116  -0.080  -0.253  1.00 66.27  ? 135 ASP A O   1 
ATOM   906  C CB  . ASP A 1 115 ? 13.908  0.074   -3.116  1.00 61.97  ? 135 ASP A CB  1 
ATOM   907  C CG  . ASP A 1 115 ? 14.244  -0.259  -4.550  1.00 66.55  ? 135 ASP A CG  1 
ATOM   908  O OD1 . ASP A 1 115 ? 15.204  -1.030  -4.821  1.00 74.47  ? 135 ASP A OD1 1 
ATOM   909  O OD2 . ASP A 1 115 ? 13.537  0.260   -5.418  1.00 65.14  ? 135 ASP A OD2 1 
ATOM   910  N N   . ALA A 1 116 ? 14.956  -1.455  -0.196  1.00 58.94  ? 136 ALA A N   1 
ATOM   911  C CA  . ALA A 1 116 ? 15.256  -1.306  1.201   1.00 57.04  ? 136 ALA A CA  1 
ATOM   912  C C   . ALA A 1 116 ? 16.165  -0.127  1.330   1.00 62.94  ? 136 ALA A C   1 
ATOM   913  O O   . ALA A 1 116 ? 17.204  -0.043  0.647   1.00 64.05  ? 136 ALA A O   1 
ATOM   914  C CB  . ALA A 1 116 ? 15.937  -2.547  1.721   1.00 55.86  ? 136 ALA A CB  1 
ATOM   915  N N   . GLU A 1 117 ? 15.734  0.784   2.194   1.00 66.61  ? 137 GLU A N   1 
ATOM   916  C CA  . GLU A 1 117 ? 16.510  1.919   2.624   1.00 69.80  ? 137 GLU A CA  1 
ATOM   917  C C   . GLU A 1 117 ? 16.525  1.908   4.151   1.00 76.22  ? 137 GLU A C   1 
ATOM   918  O O   . GLU A 1 117 ? 15.455  2.027   4.777   1.00 79.30  ? 137 GLU A O   1 
ATOM   919  C CB  . GLU A 1 117 ? 15.846  3.177   2.108   1.00 76.37  ? 137 GLU A CB  1 
ATOM   920  C CG  . GLU A 1 117 ? 16.744  4.395   2.100   1.00 99.10  ? 137 GLU A CG  1 
ATOM   921  C CD  . GLU A 1 117 ? 16.626  5.156   0.794   1.00 111.30 ? 137 GLU A CD  1 
ATOM   922  O OE1 . GLU A 1 117 ? 15.568  5.794   0.567   1.00 97.45  ? 137 GLU A OE1 1 
ATOM   923  O OE2 . GLU A 1 117 ? 17.596  5.099   -0.009  1.00 126.99 ? 137 GLU A OE2 1 
ATOM   924  N N   . ILE A 1 118 ? 17.714  1.720   4.742   1.00 79.78  ? 138 ILE A N   1 
ATOM   925  C CA  . ILE A 1 118 ? 17.891  1.782   6.206   1.00 78.52  ? 138 ILE A CA  1 
ATOM   926  C C   . ILE A 1 118 ? 17.929  3.218   6.705   1.00 96.12  ? 138 ILE A C   1 
ATOM   927  O O   . ILE A 1 118 ? 18.878  3.967   6.430   1.00 99.62  ? 138 ILE A O   1 
ATOM   928  C CB  . ILE A 1 118 ? 19.145  1.066   6.697   1.00 65.14  ? 138 ILE A CB  1 
ATOM   929  C CG1 . ILE A 1 118 ? 18.901  -0.419  6.723   1.00 54.95  ? 138 ILE A CG1 1 
ATOM   930  C CG2 . ILE A 1 118 ? 19.480  1.493   8.121   1.00 74.37  ? 138 ILE A CG2 1 
ATOM   931  C CD1 . ILE A 1 118 ? 19.565  -1.178  5.609   1.00 53.25  ? 138 ILE A CD1 1 
ATOM   932  N N   . GLY A 1 119 ? 16.878  3.572   7.448   1.00 119.28 ? 139 GLY A N   1 
ATOM   933  C CA  . GLY A 1 119 ? 16.720  4.880   8.085   1.00 117.93 ? 139 GLY A CA  1 
ATOM   934  C C   . GLY A 1 119 ? 17.577  5.125   9.326   1.00 117.46 ? 139 GLY A C   1 
ATOM   935  O O   . GLY A 1 119 ? 17.646  6.277   9.767   1.00 117.12 ? 139 GLY A O   1 
ATOM   936  N N   . GLY A 1 120 ? 18.217  4.078   9.890   1.00 101.20 ? 140 GLY A N   1 
ATOM   937  C CA  . GLY A 1 120 ? 19.105  4.227   11.067  1.00 93.54  ? 140 GLY A CA  1 
ATOM   938  C C   . GLY A 1 120 ? 19.150  3.157   12.158  1.00 90.85  ? 140 GLY A C   1 
ATOM   939  O O   . GLY A 1 120 ? 18.154  2.874   12.806  1.00 92.93  ? 140 GLY A O   1 
ATOM   940  N N   . VAL A 1 121 ? 20.329  2.595   12.386  1.00 89.76  ? 141 VAL A N   1 
ATOM   941  C CA  . VAL A 1 121 ? 20.502  1.469   13.295  1.00 91.19  ? 141 VAL A CA  1 
ATOM   942  C C   . VAL A 1 121 ? 21.144  1.957   14.573  1.00 95.44  ? 141 VAL A C   1 
ATOM   943  O O   . VAL A 1 121 ? 22.305  2.341   14.561  1.00 119.88 ? 141 VAL A O   1 
ATOM   944  C CB  . VAL A 1 121 ? 21.393  0.369   12.653  1.00 90.57  ? 141 VAL A CB  1 
ATOM   945  C CG1 . VAL A 1 121 ? 21.703  -0.772  13.635  1.00 85.69  ? 141 VAL A CG1 1 
ATOM   946  C CG2 . VAL A 1 121 ? 20.737  -0.170  11.369  1.00 99.95  ? 141 VAL A CG2 1 
ATOM   947  N N   . ALA A 1 122 ? 20.401  1.899   15.673  1.00 98.08  ? 142 ALA A N   1 
ATOM   948  C CA  . ALA A 1 122 ? 20.864  2.407   16.973  1.00 96.10  ? 142 ALA A CA  1 
ATOM   949  C C   . ALA A 1 122 ? 20.769  1.385   18.147  1.00 98.82  ? 142 ALA A C   1 
ATOM   950  O O   . ALA A 1 122 ? 20.211  0.281   17.987  1.00 97.14  ? 142 ALA A O   1 
ATOM   951  C CB  . ALA A 1 122 ? 20.109  3.705   17.297  1.00 92.19  ? 142 ALA A CB  1 
ATOM   952  N N   . LYS A 1 123 ? 21.356  1.752   19.300  1.00 108.34 ? 143 LYS A N   1 
ATOM   953  C CA  . LYS A 1 123 ? 21.066  1.142   20.626  1.00 118.66 ? 143 LYS A CA  1 
ATOM   954  C C   . LYS A 1 123 ? 20.207  2.076   21.490  1.00 129.75 ? 143 LYS A C   1 
ATOM   955  O O   . LYS A 1 123 ? 20.607  3.203   21.773  1.00 133.12 ? 143 LYS A O   1 
ATOM   956  C CB  . LYS A 1 123 ? 22.352  0.781   21.367  1.00 104.53 ? 143 LYS A CB  1 
ATOM   957  C CG  . LYS A 1 123 ? 22.589  -0.708  21.436  1.00 112.67 ? 143 LYS A CG  1 
ATOM   958  C CD  . LYS A 1 123 ? 24.068  -1.040  21.455  1.00 113.79 ? 143 LYS A CD  1 
ATOM   959  C CE  . LYS A 1 123 ? 24.262  -2.541  21.603  1.00 115.51 ? 143 LYS A CE  1 
ATOM   960  N NZ  . LYS A 1 123 ? 25.634  -2.914  21.166  1.00 121.88 ? 143 LYS A NZ  1 
ATOM   961  N N   . GLY A 1 124 ? 19.034  1.605   21.908  1.00 150.46 ? 144 GLY A N   1 
ATOM   962  C CA  . GLY A 1 124 ? 18.008  2.472   22.509  1.00 172.18 ? 144 GLY A CA  1 
ATOM   963  C C   . GLY A 1 124 ? 18.319  3.065   23.873  1.00 191.82 ? 144 GLY A C   1 
ATOM   964  O O   . GLY A 1 124 ? 19.416  2.858   24.422  1.00 194.29 ? 144 GLY A O   1 
ATOM   965  N N   . LYS A 1 125 ? 17.336  3.806   24.403  1.00 189.06 ? 145 LYS A N   1 
ATOM   966  C CA  . LYS A 1 125 ? 17.346  4.391   25.762  1.00 166.15 ? 145 LYS A CA  1 
ATOM   967  C C   . LYS A 1 125 ? 17.983  3.428   26.799  1.00 161.31 ? 145 LYS A C   1 
ATOM   968  O O   . LYS A 1 125 ? 18.933  3.785   27.502  1.00 138.29 ? 145 LYS A O   1 
ATOM   969  C CB  . LYS A 1 125 ? 15.907  4.791   26.186  1.00 150.70 ? 145 LYS A CB  1 
ATOM   970  C CG  . LYS A 1 125 ? 14.991  5.328   25.081  1.00 136.51 ? 145 LYS A CG  1 
ATOM   971  C CD  . LYS A 1 125 ? 15.274  6.792   24.763  1.00 132.48 ? 145 LYS A CD  1 
ATOM   972  C CE  . LYS A 1 125 ? 15.150  7.083   23.277  1.00 119.96 ? 145 LYS A CE  1 
ATOM   973  N NZ  . LYS A 1 125 ? 16.370  6.620   22.559  1.00 108.72 ? 145 LYS A NZ  1 
ATOM   974  N N   . ASP A 1 126 ? 17.480  2.193   26.810  1.00 161.60 ? 146 ASP A N   1 
ATOM   975  C CA  . ASP A 1 126 ? 17.863  1.122   27.741  1.00 150.94 ? 146 ASP A CA  1 
ATOM   976  C C   . ASP A 1 126 ? 19.101  0.266   27.358  1.00 139.76 ? 146 ASP A C   1 
ATOM   977  O O   . ASP A 1 126 ? 19.393  -0.724  28.031  1.00 135.15 ? 146 ASP A O   1 
ATOM   978  C CB  . ASP A 1 126 ? 16.634  0.209   27.979  1.00 156.51 ? 146 ASP A CB  1 
ATOM   979  C CG  . ASP A 1 126 ? 15.911  -0.191  26.671  1.00 161.10 ? 146 ASP A CG  1 
ATOM   980  O OD1 . ASP A 1 126 ? 15.384  0.706   25.969  1.00 156.83 ? 146 ASP A OD1 1 
ATOM   981  O OD2 . ASP A 1 126 ? 15.851  -1.403  26.350  1.00 148.25 ? 146 ASP A OD2 1 
ATOM   982  N N   . GLY A 1 127 ? 19.825  0.627   26.298  1.00 129.56 ? 147 GLY A N   1 
ATOM   983  C CA  . GLY A 1 127 ? 20.890  -0.248  25.776  1.00 129.46 ? 147 GLY A CA  1 
ATOM   984  C C   . GLY A 1 127 ? 20.473  -1.497  24.978  1.00 133.62 ? 147 GLY A C   1 
ATOM   985  O O   . GLY A 1 127 ? 21.339  -2.285  24.573  1.00 120.14 ? 147 GLY A O   1 
ATOM   986  N N   . LYS A 1 128 ? 19.164  -1.694  24.759  1.00 138.35 ? 148 LYS A N   1 
ATOM   987  C CA  . LYS A 1 128 ? 18.644  -2.694  23.796  1.00 126.08 ? 148 LYS A CA  1 
ATOM   988  C C   . LYS A 1 128 ? 18.385  -2.048  22.427  1.00 129.66 ? 148 LYS A C   1 
ATOM   989  O O   . LYS A 1 128 ? 17.954  -0.889  22.353  1.00 129.35 ? 148 LYS A O   1 
ATOM   990  C CB  . LYS A 1 128 ? 17.381  -3.400  24.322  1.00 116.78 ? 148 LYS A CB  1 
ATOM   991  C CG  . LYS A 1 128 ? 17.690  -4.677  25.102  1.00 128.20 ? 148 LYS A CG  1 
ATOM   992  C CD  . LYS A 1 128 ? 16.473  -5.541  25.436  1.00 128.36 ? 148 LYS A CD  1 
ATOM   993  C CE  . LYS A 1 128 ? 16.894  -6.989  25.804  1.00 126.93 ? 148 LYS A CE  1 
ATOM   994  N NZ  . LYS A 1 128 ? 15.905  -7.781  26.622  1.00 131.96 ? 148 LYS A NZ  1 
ATOM   995  N N   . GLU A 1 129 ? 18.640  -2.814  21.362  1.00 121.03 ? 149 GLU A N   1 
ATOM   996  C CA  . GLU A 1 129 ? 18.612  -2.342  19.951  1.00 109.82 ? 149 GLU A CA  1 
ATOM   997  C C   . GLU A 1 129 ? 17.298  -1.752  19.402  1.00 100.34 ? 149 GLU A C   1 
ATOM   998  O O   . GLU A 1 129 ? 16.185  -2.101  19.831  1.00 92.18  ? 149 GLU A O   1 
ATOM   999  C CB  . GLU A 1 129 ? 19.030  -3.479  19.002  1.00 112.66 ? 149 GLU A CB  1 
ATOM   1000 C CG  . GLU A 1 129 ? 20.445  -4.015  19.173  1.00 109.05 ? 149 GLU A CG  1 
ATOM   1001 C CD  . GLU A 1 129 ? 21.451  -3.444  18.189  1.00 106.35 ? 149 GLU A CD  1 
ATOM   1002 O OE1 . GLU A 1 129 ? 22.639  -3.743  18.404  1.00 97.33  ? 149 GLU A OE1 1 
ATOM   1003 O OE2 . GLU A 1 129 ? 21.079  -2.731  17.215  1.00 102.92 ? 149 GLU A OE2 1 
ATOM   1004 N N   . LYS A 1 130 ? 17.463  -0.860  18.430  1.00 87.19  ? 150 LYS A N   1 
ATOM   1005 C CA  . LYS A 1 130 ? 16.383  -0.447  17.547  1.00 84.94  ? 150 LYS A CA  1 
ATOM   1006 C C   . LYS A 1 130 ? 16.888  -0.404  16.096  1.00 85.56  ? 150 LYS A C   1 
ATOM   1007 O O   . LYS A 1 130 ? 18.100  -0.527  15.874  1.00 80.51  ? 150 LYS A O   1 
ATOM   1008 C CB  . LYS A 1 130 ? 15.726  0.868   18.007  1.00 81.59  ? 150 LYS A CB  1 
ATOM   1009 C CG  . LYS A 1 130 ? 16.662  1.976   18.456  1.00 94.53  ? 150 LYS A CG  1 
ATOM   1010 C CD  . LYS A 1 130 ? 15.912  3.048   19.250  1.00 101.42 ? 150 LYS A CD  1 
ATOM   1011 C CE  . LYS A 1 130 ? 16.722  4.338   19.415  1.00 106.70 ? 150 LYS A CE  1 
ATOM   1012 N NZ  . LYS A 1 130 ? 15.851  5.557   19.380  1.00 107.83 ? 150 LYS A NZ  1 
ATOM   1013 N N   . ILE A 1 131 ? 15.952  -0.347  15.132  1.00 82.14  ? 151 ILE A N   1 
ATOM   1014 C CA  . ILE A 1 131 ? 16.210  -0.073  13.693  1.00 79.87  ? 151 ILE A CA  1 
ATOM   1015 C C   . ILE A 1 131 ? 15.014  0.626   13.136  1.00 80.85  ? 151 ILE A C   1 
ATOM   1016 O O   . ILE A 1 131 ? 13.904  0.422   13.622  1.00 89.95  ? 151 ILE A O   1 
ATOM   1017 C CB  . ILE A 1 131 ? 16.387  -1.307  12.764  1.00 76.18  ? 151 ILE A CB  1 
ATOM   1018 C CG1 . ILE A 1 131 ? 15.245  -2.301  12.919  1.00 73.39  ? 151 ILE A CG1 1 
ATOM   1019 C CG2 . ILE A 1 131 ? 17.727  -1.994  12.967  1.00 83.92  ? 151 ILE A CG2 1 
ATOM   1020 C CD1 . ILE A 1 131 ? 15.404  -3.480  11.989  1.00 85.18  ? 151 ILE A CD1 1 
ATOM   1021 N N   . GLY A 1 132 ? 15.250  1.419   12.094  1.00 81.38  ? 152 GLY A N   1 
ATOM   1022 C CA  . GLY A 1 132 ? 14.201  2.115   11.347  1.00 81.63  ? 152 GLY A CA  1 
ATOM   1023 C C   . GLY A 1 132 ? 14.563  1.899   9.904   1.00 87.12  ? 152 GLY A C   1 
ATOM   1024 O O   . GLY A 1 132 ? 15.718  2.095   9.543   1.00 110.50 ? 152 GLY A O   1 
ATOM   1025 N N   . PHE A 1 133 ? 13.621  1.437   9.087   1.00 78.95  ? 153 PHE A N   1 
ATOM   1026 C CA  . PHE A 1 133 ? 13.903  1.174   7.670   1.00 70.47  ? 153 PHE A CA  1 
ATOM   1027 C C   . PHE A 1 133 ? 12.658  1.304   6.846   1.00 72.52  ? 153 PHE A C   1 
ATOM   1028 O O   . PHE A 1 133 ? 11.556  1.262   7.402   1.00 81.74  ? 153 PHE A O   1 
ATOM   1029 C CB  . PHE A 1 133 ? 14.531  -0.206  7.456   1.00 67.97  ? 153 PHE A CB  1 
ATOM   1030 C CG  . PHE A 1 133 ? 13.618  -1.356  7.763   1.00 71.06  ? 153 PHE A CG  1 
ATOM   1031 C CD1 . PHE A 1 133 ? 12.738  -1.851  6.805   1.00 73.10  ? 153 PHE A CD1 1 
ATOM   1032 C CD2 . PHE A 1 133 ? 13.664  -1.978  8.994   1.00 74.65  ? 153 PHE A CD2 1 
ATOM   1033 C CE1 . PHE A 1 133 ? 11.901  -2.923  7.086   1.00 72.71  ? 153 PHE A CE1 1 
ATOM   1034 C CE2 . PHE A 1 133 ? 12.830  -3.055  9.279   1.00 77.36  ? 153 PHE A CE2 1 
ATOM   1035 C CZ  . PHE A 1 133 ? 11.944  -3.529  8.328   1.00 74.61  ? 153 PHE A CZ  1 
ATOM   1036 N N   . SER A 1 134 ? 12.823  1.447   5.528   1.00 68.19  ? 154 SER A N   1 
ATOM   1037 C CA  . SER A 1 134 ? 11.663  1.501   4.634   1.00 67.13  ? 154 SER A CA  1 
ATOM   1038 C C   . SER A 1 134 ? 11.753  0.499   3.471   1.00 66.46  ? 154 SER A C   1 
ATOM   1039 O O   . SER A 1 134 ? 12.855  0.134   3.035   1.00 65.03  ? 154 SER A O   1 
ATOM   1040 C CB  . SER A 1 134 ? 11.462  2.913   4.119   1.00 64.07  ? 154 SER A CB  1 
ATOM   1041 O OG  . SER A 1 134 ? 12.455  3.174   3.154   1.00 72.89  ? 154 SER A OG  1 
ATOM   1042 N N   . LEU A 1 135 ? 10.585  0.045   3.010   1.00 62.50  ? 155 LEU A N   1 
ATOM   1043 C CA  . LEU A 1 135 ? 10.487  -0.822  1.840   1.00 63.65  ? 155 LEU A CA  1 
ATOM   1044 C C   . LEU A 1 135 ? 9.561   -0.169  0.844   1.00 66.98  ? 155 LEU A C   1 
ATOM   1045 O O   . LEU A 1 135 ? 8.442   0.226   1.206   1.00 68.86  ? 155 LEU A O   1 
ATOM   1046 C CB  . LEU A 1 135 ? 9.987   -2.212  2.221   1.00 61.62  ? 155 LEU A CB  1 
ATOM   1047 C CG  . LEU A 1 135 ? 10.861  -2.968  3.228   1.00 65.06  ? 155 LEU A CG  1 
ATOM   1048 C CD1 . LEU A 1 135 ? 10.281  -4.327  3.541   1.00 62.96  ? 155 LEU A CD1 1 
ATOM   1049 C CD2 . LEU A 1 135 ? 12.283  -3.152  2.743   1.00 64.66  ? 155 LEU A CD2 1 
ATOM   1050 N N   . ASN A 1 136 ? 10.045  -0.023  -0.395  1.00 65.22  ? 156 ASN A N   1 
ATOM   1051 C CA  . ASN A 1 136 ? 9.315   0.672   -1.461  1.00 59.49  ? 156 ASN A CA  1 
ATOM   1052 C C   . ASN A 1 136 ? 9.407   -0.093  -2.738  1.00 64.03  ? 156 ASN A C   1 
ATOM   1053 O O   . ASN A 1 136 ? 10.464  -0.644  -3.042  1.00 71.60  ? 156 ASN A O   1 
ATOM   1054 C CB  . ASN A 1 136 ? 9.931   2.024   -1.725  1.00 63.22  ? 156 ASN A CB  1 
ATOM   1055 C CG  . ASN A 1 136 ? 9.768   2.958   -0.566  1.00 72.26  ? 156 ASN A CG  1 
ATOM   1056 O OD1 . ASN A 1 136 ? 8.745   3.633   -0.430  1.00 70.10  ? 156 ASN A OD1 1 
ATOM   1057 N ND2 . ASN A 1 136 ? 10.784  2.995   0.295   1.00 83.62  ? 156 ASN A ND2 1 
ATOM   1058 N N   . GLY A 1 137 ? 8.310   -0.116  -3.494  1.00 62.95  ? 157 GLY A N   1 
ATOM   1059 C CA  . GLY A 1 137 ? 8.271   -0.785  -4.795  1.00 59.34  ? 157 GLY A CA  1 
ATOM   1060 C C   . GLY A 1 137 ? 6.903   -0.653  -5.420  1.00 61.42  ? 157 GLY A C   1 
ATOM   1061 O O   . GLY A 1 137 ? 5.929   -0.344  -4.728  1.00 61.41  ? 157 GLY A O   1 
ATOM   1062 N N   . LYS A 1 138 ? 6.846   -0.876  -6.733  1.00 61.46  ? 158 LYS A N   1 
ATOM   1063 C CA  . LYS A 1 138 ? 5.603   -0.832  -7.506  1.00 58.67  ? 158 LYS A CA  1 
ATOM   1064 C C   . LYS A 1 138 ? 5.190   -2.280  -7.885  1.00 59.41  ? 158 LYS A C   1 
ATOM   1065 O O   . LYS A 1 138 ? 6.014   -3.057  -8.323  1.00 60.67  ? 158 LYS A O   1 
ATOM   1066 C CB  . LYS A 1 138 ? 5.740   0.109   -8.746  1.00 51.49  ? 158 LYS A CB  1 
ATOM   1067 N N   . ILE A 1 139 ? 3.928   -2.652  -7.674  1.00 64.05  ? 159 ILE A N   1 
ATOM   1068 C CA  . ILE A 1 139 ? 3.386   -3.956  -8.131  1.00 63.24  ? 159 ILE A CA  1 
ATOM   1069 C C   . ILE A 1 139 ? 2.226   -3.697  -9.090  1.00 64.91  ? 159 ILE A C   1 
ATOM   1070 O O   . ILE A 1 139 ? 1.570   -2.633  -9.001  1.00 66.27  ? 159 ILE A O   1 
ATOM   1071 C CB  . ILE A 1 139 ? 2.922   -4.854  -6.952  1.00 61.95  ? 159 ILE A CB  1 
ATOM   1072 C CG1 . ILE A 1 139 ? 1.883   -4.158  -6.079  1.00 58.27  ? 159 ILE A CG1 1 
ATOM   1073 C CG2 . ILE A 1 139 ? 4.094   -5.218  -6.064  1.00 64.07  ? 159 ILE A CG2 1 
ATOM   1074 C CD1 . ILE A 1 139 ? 1.183   -5.083  -5.115  1.00 61.20  ? 159 ILE A CD1 1 
ATOM   1075 N N   . LYS A 1 140 ? 1.975   -4.646  -9.995  1.00 62.08  ? 160 LYS A N   1 
ATOM   1076 C CA  . LYS A 1 140 ? 0.866   -4.493  -10.964 1.00 61.96  ? 160 LYS A CA  1 
ATOM   1077 C C   . LYS A 1 140 ? -0.380  -5.318  -10.641 1.00 60.44  ? 160 LYS A C   1 
ATOM   1078 O O   . LYS A 1 140 ? -0.321  -6.549  -10.669 1.00 65.35  ? 160 LYS A O   1 
ATOM   1079 C CB  . LYS A 1 140 ? 1.322   -4.831  -12.384 1.00 61.16  ? 160 LYS A CB  1 
ATOM   1080 C CG  . LYS A 1 140 ? 2.434   -3.946  -12.888 1.00 66.18  ? 160 LYS A CG  1 
ATOM   1081 C CD  . LYS A 1 140 ? 2.505   -3.878  -14.399 1.00 72.87  ? 160 LYS A CD  1 
ATOM   1082 C CE  . LYS A 1 140 ? 3.288   -5.040  -14.976 1.00 83.00  ? 160 LYS A CE  1 
ATOM   1083 N NZ  . LYS A 1 140 ? 4.032   -4.561  -16.175 1.00 97.74  ? 160 LYS A NZ  1 
ATOM   1084 N N   . ARG A 1 141 ? -1.505  -4.653  -10.357 1.00 61.63  ? 161 ARG A N   1 
ATOM   1085 C CA  . ARG A 1 141 ? -2.836  -5.313  -10.254 1.00 60.62  ? 161 ARG A CA  1 
ATOM   1086 C C   . ARG A 1 141 ? -2.954  -6.517  -11.216 1.00 58.27  ? 161 ARG A C   1 
ATOM   1087 O O   . ARG A 1 141 ? -3.345  -7.612  -10.813 1.00 57.15  ? 161 ARG A O   1 
ATOM   1088 C CB  . ARG A 1 141 ? -3.974  -4.310  -10.507 1.00 58.18  ? 161 ARG A CB  1 
ATOM   1089 C CG  . ARG A 1 141 ? -4.393  -3.449  -9.313  1.00 63.19  ? 161 ARG A CG  1 
ATOM   1090 C CD  . ARG A 1 141 ? -5.492  -2.440  -9.672  1.00 62.76  ? 161 ARG A CD  1 
ATOM   1091 N NE  . ARG A 1 141 ? -6.359  -3.012  -10.696 1.00 77.73  ? 161 ARG A NE  1 
ATOM   1092 C CZ  . ARG A 1 141 ? -6.955  -2.359  -11.688 1.00 83.57  ? 161 ARG A CZ  1 
ATOM   1093 N NH1 . ARG A 1 141 ? -6.841  -1.053  -11.828 1.00 90.16  ? 161 ARG A NH1 1 
ATOM   1094 N NH2 . ARG A 1 141 ? -7.689  -3.040  -12.550 1.00 92.56  ? 161 ARG A NH2 1 
ATOM   1095 N N   . SER A 1 142 ? -2.546  -6.318  -12.467 1.00 54.70  ? 162 SER A N   1 
ATOM   1096 C CA  . SER A 1 142 ? -2.652  -7.354  -13.472 1.00 55.48  ? 162 SER A CA  1 
ATOM   1097 C C   . SER A 1 142 ? -1.818  -8.609  -13.165 1.00 57.45  ? 162 SER A C   1 
ATOM   1098 O O   . SER A 1 142 ? -2.192  -9.702  -13.538 1.00 62.34  ? 162 SER A O   1 
ATOM   1099 C CB  . SER A 1 142 ? -2.345  -6.785  -14.866 1.00 55.38  ? 162 SER A CB  1 
ATOM   1100 O OG  . SER A 1 142 ? -0.951  -6.712  -15.148 1.00 53.27  ? 162 SER A OG  1 
ATOM   1101 N N   . ASP A 1 143 ? -0.689  -8.458  -12.490 1.00 64.65  ? 163 ASP A N   1 
ATOM   1102 C CA  . ASP A 1 143 ? 0.176   -9.594  -12.186 1.00 67.39  ? 163 ASP A CA  1 
ATOM   1103 C C   . ASP A 1 143 ? -0.477  -10.521 -11.170 1.00 64.65  ? 163 ASP A C   1 
ATOM   1104 O O   . ASP A 1 143 ? -0.078  -11.663 -11.052 1.00 67.23  ? 163 ASP A O   1 
ATOM   1105 C CB  . ASP A 1 143 ? 1.509   -9.119  -11.596 1.00 79.86  ? 163 ASP A CB  1 
ATOM   1106 C CG  . ASP A 1 143 ? 2.456   -8.528  -12.627 1.00 74.66  ? 163 ASP A CG  1 
ATOM   1107 O OD1 . ASP A 1 143 ? 2.422   -8.942  -13.804 1.00 64.25  ? 163 ASP A OD1 1 
ATOM   1108 O OD2 . ASP A 1 143 ? 3.257   -7.663  -12.209 1.00 76.62  ? 163 ASP A OD2 1 
ATOM   1109 N N   . PHE A 1 144 ? -1.461  -10.009 -10.440 1.00 61.46  ? 164 PHE A N   1 
ATOM   1110 C CA  . PHE A 1 144 ? -2.131  -10.742 -9.383  1.00 61.77  ? 164 PHE A CA  1 
ATOM   1111 C C   . PHE A 1 144 ? -3.584  -10.955 -9.722  1.00 63.26  ? 164 PHE A C   1 
ATOM   1112 O O   . PHE A 1 144 ? -4.381  -11.223 -8.812  1.00 64.74  ? 164 PHE A O   1 
ATOM   1113 C CB  . PHE A 1 144 ? -2.096  -9.928  -8.084  1.00 65.44  ? 164 PHE A CB  1 
ATOM   1114 C CG  . PHE A 1 144 ? -0.743  -9.812  -7.476  1.00 69.21  ? 164 PHE A CG  1 
ATOM   1115 C CD1 . PHE A 1 144 ? 0.139   -8.821  -7.890  1.00 67.71  ? 164 PHE A CD1 1 
ATOM   1116 C CD2 . PHE A 1 144 ? -0.341  -10.705 -6.487  1.00 71.61  ? 164 PHE A CD2 1 
ATOM   1117 C CE1 . PHE A 1 144 ? 1.395   -8.718  -7.314  1.00 71.87  ? 164 PHE A CE1 1 
ATOM   1118 C CE2 . PHE A 1 144 ? 0.917   -10.609 -5.902  1.00 69.07  ? 164 PHE A CE2 1 
ATOM   1119 C CZ  . PHE A 1 144 ? 1.785   -9.617  -6.321  1.00 71.90  ? 164 PHE A CZ  1 
ATOM   1120 N N   . LYS A 1 145 ? -3.940  -10.788 -11.003 1.00 62.18  ? 165 LYS A N   1 
ATOM   1121 C CA  . LYS A 1 145 ? -5.350  -10.787 -11.482 1.00 62.20  ? 165 LYS A CA  1 
ATOM   1122 C C   . LYS A 1 145 ? -6.324  -10.121 -10.473 1.00 63.43  ? 165 LYS A C   1 
ATOM   1123 O O   . LYS A 1 145 ? -7.438  -10.614 -10.207 1.00 64.51  ? 165 LYS A O   1 
ATOM   1124 C CB  . LYS A 1 145 ? -5.799  -12.202 -11.855 1.00 61.76  ? 165 LYS A CB  1 
ATOM   1125 C CG  . LYS A 1 145 ? -4.893  -12.896 -12.852 1.00 64.33  ? 165 LYS A CG  1 
ATOM   1126 C CD  . LYS A 1 145 ? -5.538  -13.076 -14.229 1.00 76.97  ? 165 LYS A CD  1 
ATOM   1127 C CE  . LYS A 1 145 ? -4.797  -14.144 -15.043 1.00 83.10  ? 165 LYS A CE  1 
ATOM   1128 N NZ  . LYS A 1 145 ? -4.313  -15.303 -14.202 1.00 81.37  ? 165 LYS A NZ  1 
ATOM   1129 N N   . PHE A 1 146 ? -5.855  -9.003  -9.907  1.00 61.82  ? 166 PHE A N   1 
ATOM   1130 C CA  . PHE A 1 146 ? -6.556  -8.242  -8.876  1.00 63.72  ? 166 PHE A CA  1 
ATOM   1131 C C   . PHE A 1 146 ? -7.498  -7.185  -9.456  1.00 72.21  ? 166 PHE A C   1 
ATOM   1132 O O   . PHE A 1 146 ? -7.127  -6.419  -10.392 1.00 76.63  ? 166 PHE A O   1 
ATOM   1133 C CB  . PHE A 1 146 ? -5.556  -7.587  -7.932  1.00 55.82  ? 166 PHE A CB  1 
ATOM   1134 C CG  . PHE A 1 146 ? -6.196  -6.857  -6.802  1.00 55.36  ? 166 PHE A CG  1 
ATOM   1135 C CD1 . PHE A 1 146 ? -6.659  -7.546  -5.678  1.00 57.54  ? 166 PHE A CD1 1 
ATOM   1136 C CD2 . PHE A 1 146 ? -6.355  -5.476  -6.849  1.00 56.00  ? 166 PHE A CD2 1 
ATOM   1137 C CE1 . PHE A 1 146 ? -7.263  -6.872  -4.608  1.00 57.48  ? 166 PHE A CE1 1 
ATOM   1138 C CE2 . PHE A 1 146 ? -6.946  -4.791  -5.779  1.00 58.61  ? 166 PHE A CE2 1 
ATOM   1139 C CZ  . PHE A 1 146 ? -7.400  -5.489  -4.654  1.00 57.65  ? 166 PHE A CZ  1 
ATOM   1140 N N   . ALA A 1 147 ? -8.705  -7.153  -8.883  1.00 66.74  ? 167 ALA A N   1 
ATOM   1141 C CA  . ALA A 1 147 ? -9.802  -6.291  -9.346  1.00 73.83  ? 167 ALA A CA  1 
ATOM   1142 C C   . ALA A 1 147 ? -10.054 -6.353  -10.864 1.00 72.46  ? 167 ALA A C   1 
ATOM   1143 O O   . ALA A 1 147 ? -10.370 -5.321  -11.459 1.00 77.74  ? 167 ALA A O   1 
ATOM   1144 C CB  . ALA A 1 147 ? -9.595  -4.840  -8.875  1.00 63.05  ? 167 ALA A CB  1 
ATOM   1145 N N   . THR A 1 148 ? -9.936  -7.548  -11.473 1.00 69.19  ? 168 THR A N   1 
ATOM   1146 C CA  . THR A 1 148 ? -9.976  -7.708  -12.963 1.00 74.84  ? 168 THR A CA  1 
ATOM   1147 C C   . THR A 1 148 ? -11.167 -7.034  -13.660 1.00 72.27  ? 168 THR A C   1 
ATOM   1148 O O   . THR A 1 148 ? -11.020 -6.621  -14.795 1.00 62.24  ? 168 THR A O   1 
ATOM   1149 C CB  . THR A 1 148 ? -9.832  -9.175  -13.502 1.00 74.87  ? 168 THR A CB  1 
ATOM   1150 O OG1 . THR A 1 148 ? -10.313 -10.116 -12.525 1.00 102.95 ? 168 THR A OG1 1 
ATOM   1151 C CG2 . THR A 1 148 ? -8.370  -9.519  -13.893 1.00 76.14  ? 168 THR A CG2 1 
ATOM   1152 N N   . SER A 1 149 ? -12.312 -6.930  -12.967 1.00 83.97  ? 169 SER A N   1 
ATOM   1153 C CA  . SER A 1 149 ? -13.535 -6.240  -13.437 1.00 82.48  ? 169 SER A CA  1 
ATOM   1154 C C   . SER A 1 149 ? -13.325 -4.719  -13.687 1.00 89.34  ? 169 SER A C   1 
ATOM   1155 O O   . SER A 1 149 ? -13.746 -4.188  -14.731 1.00 90.36  ? 169 SER A O   1 
ATOM   1156 C CB  . SER A 1 149 ? -14.677 -6.467  -12.440 1.00 80.74  ? 169 SER A CB  1 
ATOM   1157 O OG  . SER A 1 149 ? -14.307 -5.973  -11.159 1.00 94.85  ? 169 SER A OG  1 
ATOM   1158 N N   . THR A 1 150 ? -12.672 -4.033  -12.739 1.00 85.20  ? 170 THR A N   1 
ATOM   1159 C CA  . THR A 1 150 ? -12.263 -2.622  -12.895 1.00 73.96  ? 170 THR A CA  1 
ATOM   1160 C C   . THR A 1 150 ? -11.183 -2.430  -13.973 1.00 80.89  ? 170 THR A C   1 
ATOM   1161 O O   . THR A 1 150 ? -10.115 -3.045  -13.890 1.00 85.96  ? 170 THR A O   1 
ATOM   1162 C CB  . THR A 1 150 ? -11.694 -2.086  -11.586 1.00 66.99  ? 170 THR A CB  1 
ATOM   1163 O OG1 . THR A 1 150 ? -12.610 -2.342  -10.514 1.00 64.93  ? 170 THR A OG1 1 
ATOM   1164 C CG2 . THR A 1 150 ? -11.422 -0.612  -11.693 1.00 67.67  ? 170 THR A CG2 1 
ATOM   1165 N N   . SER A 1 151 ? -11.471 -1.580  -14.968 1.00 88.33  ? 171 SER A N   1 
ATOM   1166 C CA  . SER A 1 151 ? -10.532 -1.217  -16.052 1.00 87.14  ? 171 SER A CA  1 
ATOM   1167 C C   . SER A 1 151 ? -9.244  -0.577  -15.537 1.00 86.15  ? 171 SER A C   1 
ATOM   1168 O O   . SER A 1 151 ? -9.226  0.060   -14.462 1.00 80.97  ? 171 SER A O   1 
ATOM   1169 C CB  . SER A 1 151 ? -11.194 -0.220  -17.005 1.00 89.06  ? 171 SER A CB  1 
ATOM   1170 O OG  . SER A 1 151 ? -10.511 -0.156  -18.235 1.00 90.85  ? 171 SER A OG  1 
ATOM   1171 N N   . THR A 1 152 ? -8.171  -0.731  -16.313 1.00 78.61  ? 172 THR A N   1 
ATOM   1172 C CA  . THR A 1 152 ? -6.918  -0.043  -15.989 1.00 77.10  ? 172 THR A CA  1 
ATOM   1173 C C   . THR A 1 152 ? -6.975  1.464   -16.291 1.00 80.38  ? 172 THR A C   1 
ATOM   1174 O O   . THR A 1 152 ? -6.090  2.208   -15.869 1.00 99.78  ? 172 THR A O   1 
ATOM   1175 C CB  . THR A 1 152 ? -5.694  -0.661  -16.673 1.00 71.90  ? 172 THR A CB  1 
ATOM   1176 O OG1 . THR A 1 152 ? -5.942  -0.774  -18.068 1.00 76.86  ? 172 THR A OG1 1 
ATOM   1177 C CG2 . THR A 1 152 ? -5.396  -2.018  -16.115 1.00 76.70  ? 172 THR A CG2 1 
ATOM   1178 N N   . ILE A 1 153 ? -8.010  1.905   -17.010 1.00 73.19  ? 173 ILE A N   1 
ATOM   1179 C CA  . ILE A 1 153 ? -8.347  3.324   -17.129 1.00 67.49  ? 173 ILE A CA  1 
ATOM   1180 C C   . ILE A 1 153 ? -8.885  3.948   -15.825 1.00 69.80  ? 173 ILE A C   1 
ATOM   1181 O O   . ILE A 1 153 ? -8.289  4.898   -15.331 1.00 82.02  ? 173 ILE A O   1 
ATOM   1182 C CB  . ILE A 1 153 ? -9.346  3.595   -18.261 1.00 68.76  ? 173 ILE A CB  1 
ATOM   1183 C CG1 . ILE A 1 153 ? -8.883  2.945   -19.574 1.00 72.22  ? 173 ILE A CG1 1 
ATOM   1184 C CG2 . ILE A 1 153 ? -9.532  5.096   -18.425 1.00 70.11  ? 173 ILE A CG2 1 
ATOM   1185 C CD1 . ILE A 1 153 ? -9.993  2.733   -20.603 1.00 67.55  ? 173 ILE A CD1 1 
ATOM   1186 N N   . THR A 1 154 ? -9.998  3.447   -15.280 1.00 69.43  ? 174 THR A N   1 
ATOM   1187 C CA  . THR A 1 154 ? -10.619 4.023   -14.065 1.00 72.25  ? 174 THR A CA  1 
ATOM   1188 C C   . THR A 1 154 ? -9.652  4.078   -12.865 1.00 73.24  ? 174 THR A C   1 
ATOM   1189 O O   . THR A 1 154 ? -9.505  5.124   -12.215 1.00 64.07  ? 174 THR A O   1 
ATOM   1190 C CB  . THR A 1 154 ? -11.911 3.246   -13.693 1.00 78.50  ? 174 THR A CB  1 
ATOM   1191 O OG1 . THR A 1 154 ? -12.806 3.302   -14.809 1.00 95.78  ? 174 THR A OG1 1 
ATOM   1192 C CG2 . THR A 1 154 ? -12.618 3.783   -12.370 1.00 69.70  ? 174 THR A CG2 1 
ATOM   1193 N N   . LEU A 1 155 ? -9.017  2.925   -12.606 1.00 76.52  ? 175 LEU A N   1 
ATOM   1194 C CA  . LEU A 1 155 ? -8.089  2.666   -11.497 1.00 63.99  ? 175 LEU A CA  1 
ATOM   1195 C C   . LEU A 1 155 ? -6.838  2.126   -12.133 1.00 67.90  ? 175 LEU A C   1 
ATOM   1196 O O   . LEU A 1 155 ? -6.912  1.214   -12.978 1.00 69.04  ? 175 LEU A O   1 
ATOM   1197 C CB  . LEU A 1 155 ? -8.651  1.600   -10.590 1.00 55.25  ? 175 LEU A CB  1 
ATOM   1198 C CG  . LEU A 1 155 ? -7.920  1.200   -9.332  1.00 59.29  ? 175 LEU A CG  1 
ATOM   1199 C CD1 . LEU A 1 155 ? -8.181  2.135   -8.164  1.00 56.66  ? 175 LEU A CD1 1 
ATOM   1200 C CD2 . LEU A 1 155 ? -8.413  -0.178  -8.961  1.00 64.50  ? 175 LEU A CD2 1 
ATOM   1201 N N   . SER A 1 156 ? -5.704  2.700   -11.727 1.00 67.76  ? 176 SER A N   1 
ATOM   1202 C CA  . SER A 1 156 ? -4.392  2.464   -12.336 1.00 69.18  ? 176 SER A CA  1 
ATOM   1203 C C   . SER A 1 156 ? -3.970  1.014   -12.144 1.00 69.72  ? 176 SER A C   1 
ATOM   1204 O O   . SER A 1 156 ? -4.297  0.418   -11.096 1.00 67.45  ? 176 SER A O   1 
ATOM   1205 C CB  . SER A 1 156 ? -3.375  3.400   -11.672 1.00 74.34  ? 176 SER A CB  1 
ATOM   1206 O OG  . SER A 1 156 ? -2.070  2.858   -11.654 1.00 83.54  ? 176 SER A OG  1 
ATOM   1207 N N   . ASP A 1 157 ? -3.241  0.452   -13.118 1.00 61.33  ? 177 ASP A N   1 
ATOM   1208 C CA  . ASP A 1 157 ? -2.667  -0.890  -12.913 1.00 59.96  ? 177 ASP A CA  1 
ATOM   1209 C C   . ASP A 1 157 ? -1.573  -0.944  -11.826 1.00 64.70  ? 177 ASP A C   1 
ATOM   1210 O O   . ASP A 1 157 ? -1.357  -2.001  -11.237 1.00 71.55  ? 177 ASP A O   1 
ATOM   1211 C CB  . ASP A 1 157 ? -2.147  -1.500  -14.214 1.00 58.57  ? 177 ASP A CB  1 
ATOM   1212 C CG  . ASP A 1 157 ? -2.056  -3.043  -14.167 1.00 61.66  ? 177 ASP A CG  1 
ATOM   1213 O OD1 . ASP A 1 157 ? -2.794  -3.740  -13.424 1.00 66.40  ? 177 ASP A OD1 1 
ATOM   1214 O OD2 . ASP A 1 157 ? -1.241  -3.576  -14.921 1.00 61.88  ? 177 ASP A OD2 1 
ATOM   1215 N N   . ASP A 1 158 ? -0.909  0.188   -11.549 1.00 68.99  ? 178 ASP A N   1 
ATOM   1216 C CA  . ASP A 1 158 ? 0.247   0.244   -10.635 1.00 64.91  ? 178 ASP A CA  1 
ATOM   1217 C C   . ASP A 1 158 ? -0.147  0.586   -9.222  1.00 66.39  ? 178 ASP A C   1 
ATOM   1218 O O   . ASP A 1 158 ? -0.890  1.571   -8.996  1.00 70.12  ? 178 ASP A O   1 
ATOM   1219 C CB  . ASP A 1 158 ? 1.286   1.237   -11.145 1.00 66.09  ? 178 ASP A CB  1 
ATOM   1220 C CG  . ASP A 1 158 ? 1.860   0.827   -12.485 1.00 77.52  ? 178 ASP A CG  1 
ATOM   1221 O OD1 . ASP A 1 158 ? 2.723   -0.080  -12.542 1.00 90.11  ? 178 ASP A OD1 1 
ATOM   1222 O OD2 . ASP A 1 158 ? 1.427   1.393   -13.497 1.00 79.71  ? 178 ASP A OD2 1 
ATOM   1223 N N   . ILE A 1 159 ? 0.331   -0.236  -8.278  1.00 61.88  ? 179 ILE A N   1 
ATOM   1224 C CA  . ILE A 1 159 ? 0.162   0.055   -6.853  1.00 60.71  ? 179 ILE A CA  1 
ATOM   1225 C C   . ILE A 1 159 ? 1.528   0.366   -6.262  1.00 60.66  ? 179 ILE A C   1 
ATOM   1226 O O   . ILE A 1 159 ? 2.465   -0.395  -6.467  1.00 57.72  ? 179 ILE A O   1 
ATOM   1227 C CB  . ILE A 1 159 ? -0.469  -1.113  -6.076  1.00 57.19  ? 179 ILE A CB  1 
ATOM   1228 C CG1 . ILE A 1 159 ? -1.804  -1.505  -6.679  1.00 56.68  ? 179 ILE A CG1 1 
ATOM   1229 C CG2 . ILE A 1 159 ? -0.695  -0.706  -4.627  1.00 56.79  ? 179 ILE A CG2 1 
ATOM   1230 C CD1 . ILE A 1 159 ? -2.381  -2.769  -6.091  1.00 64.52  ? 179 ILE A CD1 1 
ATOM   1231 N N   . ASN A 1 160 ? 1.642   1.481   -5.544  1.00 63.66  ? 180 ASN A N   1 
ATOM   1232 C CA  . ASN A 1 160 ? 2.911   1.840   -4.908  1.00 68.53  ? 180 ASN A CA  1 
ATOM   1233 C C   . ASN A 1 160 ? 2.903   1.465   -3.471  1.00 69.59  ? 180 ASN A C   1 
ATOM   1234 O O   . ASN A 1 160 ? 2.039   1.900   -2.722  1.00 83.42  ? 180 ASN A O   1 
ATOM   1235 C CB  . ASN A 1 160 ? 3.229   3.327   -5.044  1.00 74.90  ? 180 ASN A CB  1 
ATOM   1236 C CG  . ASN A 1 160 ? 3.848   3.670   -6.387  1.00 84.78  ? 180 ASN A CG  1 
ATOM   1237 O OD1 . ASN A 1 160 ? 4.574   2.874   -7.011  1.00 100.20 ? 180 ASN A OD1 1 
ATOM   1238 N ND2 . ASN A 1 160 ? 3.560   4.865   -6.847  1.00 101.97 ? 180 ASN A ND2 1 
ATOM   1239 N N   . LEU A 1 161 ? 3.869   0.643   -3.097  1.00 70.73  ? 181 LEU A N   1 
ATOM   1240 C CA  . LEU A 1 161 ? 3.999   0.182   -1.729  1.00 67.01  ? 181 LEU A CA  1 
ATOM   1241 C C   . LEU A 1 161 ? 4.990   1.084   -0.996  1.00 70.94  ? 181 LEU A C   1 
ATOM   1242 O O   . LEU A 1 161 ? 6.145   1.256   -1.415  1.00 75.30  ? 181 LEU A O   1 
ATOM   1243 C CB  . LEU A 1 161 ? 4.449   -1.284  -1.706  1.00 64.35  ? 181 LEU A CB  1 
ATOM   1244 C CG  . LEU A 1 161 ? 3.854   -2.301  -2.681  1.00 61.89  ? 181 LEU A CG  1 
ATOM   1245 C CD1 . LEU A 1 161 ? 4.425   -3.689  -2.475  1.00 63.35  ? 181 LEU A CD1 1 
ATOM   1246 C CD2 . LEU A 1 161 ? 2.357   -2.336  -2.490  1.00 67.23  ? 181 LEU A CD2 1 
ATOM   1247 N N   . ASN A 1 162 ? 4.516   1.702   0.072   1.00 70.43  ? 182 ASN A N   1 
ATOM   1248 C CA  . ASN A 1 162 ? 5.407   2.335   1.007   1.00 76.20  ? 182 ASN A CA  1 
ATOM   1249 C C   . ASN A 1 162 ? 5.240   1.692   2.413   1.00 79.56  ? 182 ASN A C   1 
ATOM   1250 O O   . ASN A 1 162 ? 4.221   1.925   3.086   1.00 88.50  ? 182 ASN A O   1 
ATOM   1251 C CB  . ASN A 1 162 ? 5.174   3.847   1.008   1.00 81.79  ? 182 ASN A CB  1 
ATOM   1252 C CG  . ASN A 1 162 ? 5.980   4.544   2.086   1.00 100.27 ? 182 ASN A CG  1 
ATOM   1253 O OD1 . ASN A 1 162 ? 5.471   4.813   3.171   1.00 127.53 ? 182 ASN A OD1 1 
ATOM   1254 N ND2 . ASN A 1 162 ? 7.256   4.788   1.819   1.00 105.03 ? 182 ASN A ND2 1 
ATOM   1255 N N   . ILE A 1 163 ? 6.215   0.871   2.828   1.00 67.08  ? 183 ILE A N   1 
ATOM   1256 C CA  . ILE A 1 163 ? 6.251   0.288   4.182   1.00 64.08  ? 183 ILE A CA  1 
ATOM   1257 C C   . ILE A 1 163 ? 7.293   1.031   4.978   1.00 68.76  ? 183 ILE A C   1 
ATOM   1258 O O   . ILE A 1 163 ? 8.488   0.903   4.694   1.00 71.40  ? 183 ILE A O   1 
ATOM   1259 C CB  . ILE A 1 163 ? 6.730   -1.181  4.202   1.00 61.53  ? 183 ILE A CB  1 
ATOM   1260 C CG1 . ILE A 1 163 ? 6.186   -1.986  3.025   1.00 61.35  ? 183 ILE A CG1 1 
ATOM   1261 C CG2 . ILE A 1 163 ? 6.462   -1.831  5.549   1.00 54.41  ? 183 ILE A CG2 1 
ATOM   1262 C CD1 . ILE A 1 163 ? 4.691   -2.096  2.952   1.00 61.77  ? 183 ILE A CD1 1 
ATOM   1263 N N   . GLU A 1 164 ? 6.848   1.787   5.977   1.00 72.34  ? 184 GLU A N   1 
ATOM   1264 C CA  . GLU A 1 164 ? 7.749   2.487   6.897   1.00 77.76  ? 184 GLU A CA  1 
ATOM   1265 C C   . GLU A 1 164 ? 7.776   1.786   8.276   1.00 73.76  ? 184 GLU A C   1 
ATOM   1266 O O   . GLU A 1 164 ? 6.746   1.664   8.920   1.00 81.41  ? 184 GLU A O   1 
ATOM   1267 C CB  . GLU A 1 164 ? 7.319   3.957   7.012   1.00 87.76  ? 184 GLU A CB  1 
ATOM   1268 C CG  . GLU A 1 164 ? 8.391   4.898   7.554   1.00 104.74 ? 184 GLU A CG  1 
ATOM   1269 C CD  . GLU A 1 164 ? 9.458   5.222   6.526   1.00 114.57 ? 184 GLU A CD  1 
ATOM   1270 O OE1 . GLU A 1 164 ? 9.104   5.776   5.459   1.00 123.26 ? 184 GLU A OE1 1 
ATOM   1271 O OE2 . GLU A 1 164 ? 10.645  4.922   6.791   1.00 113.19 ? 184 GLU A OE2 1 
ATOM   1272 N N   . VAL A 1 165 ? 8.941   1.331   8.725   1.00 65.14  ? 185 VAL A N   1 
ATOM   1273 C CA  . VAL A 1 165 ? 9.040   0.504   9.936   1.00 65.64  ? 185 VAL A CA  1 
ATOM   1274 C C   . VAL A 1 165 ? 9.982   1.146   10.948  1.00 72.47  ? 185 VAL A C   1 
ATOM   1275 O O   . VAL A 1 165 ? 11.103  1.521   10.579  1.00 82.17  ? 185 VAL A O   1 
ATOM   1276 C CB  . VAL A 1 165 ? 9.587   -0.913  9.587   1.00 65.45  ? 185 VAL A CB  1 
ATOM   1277 C CG1 . VAL A 1 165 ? 9.895   -1.747  10.823  1.00 61.45  ? 185 VAL A CG1 1 
ATOM   1278 C CG2 . VAL A 1 165 ? 8.621   -1.652  8.690   1.00 61.06  ? 185 VAL A CG2 1 
ATOM   1279 N N   . GLU A 1 166 ? 9.512   1.315   12.195  1.00 73.39  ? 186 GLU A N   1 
ATOM   1280 C CA  . GLU A 1 166 ? 10.390  1.382   13.397  1.00 74.23  ? 186 GLU A CA  1 
ATOM   1281 C C   . GLU A 1 166 ? 10.219  0.058   14.181  1.00 74.14  ? 186 GLU A C   1 
ATOM   1282 O O   . GLU A 1 166 ? 9.150   -0.567  14.130  1.00 77.60  ? 186 GLU A O   1 
ATOM   1283 C CB  . GLU A 1 166 ? 10.143  2.634   14.263  1.00 62.99  ? 186 GLU A CB  1 
ATOM   1284 N N   . ALA A 1 167 ? 11.275  -0.399  14.852  1.00 71.68  ? 187 ALA A N   1 
ATOM   1285 C CA  . ALA A 1 167 ? 11.284  -1.750  15.454  1.00 74.54  ? 187 ALA A CA  1 
ATOM   1286 C C   . ALA A 1 167 ? 12.390  -1.971  16.519  1.00 83.29  ? 187 ALA A C   1 
ATOM   1287 O O   . ALA A 1 167 ? 13.532  -1.535  16.336  1.00 94.25  ? 187 ALA A O   1 
ATOM   1288 C CB  . ALA A 1 167 ? 11.348  -2.826  14.365  1.00 61.30  ? 187 ALA A CB  1 
ATOM   1289 N N   . ASN A 1 168 ? 12.039  -2.676  17.602  1.00 83.00  ? 188 ASN A N   1 
ATOM   1290 C CA  . ASN A 1 168 ? 12.915  -2.887  18.764  1.00 73.84  ? 188 ASN A CA  1 
ATOM   1291 C C   . ASN A 1 168 ? 13.318  -4.338  18.928  1.00 75.09  ? 188 ASN A C   1 
ATOM   1292 O O   . ASN A 1 168 ? 12.660  -5.237  18.400  1.00 74.51  ? 188 ASN A O   1 
ATOM   1293 C CB  . ASN A 1 168 ? 12.228  -2.366  20.010  1.00 68.88  ? 188 ASN A CB  1 
ATOM   1294 C CG  . ASN A 1 168 ? 11.801  -0.912  19.859  1.00 76.72  ? 188 ASN A CG  1 
ATOM   1295 O OD1 . ASN A 1 168 ? 12.623  0.006   19.943  1.00 80.72  ? 188 ASN A OD1 1 
ATOM   1296 N ND2 . ASN A 1 168 ? 10.515  -0.694  19.606  1.00 80.93  ? 188 ASN A ND2 1 
ATOM   1297 N N   . GLU A 1 169 ? 14.419  -4.561  19.635  1.00 77.84  ? 189 GLU A N   1 
ATOM   1298 C CA  . GLU A 1 169 ? 14.948  -5.909  19.833  1.00 89.78  ? 189 GLU A CA  1 
ATOM   1299 C C   . GLU A 1 169 ? 14.001  -6.770  20.705  1.00 105.58 ? 189 GLU A C   1 
ATOM   1300 O O   . GLU A 1 169 ? 13.104  -6.237  21.371  1.00 108.31 ? 189 GLU A O   1 
ATOM   1301 C CB  . GLU A 1 169 ? 16.359  -5.823  20.424  1.00 89.36  ? 189 GLU A CB  1 
ATOM   1302 C CG  . GLU A 1 169 ? 17.282  -6.982  20.050  1.00 97.61  ? 189 GLU A CG  1 
ATOM   1303 C CD  . GLU A 1 169 ? 18.587  -7.044  20.858  1.00 103.49 ? 189 GLU A CD  1 
ATOM   1304 O OE1 . GLU A 1 169 ? 19.284  -8.082  20.741  1.00 101.36 ? 189 GLU A OE1 1 
ATOM   1305 O OE2 . GLU A 1 169 ? 18.931  -6.081  21.597  1.00 101.72 ? 189 GLU A OE2 1 
ATOM   1306 N N   . LYS A 1 170 ? 14.218  -8.088  20.709  1.00 117.17 ? 190 LYS A N   1 
ATOM   1307 C CA  . LYS A 1 170 ? 13.284  -9.065  21.287  1.00 128.47 ? 190 LYS A CA  1 
ATOM   1308 C C   . LYS A 1 170 ? 13.659  -9.606  22.701  1.00 151.28 ? 190 LYS A C   1 
ATOM   1309 O O   . LYS A 1 170 ? 14.762  -9.335  23.206  1.00 158.20 ? 190 LYS A O   1 
ATOM   1310 C CB  . LYS A 1 170 ? 13.102  -10.220 20.288  1.00 123.56 ? 190 LYS A CB  1 
ATOM   1311 C CG  . LYS A 1 170 ? 11.649  -10.604 20.034  1.00 118.61 ? 190 LYS A CG  1 
ATOM   1312 C CD  . LYS A 1 170 ? 11.536  -12.042 19.548  1.00 113.78 ? 190 LYS A CD  1 
ATOM   1313 C CE  . LYS A 1 170 ? 10.273  -12.670 20.131  1.00 125.93 ? 190 LYS A CE  1 
ATOM   1314 N NZ  . LYS A 1 170 ? 9.890   -13.956 19.487  1.00 136.56 ? 190 LYS A NZ  1 
ATOM   1315 N N   . GLU A 1 171 ? 12.724  -10.370 23.306  1.00 160.43 ? 191 GLU A N   1 
ATOM   1316 C CA  . GLU A 1 171 ? 12.836  -11.014 24.647  1.00 139.69 ? 191 GLU A CA  1 
ATOM   1317 C C   . GLU A 1 171 ? 13.139  -10.008 25.756  1.00 137.57 ? 191 GLU A C   1 
ATOM   1318 O O   . GLU A 1 171 ? 12.666  -8.868  25.709  1.00 129.90 ? 191 GLU A O   1 
ATOM   1319 C CB  . GLU A 1 171 ? 13.827  -12.202 24.665  1.00 118.84 ? 191 GLU A CB  1 
HETATM 1320 C C1  . UNL B 2 .   ? 3.612   -5.740  1.503   1.00 57.87  ? 301 UNL A C1  1 
HETATM 1321 C C2  . UNL B 2 .   ? 2.436   -4.736  1.520   1.00 70.34  ? 301 UNL A C2  1 
HETATM 1322 C C3  . UNL B 2 .   ? 1.308   -4.908  0.478   1.00 69.98  ? 301 UNL A C3  1 
HETATM 1323 C C4  . UNL B 2 .   ? 0.344   -3.725  0.217   1.00 65.81  ? 301 UNL A C4  1 
HETATM 1324 C C5  . UNL B 2 .   ? -0.553  -4.041  -1.014  1.00 65.21  ? 301 UNL A C5  1 
HETATM 1325 C C6  . UNL B 2 .   ? -1.922  -3.341  -1.066  1.00 64.75  ? 301 UNL A C6  1 
HETATM 1326 C C7  . UNL B 2 .   ? -2.764  -3.452  -2.352  1.00 60.65  ? 301 UNL A C7  1 
HETATM 1327 C C8  . UNL B 2 .   ? -3.934  -2.477  -2.114  1.00 66.65  ? 301 UNL A C8  1 
HETATM 1328 C C9  . UNL B 2 .   ? -4.744  -1.969  -3.329  1.00 71.43  ? 301 UNL A C9  1 
HETATM 1329 C C10 . UNL B 2 .   ? -5.901  -0.996  -2.957  1.00 71.28  ? 301 UNL A C10 1 
HETATM 1330 C C11 . UNL B 2 .   ? -6.905  -0.619  -4.083  1.00 71.26  ? 301 UNL A C11 1 
HETATM 1331 C C12 . UNL B 2 .   ? -7.810  0.611   -3.809  1.00 72.78  ? 301 UNL A C12 1 
HETATM 1332 C C13 . UNL B 2 .   ? -8.958  0.804   -4.820  1.00 78.29  ? 301 UNL A C13 1 
HETATM 1333 C C14 . UNL B 2 .   ? -9.777  2.108   -4.697  1.00 86.22  ? 301 UNL A C14 1 
HETATM 1334 C C15 . UNL B 2 .   ? -11.273 1.895   -5.011  1.00 96.81  ? 301 UNL A C15 1 
HETATM 1335 C C16 . UNL B 2 .   ? -12.004 2.894   -5.928  1.00 102.81 ? 301 UNL A C16 1 
HETATM 1336 C C17 . UNL B 2 .   ? -13.531 2.709   -5.847  1.00 103.67 ? 301 UNL A C17 1 
HETATM 1337 S S   . SO4 C 3 .   ? 6.570   -15.401 -10.150 0.90 110.67 ? 302 SO4 A S   1 
HETATM 1338 O O1  . SO4 C 3 .   ? 6.628   -16.663 -10.937 0.90 93.52  ? 302 SO4 A O1  1 
HETATM 1339 O O2  . SO4 C 3 .   ? 6.505   -15.630 -8.680  0.90 113.94 ? 302 SO4 A O2  1 
HETATM 1340 O O3  . SO4 C 3 .   ? 5.342   -14.675 -10.545 0.90 136.66 ? 302 SO4 A O3  1 
HETATM 1341 O O4  . SO4 C 3 .   ? 7.745   -14.555 -10.435 0.90 111.96 ? 302 SO4 A O4  1 
HETATM 1342 S S   . SO4 D 3 .   ? -14.979 0.732   -14.374 0.45 61.46  ? 303 SO4 A S   1 
HETATM 1343 O O1  . SO4 D 3 .   ? -15.960 -0.377  -14.373 0.45 64.67  ? 303 SO4 A O1  1 
HETATM 1344 O O2  . SO4 D 3 .   ? -15.118 1.504   -13.098 0.45 57.97  ? 303 SO4 A O2  1 
HETATM 1345 O O3  . SO4 D 3 .   ? -13.600 0.198   -14.506 0.45 58.22  ? 303 SO4 A O3  1 
HETATM 1346 O O4  . SO4 D 3 .   ? -15.257 1.571   -15.569 0.45 59.60  ? 303 SO4 A O4  1 
HETATM 1347 C C1  . 9UM E 4 .   ? -2.312  7.675   4.459   1.00 171.89 ? 304 9UM A C1  1 
HETATM 1348 C C2  . 9UM E 4 .   ? -1.261  6.839   3.978   1.00 176.19 ? 304 9UM A C2  1 
HETATM 1349 C C3  . 9UM E 4 .   ? -1.115  5.788   4.908   1.00 180.11 ? 304 9UM A C3  1 
HETATM 1350 C C4  . 9UM E 4 .   ? -2.525  5.462   7.181   1.00 170.68 ? 304 9UM A C4  1 
HETATM 1351 C C5  . 9UM E 4 .   ? -3.552  6.324   7.656   1.00 173.30 ? 304 9UM A C5  1 
HETATM 1352 C C6  . 9UM E 4 .   ? -3.698  7.362   6.688   1.00 179.96 ? 304 9UM A C6  1 
HETATM 1353 C C7  . 9UM E 4 .   ? -4.337  6.174   8.930   1.00 151.39 ? 304 9UM A C7  1 
HETATM 1354 C C8  . 9UM E 4 .   ? -2.018  4.225   7.835   1.00 150.39 ? 304 9UM A C8  1 
HETATM 1355 C C9  . 9UM E 4 .   ? -0.125  4.678   4.817   1.00 174.18 ? 304 9UM A C9  1 
HETATM 1356 C C10 . 9UM E 4 .   ? -0.453  7.010   2.722   1.00 161.42 ? 304 9UM A C10 1 
HETATM 1357 N N1  . 9UM E 4 .   ? -2.040  5.975   5.958   1.00 177.78 ? 304 9UM A N1  1 
HETATM 1358 N N2  . 9UM E 4 .   ? -2.767  7.134   5.669   1.00 176.28 ? 304 9UM A N2  1 
HETATM 1359 O O1  . 9UM E 4 .   ? -2.771  8.694   3.961   1.00 161.59 ? 304 9UM A O1  1 
HETATM 1360 O O2  . 9UM E 4 .   ? -4.461  8.323   6.698   1.00 195.63 ? 304 9UM A O2  1 
HETATM 1361 O O   . HOH F 5 .   ? 3.039   -14.341 0.443   1.00 55.62  ? 401 HOH A O   1 
HETATM 1362 O O   . HOH F 5 .   ? -5.660  -11.367 -6.451  1.00 67.16  ? 402 HOH A O   1 
HETATM 1363 O O   . HOH F 5 .   ? 17.165  -9.479  -3.817  1.00 52.38  ? 403 HOH A O   1 
HETATM 1364 O O   . HOH F 5 .   ? 16.648  -2.595  -6.610  1.00 49.88  ? 404 HOH A O   1 
HETATM 1365 O O   . HOH F 5 .   ? -12.241 -12.610 -9.913  1.00 61.39  ? 405 HOH A O   1 
HETATM 1366 O O   . HOH F 5 .   ? 4.450   -13.062 11.243  1.00 79.80  ? 406 HOH A O   1 
HETATM 1367 O O   . HOH F 5 .   ? -10.530 -10.186 -9.566  1.00 64.71  ? 407 HOH A O   1 
HETATM 1368 O O   . HOH F 5 .   ? -9.341  -9.875  -7.100  1.00 74.39  ? 408 HOH A O   1 
HETATM 1369 O O   . HOH F 5 .   ? -29.516 44.254  -19.069 1.00 84.26  ? 409 HOH A O   1 
HETATM 1370 O O   . HOH F 5 .   ? -16.630 7.954   5.929   1.00 69.01  ? 410 HOH A O   1 
HETATM 1371 O O   . HOH F 5 .   ? -21.214 1.793   4.307   1.00 77.71  ? 411 HOH A O   1 
HETATM 1372 O O   . HOH F 5 .   ? -19.315 -9.613  -1.836  1.00 62.50  ? 412 HOH A O   1 
HETATM 1373 O O   . HOH F 5 .   ? -7.985  -3.166  -18.773 1.00 49.78  ? 413 HOH A O   1 
HETATM 1374 O O   . HOH F 5 .   ? 4.565   -8.981  15.643  1.00 64.56  ? 414 HOH A O   1 
HETATM 1375 O O   . HOH F 5 .   ? -11.483 10.528  -1.083  1.00 54.26  ? 415 HOH A O   1 
HETATM 1376 O O   . HOH F 5 .   ? -4.984  6.037   -14.456 1.00 52.76  ? 416 HOH A O   1 
HETATM 1377 O O   . HOH F 5 .   ? -12.402 -15.874 -10.070 1.00 55.25  ? 417 HOH A O   1 
HETATM 1378 O O   . HOH F 5 .   ? 2.690   11.305  -7.325  1.00 60.92  ? 418 HOH A O   1 
# 
